data_7JPP
#
_entry.id   7JPP
#
_cell.length_a   1.00
_cell.length_b   1.00
_cell.length_c   1.00
_cell.angle_alpha   90.00
_cell.angle_beta   90.00
_cell.angle_gamma   90.00
#
_symmetry.space_group_name_H-M   'P 1'
#
loop_
_entity.id
_entity.type
_entity.pdbx_description
1 polymer 'Origin recognition complex subunit 1'
2 polymer 'Origin recognition complex subunit 2'
3 polymer 'Origin recognition complex subunit 3'
4 polymer 'Origin recognition complex subunit 4'
5 polymer 'Origin recognition complex subunit 5'
6 non-polymer "ADENOSINE-5'-TRIPHOSPHATE"
7 non-polymer 'MAGNESIUM ION'
#
loop_
_entity_poly.entity_id
_entity_poly.type
_entity_poly.pdbx_seq_one_letter_code
_entity_poly.pdbx_strand_id
1 'polypeptide(L)'
;MAPQIRSRSLAAQEPASVLEEARLRLHVSAVPESLPCREQEFQDIYNFVESKLLDHTGGCMYISGVPGTGKTATVHEVIR
CLQQAAQANDVPPFQYIEVNGMKLTEPHQVYVQILQKLTGQKATANHAAELLAKQFCTRGSPQETTVLLVDELDLLWTHK
QDIMYNLFDWPTHKEARLVVLAIANTMDLPERIMMNRVSSRLGLTRMCFQPYTYSQLQQILRSRLKHLKAFEDDAIQLVA
RKVAALSGDARRCLDICRRATEICEFSQQKPDSPGLVTIAHSMEAVDEMFSSSYITAIKNSSVLEQSFLRAILAEFRRSG
LEEATFQQIYSQHVALCRMEGLPYPTMSETMAVCSHLGSCRLLLVEPSRNDLLLRVRLNVSQDDVLYALKDE
;
A
2 'polypeptide(L)'
;MSKPELKEDKMLEVHFVGDDDVLNHILDREGGAKLKKERAQLLVNPKKIIKKPEYDLEEDDQEVLKDQNYVEIMGRDVQE
SLKNGSATGGGNKVYSFQNRKHSEKMAKLASELAKTPQKSVSFSLKNDPEITINVPQSSKGHSASDKVQPKNNDKSEFLS
TAPRSLRKRLIVPRSHSDSESEYSASNSEDDEGVAQEHEEDTNAVIFSQKIQAQNRVVSAPVGKETPSKRMKRDKTSDLV
EEYFEAHSSSKVLTSDRTLQKLKRAKLDQQTLRNLLSKVSPSFSAELKQLNQQYEKLFHKWMLQLHLGFNIVLYGLGSKR
DLLERFRTTMLQDSIHVVINGFFPGISVKSVLNSITEEVLDHMGTFRSILDQLDWIVNKFKEDSSLELFLLIHNLDSQML
RGEKSQQIIGQLSSLHNIYLIASIDHLNAPLMWDHAKQSLFNWLWYETTTYSPYTEETSYENSLLVKQSGSLPLSSLTHV
LRSLTPNARGIFRLLIKYQLDNQDNPSYIGLSFQDFYQQCREAFLVNSDLTLRAQLTEFRDHKLIRTKKGTDGVEYLLIP
VDNGTLTDFLEKEEEEA
;
B
3 'polypeptide(L)'
;MATSSMSKGCFVFKPNSKKRKISLPIEDYFNKGKNEPEDSKLRFETYQLIWQQMKSENERLQEELNKNLFDNLIEFLQKS
HSGFQKNSRDLGGQIKLREIPTAALVLGVNVTDHDLTFGSLTEALQNNVTPYVVSLQAKDCPDMKHFLQKLISQLMDCCV
DIKSKEEESVHVTQRKTHYSMDSLSSWYMTVTQKTDPKMLSKKRTTSSQWQSPPVVVILKDMESFATKVLQDFIIISSQH
LHEFPLILIFGIATSPIIIHRLLPHAVSSLLCIELFQSLSCKEHLTTVLDKLLLTTQFPFKINEKVLQVLTNIFLYHDFS
VQNFIKGLQLSLLEHFYSQPLSVLCCNLPEAKRRINFLSNNQCENIRRLPSFRRYVEKQASEKQVALLTNERYLKEETQL
LLENLHVYHMNYFLVLRCLHKFTSSLPKYPLGRQIRELYCTCLEKNIWDSEEYASVLQLLRMLAKDELMTILEKCFKVFK
SYCENHLGSTAKRIEEFLAQFQSLDAETKEEEDASGSQPKGLQKTDLYHLQKSLLEMKELRRSKKQTKFEVLRENVVNFI
DCLVREYLLPPETQPLHEVVYFSAAHALREHLNAAPRIALHTALNNPYYYLKNEALKSEEGCIPNIAPDICIAYKLHLEC
SRLINLVDWSEAFATVVTAAEKMDANSATSEEMNEIIHARFIRAVSELELLGFIKPTKQKTDHVARLTWGGC
;
C
4 'polypeptide(L)'
;MSSRKSKSNSLIHTECLSQVQRILRERFCRQSPHSNLFGVQVQYKHLSELLKRTALHGESNSVLIIGPRGSGKTMLINHA
LKELMEIEEVSENVLQVHLNGLLQINDKIALKEITRQLNLENVVGDKVFGSFAENLSFLLEALKKGDRTSSCPVIFILDE
FDLFAHHKNQTLLYNLFDISQSAQTPIAVIGLTCRLDILELLEKRVKSRFSHRQIHLMNSFGFPQYVKIFKEQLSLPAEF
PDKVFAEKWNENVQYLSEDRSVQEVLQKHFNISKNLRSLHMLLMLALNRVTASHPFMTAVDLMEASQLCSMDSKANIVHG
LSVLEICLIIAMKHLNDIYEEEPFNFQMVYNEFQKFVQRKAHSVYNFEKPVVMKAFEHLQQLELIKPMERTSGNSQREYQ
LMKLLLDNTQIMNALQKYPNCPTDVRQWATSSLSWL
;
D
5 'polypeptide(L)'
;MPHLENVVLCRESQVSILQSLFGERHHFSFPSIFIYGHTASGKTYVTQTLLKTLELPHVFVNCVECFTLRLLLEQILNKL
NHLSSSEDGCSTEITCETFNDFVRLFKQVTTAENLKDQTVYIVLDKAEYLRDMEANLLPGFLRLQELADRNVTVLFLSEI
VWEKFRPNTGCFEPFVLYFPDYSIGNLQKILSHDHPPEYSADFYAAYINILLGVFYTVCRDLKELRHLAVLNFPKYCEPV
VKGEASERDTRKLWRNIEPHLKKAMQTVYLREISSSQWEKLQKDDTDPGQLKGLSAHTHVELPYYSKFILIAAYLASYNP
ARTDKRFFLKHHGKIKKTNFLKKHEKTSNHLLGPKPFPLDRLLAILYSIVDSRVAPTANIFSQITSLVTLQLLTLVGHDD
QLDGPKYKCTVSLDFIRAIARTVNFDIIKYLYDFL
;
E
#
loop_
_chem_comp.id
_chem_comp.type
_chem_comp.name
_chem_comp.formula
ATP non-polymer ADENOSINE-5'-TRIPHOSPHATE 'C10 H16 N5 O13 P3'
MG non-polymer 'MAGNESIUM ION' 'Mg 2'
#
# COMPACT_ATOMS: atom_id res chain seq x y z
N SER A 292 4.11 -47.56 19.96
CA SER A 292 4.62 -46.53 19.07
C SER A 292 5.21 -45.38 19.89
N SER A 293 5.81 -44.41 19.18
CA SER A 293 6.44 -43.27 19.87
C SER A 293 5.42 -42.37 20.53
N TYR A 294 4.28 -42.13 19.87
CA TYR A 294 3.29 -41.18 20.35
C TYR A 294 2.59 -41.65 21.61
N ILE A 295 2.36 -42.96 21.74
CA ILE A 295 1.64 -43.47 22.90
C ILE A 295 2.51 -43.40 24.15
N THR A 296 3.76 -43.83 24.05
CA THR A 296 4.66 -43.74 25.21
C THR A 296 5.05 -42.29 25.48
N ALA A 297 5.02 -41.43 24.46
CA ALA A 297 5.23 -40.00 24.70
C ALA A 297 4.08 -39.40 25.48
N ILE A 298 2.85 -39.83 25.20
CA ILE A 298 1.70 -39.35 25.97
C ILE A 298 1.75 -39.89 27.40
N LYS A 299 2.21 -41.14 27.59
CA LYS A 299 2.21 -41.74 28.92
C LYS A 299 3.25 -41.10 29.84
N ASN A 300 4.40 -40.69 29.32
CA ASN A 300 5.44 -40.05 30.13
C ASN A 300 5.34 -38.54 30.15
N SER A 301 4.17 -37.98 29.87
CA SER A 301 3.96 -36.54 29.93
C SER A 301 3.40 -36.14 31.29
N SER A 302 3.40 -34.83 31.54
CA SER A 302 3.04 -34.28 32.85
C SER A 302 1.53 -34.33 33.06
N VAL A 303 1.10 -33.87 34.24
CA VAL A 303 -0.30 -33.97 34.64
C VAL A 303 -1.17 -33.02 33.82
N LEU A 304 -0.72 -31.77 33.66
CA LEU A 304 -1.57 -30.78 33.00
C LEU A 304 -1.66 -31.01 31.50
N GLU A 305 -0.62 -31.58 30.89
CA GLU A 305 -0.71 -31.95 29.48
C GLU A 305 -1.73 -33.06 29.26
N GLN A 306 -1.78 -34.03 30.17
CA GLN A 306 -2.78 -35.09 30.07
C GLN A 306 -4.18 -34.56 30.33
N SER A 307 -4.33 -33.61 31.25
CA SER A 307 -5.64 -33.00 31.45
C SER A 307 -6.05 -32.16 30.25
N PHE A 308 -5.08 -31.54 29.58
CA PHE A 308 -5.35 -30.79 28.36
C PHE A 308 -5.85 -31.72 27.25
N LEU A 309 -5.21 -32.88 27.11
CA LEU A 309 -5.61 -33.86 26.06
C LEU A 309 -7.00 -34.40 26.39
N ARG A 310 -7.33 -34.50 27.68
CA ARG A 310 -8.68 -34.98 28.08
C ARG A 310 -9.70 -33.87 27.77
N ALA A 311 -9.33 -32.61 27.97
CA ALA A 311 -10.24 -31.51 27.61
C ALA A 311 -10.50 -31.57 26.10
N ILE A 312 -9.46 -31.83 25.32
CA ILE A 312 -9.61 -31.92 23.86
C ILE A 312 -10.58 -33.04 23.50
N LEU A 313 -10.43 -34.21 24.13
CA LEU A 313 -11.29 -35.36 23.84
C LEU A 313 -12.75 -35.08 24.20
N ALA A 314 -12.99 -34.53 25.40
CA ALA A 314 -14.35 -34.25 25.82
C ALA A 314 -14.98 -33.14 24.97
N GLU A 315 -14.18 -32.15 24.58
CA GLU A 315 -14.72 -31.07 23.76
C GLU A 315 -15.02 -31.55 22.35
N PHE A 316 -14.21 -32.48 21.83
CA PHE A 316 -14.49 -33.07 20.52
C PHE A 316 -15.76 -33.91 20.58
N ARG A 317 -15.98 -34.61 21.70
CA ARG A 317 -17.23 -35.35 21.87
C ARG A 317 -18.43 -34.41 21.92
N ARG A 318 -18.27 -33.27 22.59
CA ARG A 318 -19.33 -32.26 22.61
C ARG A 318 -19.58 -31.67 21.23
N SER A 319 -18.52 -31.29 20.51
CA SER A 319 -18.67 -30.63 19.22
C SER A 319 -19.00 -31.61 18.09
N GLY A 320 -18.43 -32.81 18.13
CA GLY A 320 -18.50 -33.71 16.99
C GLY A 320 -17.75 -33.22 15.78
N LEU A 321 -16.60 -32.56 15.99
CA LEU A 321 -15.77 -32.07 14.92
C LEU A 321 -14.31 -32.33 15.27
N GLU A 322 -13.45 -32.23 14.26
CA GLU A 322 -12.03 -32.57 14.41
C GLU A 322 -11.17 -31.33 14.64
N GLU A 323 -11.77 -30.13 14.63
CA GLU A 323 -11.07 -28.89 14.94
C GLU A 323 -11.76 -28.20 16.10
N ALA A 324 -11.02 -27.32 16.78
CA ALA A 324 -11.62 -26.54 17.84
C ALA A 324 -10.93 -25.20 18.01
N THR A 325 -11.72 -24.17 18.28
CA THR A 325 -11.17 -22.92 18.76
C THR A 325 -10.67 -23.15 20.19
N PHE A 326 -9.57 -22.50 20.55
CA PHE A 326 -8.87 -22.76 21.81
C PHE A 326 -9.72 -22.36 23.02
N GLN A 327 -10.70 -21.47 22.82
CA GLN A 327 -11.58 -21.02 23.90
C GLN A 327 -12.39 -22.15 24.52
N GLN A 328 -12.98 -23.02 23.68
CA GLN A 328 -13.79 -24.11 24.22
C GLN A 328 -12.93 -25.14 24.96
N ILE A 329 -11.72 -25.39 24.45
CA ILE A 329 -10.78 -26.29 25.11
C ILE A 329 -10.39 -25.74 26.48
N TYR A 330 -10.14 -24.43 26.57
CA TYR A 330 -9.80 -23.84 27.86
C TYR A 330 -11.00 -23.83 28.81
N SER A 331 -12.21 -23.66 28.30
CA SER A 331 -13.39 -23.68 29.15
C SER A 331 -13.68 -25.07 29.70
N GLN A 332 -13.38 -26.12 28.93
CA GLN A 332 -13.48 -27.46 29.50
C GLN A 332 -12.31 -27.78 30.42
N HIS A 333 -11.12 -27.24 30.13
CA HIS A 333 -9.94 -27.54 30.93
C HIS A 333 -10.05 -26.92 32.32
N VAL A 334 -10.71 -25.75 32.42
CA VAL A 334 -11.00 -25.15 33.72
C VAL A 334 -11.90 -26.06 34.56
N ALA A 335 -12.93 -26.63 33.93
CA ALA A 335 -13.84 -27.53 34.64
C ALA A 335 -13.14 -28.82 35.07
N LEU A 336 -12.26 -29.36 34.21
CA LEU A 336 -11.52 -30.56 34.60
C LEU A 336 -10.53 -30.28 35.73
N CYS A 337 -9.87 -29.12 35.70
CA CYS A 337 -8.97 -28.78 36.80
C CYS A 337 -9.73 -28.55 38.09
N ARG A 338 -10.96 -28.03 38.00
CA ARG A 338 -11.80 -27.90 39.18
C ARG A 338 -12.21 -29.28 39.72
N MET A 339 -12.57 -30.20 38.82
CA MET A 339 -13.00 -31.53 39.24
C MET A 339 -11.85 -32.35 39.81
N GLU A 340 -10.67 -32.28 39.21
CA GLU A 340 -9.52 -33.08 39.64
C GLU A 340 -9.03 -32.66 41.01
N GLY A 341 -9.12 -31.37 41.33
CA GLY A 341 -8.55 -30.81 42.53
C GLY A 341 -7.34 -29.94 42.28
N LEU A 342 -6.89 -29.86 41.03
CA LEU A 342 -5.78 -29.00 40.64
C LEU A 342 -6.15 -27.53 40.83
N PRO A 343 -5.17 -26.65 41.02
CA PRO A 343 -5.50 -25.22 41.15
C PRO A 343 -5.88 -24.61 39.81
N TYR A 344 -6.44 -23.40 39.91
CA TYR A 344 -7.00 -22.71 38.76
C TYR A 344 -5.90 -22.36 37.76
N PRO A 345 -6.00 -22.79 36.51
CA PRO A 345 -4.93 -22.51 35.54
C PRO A 345 -5.10 -21.18 34.84
N THR A 346 -4.05 -20.37 34.87
CA THR A 346 -4.05 -19.11 34.15
C THR A 346 -3.86 -19.35 32.66
N MET A 347 -4.23 -18.34 31.86
CA MET A 347 -4.18 -18.45 30.41
C MET A 347 -2.76 -18.62 29.87
N SER A 348 -1.77 -18.00 30.54
CA SER A 348 -0.39 -18.10 30.08
C SER A 348 0.29 -19.40 30.47
N GLU A 349 -0.33 -20.20 31.33
CA GLU A 349 0.15 -21.55 31.60
C GLU A 349 -0.46 -22.54 30.62
N THR A 350 -1.75 -22.39 30.34
CA THR A 350 -2.44 -23.23 29.37
C THR A 350 -1.86 -23.02 27.97
N MET A 351 -1.52 -21.78 27.62
CA MET A 351 -0.87 -21.52 26.35
C MET A 351 0.51 -22.14 26.29
N ALA A 352 1.23 -22.15 27.42
CA ALA A 352 2.53 -22.80 27.46
C ALA A 352 2.41 -24.31 27.26
N VAL A 353 1.42 -24.93 27.89
CA VAL A 353 1.16 -26.36 27.71
C VAL A 353 0.81 -26.67 26.26
N CYS A 354 -0.08 -25.87 25.68
CA CYS A 354 -0.53 -26.09 24.31
C CYS A 354 0.60 -25.89 23.31
N SER A 355 1.45 -24.89 23.53
CA SER A 355 2.59 -24.69 22.65
C SER A 355 3.66 -25.76 22.86
N HIS A 356 3.72 -26.35 24.05
CA HIS A 356 4.63 -27.47 24.26
C HIS A 356 4.19 -28.70 23.50
N LEU A 357 2.88 -29.00 23.55
CA LEU A 357 2.34 -30.12 22.78
C LEU A 357 2.46 -29.85 21.28
N GLY A 358 2.24 -28.61 20.86
CA GLY A 358 2.39 -28.27 19.46
C GLY A 358 3.83 -28.21 18.98
N SER A 359 4.77 -28.04 19.91
CA SER A 359 6.19 -28.08 19.55
C SER A 359 6.59 -29.48 19.08
N CYS A 360 6.09 -30.51 19.76
CA CYS A 360 6.14 -31.86 19.24
C CYS A 360 4.92 -32.08 18.36
N ARG A 361 4.70 -33.31 17.91
CA ARG A 361 3.60 -33.55 16.98
C ARG A 361 2.50 -34.41 17.57
N LEU A 362 2.34 -34.39 18.89
CA LEU A 362 1.13 -34.94 19.49
C LEU A 362 -0.08 -34.10 19.12
N LEU A 363 0.19 -32.86 18.71
CA LEU A 363 -0.89 -31.91 18.35
C LEU A 363 -0.28 -30.91 17.37
N LEU A 364 -0.97 -30.57 16.28
CA LEU A 364 -0.44 -29.47 15.42
C LEU A 364 -1.41 -28.29 15.48
N VAL A 365 -0.90 -27.11 15.88
CA VAL A 365 -1.81 -25.93 16.04
C VAL A 365 -1.31 -24.80 15.15
N GLU A 366 -2.07 -23.70 15.07
CA GLU A 366 -1.70 -22.51 14.24
C GLU A 366 -0.57 -21.74 14.90
N PRO A 367 0.09 -20.77 14.21
CA PRO A 367 1.12 -19.92 14.84
C PRO A 367 0.59 -19.23 16.10
N SER A 368 1.46 -19.00 17.08
CA SER A 368 1.02 -18.42 18.39
C SER A 368 0.61 -16.95 18.20
N ARG A 369 1.04 -16.31 17.10
CA ARG A 369 0.69 -14.88 16.85
C ARG A 369 -0.79 -14.66 17.17
N ASN A 370 -1.68 -15.45 16.56
CA ASN A 370 -3.12 -15.35 16.90
C ASN A 370 -3.38 -16.09 18.22
N ASP A 371 -4.02 -15.43 19.19
CA ASP A 371 -4.22 -16.07 20.52
C ASP A 371 -5.72 -16.21 20.80
N LEU A 372 -6.11 -17.19 21.62
CA LEU A 372 -7.54 -17.44 21.93
C LEU A 372 -8.31 -17.62 20.62
N LEU A 373 -7.59 -17.72 19.49
CA LEU A 373 -8.27 -17.83 18.17
C LEU A 373 -7.56 -18.92 17.37
N LEU A 374 -6.90 -19.86 18.06
CA LEU A 374 -6.16 -20.92 17.38
C LEU A 374 -7.11 -22.02 16.90
N ARG A 375 -6.64 -22.81 15.93
CA ARG A 375 -7.34 -24.01 15.51
C ARG A 375 -6.55 -25.22 16.00
N VAL A 376 -7.09 -25.91 16.99
CA VAL A 376 -6.45 -27.05 17.63
C VAL A 376 -7.09 -28.32 17.08
N ARG A 377 -6.25 -29.21 16.54
CA ARG A 377 -6.66 -30.52 16.06
C ARG A 377 -5.69 -31.56 16.61
N LEU A 378 -6.21 -32.77 16.86
CA LEU A 378 -5.36 -33.89 17.21
C LEU A 378 -4.59 -34.39 15.99
N ASN A 379 -3.32 -34.81 16.26
CA ASN A 379 -2.49 -35.40 15.18
C ASN A 379 -2.51 -36.92 15.34
N VAL A 380 -2.91 -37.43 16.49
CA VAL A 380 -2.99 -38.86 16.72
C VAL A 380 -4.44 -39.23 17.00
N SER A 381 -4.74 -40.51 16.76
CA SER A 381 -6.12 -40.99 16.83
C SER A 381 -6.65 -40.98 18.25
N GLN A 382 -7.96 -40.79 18.39
CA GLN A 382 -8.60 -40.64 19.69
C GLN A 382 -8.53 -41.92 20.51
N ASP A 383 -8.67 -43.07 19.87
CA ASP A 383 -8.57 -44.35 20.56
C ASP A 383 -7.16 -44.60 21.10
N ASP A 384 -6.14 -44.16 20.36
CA ASP A 384 -4.76 -44.22 20.85
C ASP A 384 -4.58 -43.35 22.08
N VAL A 385 -5.21 -42.16 22.10
CA VAL A 385 -5.13 -41.27 23.24
C VAL A 385 -5.79 -41.91 24.46
N LEU A 386 -6.97 -42.54 24.27
CA LEU A 386 -7.64 -43.19 25.38
C LEU A 386 -6.87 -44.39 25.89
N TYR A 387 -6.23 -45.14 24.99
CA TYR A 387 -5.37 -46.25 25.39
C TYR A 387 -4.15 -45.77 26.17
N ALA A 388 -3.57 -44.63 25.78
CA ALA A 388 -2.39 -44.14 26.48
C ALA A 388 -2.75 -43.51 27.83
N LEU A 389 -3.92 -42.87 27.93
CA LEU A 389 -4.31 -42.22 29.18
C LEU A 389 -5.00 -43.15 30.16
N LYS A 390 -5.50 -44.29 29.68
CA LYS A 390 -6.25 -45.21 30.53
C LYS A 390 -5.37 -45.84 31.60
N ASP A 391 -4.09 -46.05 31.28
CA ASP A 391 -3.12 -46.58 32.25
C ASP A 391 -2.89 -45.61 33.41
N ASP B 268 -19.35 -28.57 -32.36
CA ASP B 268 -18.33 -28.11 -33.29
C ASP B 268 -16.95 -28.13 -32.63
N GLN B 269 -15.93 -27.86 -33.43
CA GLN B 269 -14.56 -27.81 -32.95
C GLN B 269 -13.98 -26.45 -33.29
N GLN B 270 -12.88 -26.07 -32.63
CA GLN B 270 -12.18 -24.86 -33.04
C GLN B 270 -11.41 -25.10 -34.34
N THR B 271 -10.89 -26.30 -34.55
CA THR B 271 -10.30 -26.65 -35.84
C THR B 271 -11.36 -26.66 -36.93
N LEU B 272 -12.56 -27.18 -36.60
CA LEU B 272 -13.68 -27.18 -37.56
C LEU B 272 -14.12 -25.75 -37.88
N ARG B 273 -14.08 -24.86 -36.90
CA ARG B 273 -14.23 -23.43 -37.17
C ARG B 273 -13.16 -22.89 -38.11
N ASN B 274 -11.92 -23.39 -37.97
CA ASN B 274 -10.87 -22.96 -38.90
C ASN B 274 -11.15 -23.46 -40.33
N LEU B 275 -11.70 -24.67 -40.45
CA LEU B 275 -11.95 -25.23 -41.79
C LEU B 275 -13.06 -24.49 -42.54
N LEU B 276 -14.15 -24.16 -41.86
CA LEU B 276 -15.28 -23.49 -42.51
C LEU B 276 -14.99 -22.00 -42.62
N SER B 277 -14.26 -21.64 -43.68
CA SER B 277 -14.00 -20.26 -44.06
C SER B 277 -14.59 -19.98 -45.44
N LYS B 278 -15.66 -20.69 -45.80
CA LYS B 278 -16.24 -20.57 -47.13
C LYS B 278 -17.04 -19.29 -47.32
N VAL B 279 -17.58 -18.74 -46.24
CA VAL B 279 -18.52 -17.61 -46.33
C VAL B 279 -17.82 -16.35 -46.83
N SER B 280 -18.59 -15.50 -47.49
CA SER B 280 -18.16 -14.22 -48.02
C SER B 280 -19.11 -13.15 -47.51
N PRO B 281 -18.64 -11.91 -47.34
CA PRO B 281 -19.53 -10.86 -46.85
C PRO B 281 -20.56 -10.46 -47.89
N SER B 282 -21.78 -10.19 -47.41
CA SER B 282 -22.88 -9.84 -48.32
C SER B 282 -22.70 -8.44 -48.88
N PHE B 283 -22.56 -7.44 -48.01
CA PHE B 283 -22.32 -6.06 -48.43
C PHE B 283 -20.83 -5.89 -48.65
N SER B 284 -20.35 -6.31 -49.83
CA SER B 284 -18.92 -6.26 -50.10
C SER B 284 -18.52 -4.93 -50.72
N ALA B 285 -19.21 -4.52 -51.79
CA ALA B 285 -18.96 -3.22 -52.42
C ALA B 285 -19.27 -2.06 -51.48
N GLU B 286 -20.30 -2.22 -50.65
CA GLU B 286 -20.64 -1.21 -49.65
C GLU B 286 -19.54 -1.04 -48.61
N LEU B 287 -18.92 -2.15 -48.19
CA LEU B 287 -17.85 -2.09 -47.20
C LEU B 287 -16.48 -1.87 -47.81
N LYS B 288 -16.37 -1.83 -49.14
CA LYS B 288 -15.07 -1.56 -49.74
C LYS B 288 -14.74 -0.07 -49.75
N GLN B 289 -15.72 0.81 -49.54
CA GLN B 289 -15.45 2.23 -49.48
C GLN B 289 -15.14 2.70 -48.07
N LEU B 290 -15.30 1.85 -47.08
CA LEU B 290 -14.99 2.20 -45.70
C LEU B 290 -13.55 1.93 -45.32
N ASN B 291 -12.69 1.56 -46.27
CA ASN B 291 -11.28 1.40 -46.01
C ASN B 291 -10.43 2.56 -46.51
N GLN B 292 -10.63 3.00 -47.75
CA GLN B 292 -9.87 4.14 -48.27
C GLN B 292 -10.30 5.45 -47.62
N GLN B 293 -11.54 5.53 -47.15
CA GLN B 293 -12.01 6.66 -46.36
C GLN B 293 -11.15 6.86 -45.11
N TYR B 294 -10.90 5.79 -44.38
CA TYR B 294 -10.01 5.86 -43.22
C TYR B 294 -8.55 5.94 -43.64
N GLU B 295 -8.21 5.45 -44.83
CA GLU B 295 -6.84 5.61 -45.34
C GLU B 295 -6.51 7.07 -45.65
N LYS B 296 -7.52 7.90 -45.91
CA LYS B 296 -7.28 9.32 -46.12
C LYS B 296 -6.69 10.00 -44.88
N LEU B 297 -7.12 9.61 -43.69
CA LEU B 297 -6.70 10.26 -42.45
C LEU B 297 -5.29 9.92 -41.99
N PHE B 298 -4.53 9.15 -42.78
CA PHE B 298 -3.21 8.68 -42.33
C PHE B 298 -2.23 9.83 -42.14
N HIS B 299 -2.28 10.83 -43.03
CA HIS B 299 -1.33 11.95 -42.91
C HIS B 299 -1.65 12.81 -41.68
N LYS B 300 -2.94 12.99 -41.38
CA LYS B 300 -3.33 13.68 -40.16
C LYS B 300 -2.86 12.92 -38.92
N TRP B 301 -3.01 11.60 -38.92
CA TRP B 301 -2.55 10.79 -37.78
C TRP B 301 -1.04 10.88 -37.60
N MET B 302 -0.28 10.84 -38.70
CA MET B 302 1.17 10.91 -38.58
C MET B 302 1.63 12.29 -38.12
N LEU B 303 0.98 13.34 -38.61
CA LEU B 303 1.31 14.70 -38.19
C LEU B 303 1.01 14.91 -36.70
N GLN B 304 -0.16 14.44 -36.24
CA GLN B 304 -0.50 14.57 -34.82
C GLN B 304 0.38 13.70 -33.94
N LEU B 305 0.92 12.59 -34.47
CA LEU B 305 1.99 11.89 -33.75
C LEU B 305 3.22 12.76 -33.57
N HIS B 306 3.64 13.47 -34.63
CA HIS B 306 4.85 14.27 -34.50
C HIS B 306 4.68 15.50 -33.61
N LEU B 307 3.45 15.96 -33.40
CA LEU B 307 3.24 17.14 -32.56
C LEU B 307 2.99 16.81 -31.10
N GLY B 308 3.10 15.56 -30.69
CA GLY B 308 2.98 15.21 -29.29
C GLY B 308 1.66 14.62 -28.84
N PHE B 309 0.79 14.26 -29.78
CA PHE B 309 -0.45 13.55 -29.45
C PHE B 309 -0.32 12.06 -29.75
N ASN B 310 -1.21 11.28 -29.17
CA ASN B 310 -1.31 9.85 -29.42
C ASN B 310 -2.74 9.49 -29.80
N ILE B 311 -2.90 8.45 -30.61
CA ILE B 311 -4.19 8.13 -31.22
C ILE B 311 -4.68 6.78 -30.72
N VAL B 312 -5.92 6.76 -30.23
CA VAL B 312 -6.63 5.55 -29.87
C VAL B 312 -7.81 5.38 -30.82
N LEU B 313 -8.00 4.16 -31.30
CA LEU B 313 -9.05 3.85 -32.28
C LEU B 313 -10.13 3.03 -31.61
N TYR B 314 -11.37 3.50 -31.69
CA TYR B 314 -12.49 2.77 -31.12
C TYR B 314 -13.50 2.46 -32.22
N GLY B 315 -13.96 1.22 -32.29
CA GLY B 315 -14.87 0.85 -33.34
C GLY B 315 -15.51 -0.50 -33.08
N LEU B 316 -16.20 -0.99 -34.11
CA LEU B 316 -16.95 -2.24 -34.04
C LEU B 316 -16.21 -3.41 -34.66
N GLY B 317 -15.56 -3.24 -35.80
CA GLY B 317 -14.85 -4.32 -36.44
C GLY B 317 -13.41 -4.40 -36.00
N SER B 318 -12.64 -5.18 -36.75
CA SER B 318 -11.23 -5.37 -36.47
C SER B 318 -10.43 -4.24 -37.10
N LYS B 319 -9.63 -3.56 -36.28
CA LYS B 319 -8.76 -2.49 -36.74
C LYS B 319 -7.37 -2.98 -37.09
N ARG B 320 -7.16 -4.30 -37.09
CA ARG B 320 -5.85 -4.87 -37.35
C ARG B 320 -5.37 -4.58 -38.77
N ASP B 321 -6.27 -4.70 -39.75
CA ASP B 321 -5.90 -4.46 -41.15
C ASP B 321 -5.58 -3.00 -41.40
N LEU B 322 -6.29 -2.09 -40.72
CA LEU B 322 -6.05 -0.67 -40.88
C LEU B 322 -4.69 -0.27 -40.32
N LEU B 323 -4.34 -0.78 -39.13
CA LEU B 323 -3.03 -0.52 -38.56
C LEU B 323 -1.91 -1.18 -39.36
N GLU B 324 -2.19 -2.34 -39.98
CA GLU B 324 -1.15 -2.98 -40.77
C GLU B 324 -0.93 -2.23 -42.09
N ARG B 325 -2.00 -1.70 -42.68
CA ARG B 325 -1.86 -0.84 -43.85
C ARG B 325 -1.15 0.46 -43.49
N PHE B 326 -1.38 0.95 -42.27
CA PHE B 326 -0.67 2.13 -41.77
C PHE B 326 0.82 1.85 -41.68
N ARG B 327 1.18 0.63 -41.25
CA ARG B 327 2.59 0.23 -41.25
C ARG B 327 3.16 0.20 -42.67
N THR B 328 2.42 -0.38 -43.62
CA THR B 328 2.96 -0.51 -44.98
C THR B 328 3.11 0.82 -45.69
N THR B 329 2.12 1.71 -45.59
CA THR B 329 2.17 2.94 -46.38
C THR B 329 3.15 3.95 -45.83
N MET B 330 3.16 4.18 -44.51
CA MET B 330 3.87 5.31 -43.93
C MET B 330 5.13 4.91 -43.17
N LEU B 331 5.00 4.05 -42.15
CA LEU B 331 6.07 3.84 -41.18
C LEU B 331 7.04 2.78 -41.71
N GLN B 332 7.76 3.16 -42.76
CA GLN B 332 8.71 2.24 -43.38
C GLN B 332 10.15 2.52 -43.02
N ASP B 333 10.61 3.76 -43.15
CA ASP B 333 11.99 4.12 -42.85
C ASP B 333 12.12 4.59 -41.40
N SER B 334 11.69 3.74 -40.47
CA SER B 334 11.77 4.03 -39.05
C SER B 334 11.90 2.74 -38.27
N ILE B 335 12.39 2.86 -37.05
CA ILE B 335 12.58 1.70 -36.16
C ILE B 335 11.26 1.53 -35.42
N HIS B 336 10.36 0.76 -36.02
CA HIS B 336 9.04 0.58 -35.43
C HIS B 336 8.90 -0.82 -34.83
N VAL B 337 8.00 -0.92 -33.84
CA VAL B 337 7.80 -2.13 -33.05
C VAL B 337 6.31 -2.43 -33.04
N VAL B 338 5.94 -3.68 -33.37
CA VAL B 338 4.54 -4.09 -33.38
C VAL B 338 4.29 -4.97 -32.16
N ILE B 339 3.21 -4.69 -31.44
CA ILE B 339 2.84 -5.42 -30.22
C ILE B 339 1.48 -6.04 -30.41
N ASN B 340 1.35 -7.32 -30.07
CA ASN B 340 0.08 -8.04 -30.16
C ASN B 340 -0.50 -8.17 -28.75
N GLY B 341 -1.53 -7.38 -28.46
CA GLY B 341 -2.27 -7.58 -27.22
C GLY B 341 -3.07 -8.86 -27.22
N PHE B 342 -3.61 -9.23 -28.39
CA PHE B 342 -4.45 -10.42 -28.54
C PHE B 342 -3.71 -11.74 -28.33
N PHE B 343 -2.39 -11.75 -28.43
CA PHE B 343 -1.59 -12.94 -28.14
C PHE B 343 -1.71 -13.28 -26.65
N PRO B 344 -2.04 -14.52 -26.29
CA PRO B 344 -2.18 -14.85 -24.86
C PRO B 344 -0.87 -14.78 -24.07
N GLY B 345 0.26 -15.10 -24.67
CA GLY B 345 1.51 -15.09 -23.92
C GLY B 345 2.29 -13.80 -24.00
N ILE B 346 1.68 -12.69 -23.60
CA ILE B 346 2.32 -11.39 -23.71
C ILE B 346 2.31 -10.74 -22.33
N SER B 347 3.32 -9.92 -22.06
CA SER B 347 3.37 -9.13 -20.83
C SER B 347 4.18 -7.88 -21.09
N VAL B 348 4.03 -6.89 -20.20
CA VAL B 348 4.81 -5.66 -20.33
C VAL B 348 6.29 -5.92 -20.08
N LYS B 349 6.63 -6.99 -19.36
CA LYS B 349 8.02 -7.42 -19.26
C LYS B 349 8.58 -7.75 -20.64
N SER B 350 7.77 -8.44 -21.47
CA SER B 350 8.19 -8.80 -22.82
C SER B 350 8.41 -7.59 -23.71
N VAL B 351 7.54 -6.56 -23.61
CA VAL B 351 7.74 -5.37 -24.45
C VAL B 351 8.94 -4.57 -23.97
N LEU B 352 9.20 -4.59 -22.65
CA LEU B 352 10.43 -3.98 -22.14
C LEU B 352 11.67 -4.70 -22.67
N ASN B 353 11.64 -6.04 -22.72
CA ASN B 353 12.75 -6.80 -23.31
C ASN B 353 12.91 -6.48 -24.79
N SER B 354 11.78 -6.33 -25.50
CA SER B 354 11.83 -6.05 -26.93
C SER B 354 12.38 -4.66 -27.22
N ILE B 355 12.09 -3.68 -26.36
CA ILE B 355 12.72 -2.37 -26.51
C ILE B 355 14.21 -2.48 -26.19
N THR B 356 14.56 -3.22 -25.13
CA THR B 356 15.90 -3.15 -24.58
C THR B 356 16.94 -3.93 -25.40
N GLU B 357 16.60 -5.14 -25.86
CA GLU B 357 17.64 -6.03 -26.35
C GLU B 357 17.94 -5.91 -27.84
N GLU B 358 16.94 -5.68 -28.69
CA GLU B 358 17.23 -5.55 -30.11
C GLU B 358 17.23 -4.11 -30.60
N VAL B 359 16.24 -3.29 -30.20
CA VAL B 359 16.20 -1.89 -30.61
C VAL B 359 17.43 -1.14 -30.11
N LEU B 360 17.70 -1.25 -28.82
CA LEU B 360 18.97 -0.85 -28.24
C LEU B 360 19.89 -2.06 -28.17
N ASP B 361 21.20 -1.82 -28.18
CA ASP B 361 22.14 -2.91 -28.32
C ASP B 361 22.56 -3.50 -26.98
N HIS B 362 21.76 -3.31 -25.92
CA HIS B 362 22.05 -3.91 -24.64
C HIS B 362 21.85 -5.43 -24.69
N MET B 363 22.79 -6.15 -24.07
CA MET B 363 22.70 -7.60 -23.92
C MET B 363 22.97 -7.93 -22.46
N GLY B 364 21.91 -7.94 -21.66
CA GLY B 364 22.05 -8.21 -20.24
C GLY B 364 20.72 -8.48 -19.59
N THR B 365 20.76 -8.65 -18.27
CA THR B 365 19.59 -8.95 -17.47
C THR B 365 19.40 -7.84 -16.43
N PHE B 366 18.17 -7.38 -16.26
CA PHE B 366 17.84 -6.31 -15.33
C PHE B 366 17.09 -6.88 -14.13
N ARG B 367 17.28 -6.23 -12.98
CA ARG B 367 16.75 -6.74 -11.72
C ARG B 367 15.21 -6.70 -11.69
N SER B 368 14.63 -5.58 -12.10
CA SER B 368 13.19 -5.39 -12.01
C SER B 368 12.71 -4.68 -13.27
N ILE B 369 11.39 -4.71 -13.47
CA ILE B 369 10.81 -4.05 -14.64
C ILE B 369 10.92 -2.53 -14.49
N LEU B 370 10.87 -2.00 -13.26
CA LEU B 370 10.99 -0.57 -13.06
C LEU B 370 12.43 -0.11 -13.30
N ASP B 371 13.40 -0.95 -12.95
CA ASP B 371 14.81 -0.62 -13.14
C ASP B 371 15.19 -0.65 -14.61
N GLN B 372 14.57 -1.54 -15.38
CA GLN B 372 14.78 -1.59 -16.82
C GLN B 372 14.05 -0.48 -17.54
N LEU B 373 12.85 -0.13 -17.05
CA LEU B 373 12.10 1.00 -17.57
C LEU B 373 12.83 2.31 -17.36
N ASP B 374 13.46 2.50 -16.20
CA ASP B 374 14.22 3.72 -15.97
C ASP B 374 15.49 3.76 -16.80
N TRP B 375 16.10 2.61 -17.08
CA TRP B 375 17.27 2.58 -17.95
C TRP B 375 16.93 2.97 -19.37
N ILE B 376 15.81 2.45 -19.91
CA ILE B 376 15.45 2.79 -21.29
C ILE B 376 14.94 4.23 -21.38
N VAL B 377 14.24 4.71 -20.34
CA VAL B 377 13.81 6.11 -20.31
C VAL B 377 15.02 7.05 -20.29
N ASN B 378 16.03 6.72 -19.47
CA ASN B 378 17.25 7.51 -19.44
C ASN B 378 17.99 7.44 -20.76
N LYS B 379 17.99 6.28 -21.42
CA LYS B 379 18.61 6.13 -22.73
C LYS B 379 17.95 7.06 -23.77
N PHE B 380 16.63 7.19 -23.71
CA PHE B 380 15.98 8.16 -24.61
C PHE B 380 16.21 9.60 -24.16
N LYS B 381 16.58 9.83 -22.91
CA LYS B 381 16.89 11.20 -22.50
C LYS B 381 18.20 11.72 -23.11
N GLU B 382 19.28 10.95 -23.10
CA GLU B 382 20.57 11.56 -23.45
C GLU B 382 20.79 11.64 -24.96
N ASP B 383 19.87 11.15 -25.78
CA ASP B 383 20.09 11.14 -27.21
C ASP B 383 18.74 11.33 -27.88
N SER B 384 18.72 12.16 -28.94
CA SER B 384 17.52 12.43 -29.68
C SER B 384 17.54 11.84 -31.09
N SER B 385 18.64 11.21 -31.48
CA SER B 385 18.72 10.56 -32.79
C SER B 385 17.82 9.34 -32.88
N LEU B 386 17.41 8.79 -31.74
CA LEU B 386 16.49 7.65 -31.74
C LEU B 386 15.05 8.12 -31.92
N GLU B 387 14.33 7.48 -32.83
CA GLU B 387 12.88 7.61 -32.93
C GLU B 387 12.29 6.21 -33.03
N LEU B 388 11.24 5.94 -32.26
CA LEU B 388 10.64 4.62 -32.20
C LEU B 388 9.13 4.76 -32.35
N PHE B 389 8.53 3.88 -33.14
CA PHE B 389 7.08 3.86 -33.35
C PHE B 389 6.56 2.57 -32.73
N LEU B 390 5.69 2.70 -31.73
CA LEU B 390 5.25 1.55 -30.94
C LEU B 390 3.75 1.32 -31.18
N LEU B 391 3.44 0.36 -32.03
CA LEU B 391 2.04 0.03 -32.32
C LEU B 391 1.54 -1.03 -31.35
N ILE B 392 0.32 -0.86 -30.87
CA ILE B 392 -0.35 -1.84 -30.03
C ILE B 392 -1.68 -2.19 -30.67
N HIS B 393 -1.86 -3.45 -31.06
CA HIS B 393 -3.06 -3.84 -31.79
C HIS B 393 -4.27 -3.90 -30.88
N ASN B 394 -4.11 -4.38 -29.66
CA ASN B 394 -5.13 -4.24 -28.62
C ASN B 394 -4.46 -3.80 -27.35
N LEU B 395 -4.94 -2.71 -26.77
CA LEU B 395 -4.44 -2.20 -25.51
C LEU B 395 -5.34 -2.60 -24.35
N ASP B 396 -6.48 -3.24 -24.64
CA ASP B 396 -7.46 -3.60 -23.62
C ASP B 396 -7.50 -5.10 -23.34
N SER B 397 -6.52 -5.86 -23.81
CA SER B 397 -6.49 -7.30 -23.56
C SER B 397 -6.11 -7.58 -22.11
N GLN B 398 -6.51 -8.77 -21.63
CA GLN B 398 -6.36 -9.24 -20.25
C GLN B 398 -4.94 -9.16 -19.71
N MET B 399 -3.95 -9.42 -20.56
CA MET B 399 -2.56 -9.36 -20.12
C MET B 399 -2.13 -7.93 -19.84
N LEU B 400 -2.62 -6.96 -20.62
CA LEU B 400 -2.27 -5.56 -20.44
C LEU B 400 -3.37 -4.78 -19.72
N ARG B 401 -4.20 -5.47 -18.97
CA ARG B 401 -5.25 -4.85 -18.17
C ARG B 401 -4.77 -4.25 -16.85
N GLY B 402 -3.59 -4.65 -16.37
CA GLY B 402 -3.14 -4.23 -15.06
C GLY B 402 -2.78 -2.76 -15.00
N GLU B 403 -2.97 -2.17 -13.81
CA GLU B 403 -2.61 -0.77 -13.61
C GLU B 403 -1.12 -0.56 -13.62
N LYS B 404 -0.35 -1.56 -13.18
CA LYS B 404 1.10 -1.50 -13.31
C LYS B 404 1.52 -1.51 -14.77
N SER B 405 0.83 -2.32 -15.58
CA SER B 405 1.12 -2.41 -17.01
C SER B 405 0.86 -1.09 -17.72
N GLN B 406 -0.29 -0.48 -17.47
CA GLN B 406 -0.57 0.81 -18.08
C GLN B 406 0.28 1.92 -17.50
N GLN B 407 0.73 1.78 -16.24
CA GLN B 407 1.67 2.76 -15.69
C GLN B 407 3.01 2.71 -16.42
N ILE B 408 3.50 1.50 -16.71
CA ILE B 408 4.75 1.36 -17.47
C ILE B 408 4.58 1.90 -18.89
N ILE B 409 3.45 1.60 -19.53
CA ILE B 409 3.23 2.10 -20.90
C ILE B 409 3.06 3.61 -20.91
N GLY B 410 2.41 4.18 -19.89
CA GLY B 410 2.30 5.63 -19.79
C GLY B 410 3.63 6.31 -19.54
N GLN B 411 4.51 5.68 -18.77
CA GLN B 411 5.86 6.21 -18.62
C GLN B 411 6.63 6.14 -19.93
N LEU B 412 6.37 5.11 -20.73
CA LEU B 412 7.02 5.03 -22.05
C LEU B 412 6.54 6.12 -22.99
N SER B 413 5.21 6.26 -23.13
CA SER B 413 4.66 7.05 -24.23
C SER B 413 4.82 8.55 -24.05
N SER B 414 5.12 9.01 -22.83
CA SER B 414 5.16 10.44 -22.56
C SER B 414 6.42 11.12 -23.06
N LEU B 415 7.43 10.36 -23.49
CA LEU B 415 8.62 10.95 -24.07
C LEU B 415 8.32 11.57 -25.43
N HIS B 416 9.25 12.38 -25.90
CA HIS B 416 9.07 13.05 -27.19
C HIS B 416 9.72 12.32 -28.35
N ASN B 417 10.51 11.28 -28.08
CA ASN B 417 11.18 10.52 -29.13
C ASN B 417 10.48 9.21 -29.46
N ILE B 418 9.33 8.94 -28.86
CA ILE B 418 8.61 7.68 -29.04
C ILE B 418 7.15 7.99 -29.32
N TYR B 419 6.52 7.18 -30.18
CA TYR B 419 5.17 7.43 -30.63
C TYR B 419 4.35 6.16 -30.53
N LEU B 420 3.04 6.31 -30.35
CA LEU B 420 2.20 5.17 -30.00
C LEU B 420 0.82 5.33 -30.62
N ILE B 421 0.39 4.30 -31.34
CA ILE B 421 -0.97 4.19 -31.88
C ILE B 421 -1.60 2.92 -31.34
N ALA B 422 -2.78 3.04 -30.74
CA ALA B 422 -3.39 1.87 -30.13
C ALA B 422 -4.88 1.85 -30.40
N SER B 423 -5.47 0.67 -30.29
CA SER B 423 -6.89 0.49 -30.54
C SER B 423 -7.53 -0.25 -29.39
N ILE B 424 -8.77 0.12 -29.06
CA ILE B 424 -9.50 -0.50 -27.97
C ILE B 424 -10.78 -1.10 -28.54
N ASP B 425 -11.17 -2.24 -28.01
CA ASP B 425 -12.38 -2.92 -28.48
C ASP B 425 -13.46 -3.06 -27.43
N HIS B 426 -13.08 -3.17 -26.16
CA HIS B 426 -14.05 -3.41 -25.10
C HIS B 426 -14.89 -2.17 -24.80
N LEU B 427 -16.11 -2.41 -24.32
CA LEU B 427 -17.08 -1.35 -24.11
C LEU B 427 -16.79 -0.53 -22.86
N ASN B 428 -16.09 -1.10 -21.87
CA ASN B 428 -15.65 -0.37 -20.69
C ASN B 428 -14.16 -0.10 -20.68
N ALA B 429 -13.55 0.14 -21.82
CA ALA B 429 -12.16 0.63 -21.85
C ALA B 429 -11.88 1.96 -21.14
N PRO B 430 -12.74 3.01 -21.17
CA PRO B 430 -12.40 4.25 -20.44
C PRO B 430 -12.26 4.12 -18.92
N LEU B 431 -12.67 3.02 -18.32
CA LEU B 431 -12.41 2.81 -16.90
C LEU B 431 -10.93 2.62 -16.60
N MET B 432 -10.11 2.26 -17.60
CA MET B 432 -8.71 1.96 -17.33
C MET B 432 -7.93 3.20 -16.93
N TRP B 433 -8.28 4.35 -17.51
CA TRP B 433 -7.50 5.56 -17.36
C TRP B 433 -8.23 6.58 -16.48
N ASP B 434 -7.53 7.14 -15.51
CA ASP B 434 -7.99 8.23 -14.69
C ASP B 434 -7.22 9.50 -15.05
N HIS B 435 -7.46 10.58 -14.30
CA HIS B 435 -6.95 11.90 -14.68
C HIS B 435 -5.43 11.97 -14.57
N ALA B 436 -4.82 11.17 -13.70
CA ALA B 436 -3.36 11.10 -13.66
C ALA B 436 -2.82 10.36 -14.88
N LYS B 437 -3.44 9.24 -15.23
CA LYS B 437 -2.93 8.40 -16.31
C LYS B 437 -3.23 8.99 -17.68
N GLN B 438 -4.40 9.59 -17.87
CA GLN B 438 -4.68 10.21 -19.17
C GLN B 438 -3.98 11.54 -19.36
N SER B 439 -3.33 12.07 -18.33
CA SER B 439 -2.37 13.14 -18.54
C SER B 439 -1.14 12.64 -19.28
N LEU B 440 -0.73 11.41 -18.99
CA LEU B 440 0.44 10.83 -19.65
C LEU B 440 0.15 10.56 -21.12
N PHE B 441 -0.99 9.96 -21.41
CA PHE B 441 -1.38 9.66 -22.79
C PHE B 441 -2.11 10.87 -23.38
N ASN B 442 -1.53 11.50 -24.38
CA ASN B 442 -2.24 12.57 -25.08
C ASN B 442 -3.20 11.98 -26.12
N TRP B 443 -4.28 11.39 -25.63
CA TRP B 443 -5.19 10.66 -26.50
C TRP B 443 -5.98 11.59 -27.41
N LEU B 444 -6.07 11.20 -28.68
CA LEU B 444 -7.02 11.78 -29.62
C LEU B 444 -7.88 10.66 -30.17
N TRP B 445 -9.17 10.72 -29.87
CA TRP B 445 -10.05 9.59 -30.09
C TRP B 445 -10.63 9.66 -31.50
N TYR B 446 -10.32 8.65 -32.31
CA TYR B 446 -10.71 8.60 -33.71
C TYR B 446 -11.58 7.37 -33.92
N GLU B 447 -12.81 7.56 -34.36
CA GLU B 447 -13.70 6.45 -34.62
C GLU B 447 -13.40 5.83 -35.97
N THR B 448 -13.10 4.53 -35.99
CA THR B 448 -12.94 3.78 -37.23
C THR B 448 -13.85 2.57 -37.10
N THR B 449 -15.12 2.75 -37.49
CA THR B 449 -16.14 1.72 -37.32
C THR B 449 -16.28 0.85 -38.56
N THR B 450 -15.15 0.24 -38.94
CA THR B 450 -15.13 -0.78 -39.97
C THR B 450 -15.90 -2.02 -39.52
N TYR B 451 -16.18 -2.91 -40.47
CA TYR B 451 -17.03 -4.07 -40.21
C TYR B 451 -16.31 -5.38 -40.51
N SER B 452 -15.02 -5.44 -40.24
CA SER B 452 -14.31 -6.70 -40.47
C SER B 452 -14.49 -7.63 -39.26
N PRO B 453 -14.59 -8.95 -39.48
CA PRO B 453 -14.75 -9.86 -38.35
C PRO B 453 -13.45 -10.06 -37.59
N TYR B 454 -13.58 -10.44 -36.31
CA TYR B 454 -12.43 -10.61 -35.42
C TYR B 454 -11.81 -12.00 -35.60
N THR B 455 -11.21 -12.22 -36.77
CA THR B 455 -10.68 -13.55 -37.07
C THR B 455 -9.41 -13.85 -36.27
N GLU B 456 -8.59 -12.84 -36.01
CA GLU B 456 -7.34 -13.08 -35.30
C GLU B 456 -7.54 -13.05 -33.79
N GLU B 457 -8.32 -12.09 -33.30
CA GLU B 457 -8.43 -11.85 -31.87
C GLU B 457 -9.39 -12.80 -31.17
N THR B 458 -10.15 -13.60 -31.91
CA THR B 458 -11.00 -14.62 -31.31
C THR B 458 -10.24 -15.93 -31.34
N SER B 459 -9.68 -16.30 -30.18
CA SER B 459 -8.85 -17.50 -30.10
C SER B 459 -9.66 -18.79 -30.18
N TYR B 460 -10.97 -18.72 -29.84
CA TYR B 460 -11.96 -19.80 -29.70
C TYR B 460 -11.72 -20.68 -28.48
N GLU B 461 -10.65 -20.42 -27.73
CA GLU B 461 -10.37 -21.22 -26.55
C GLU B 461 -11.28 -20.76 -25.41
N ASN B 462 -11.54 -21.67 -24.47
CA ASN B 462 -12.63 -21.66 -23.46
C ASN B 462 -13.97 -21.18 -24.01
N SER B 463 -14.27 -21.43 -25.29
CA SER B 463 -15.58 -21.15 -25.84
C SER B 463 -16.42 -22.42 -25.75
N LEU B 464 -17.67 -22.35 -26.25
CA LEU B 464 -18.54 -23.51 -26.16
C LEU B 464 -18.24 -24.57 -27.21
N LEU B 465 -17.34 -24.26 -28.15
CA LEU B 465 -16.71 -25.33 -28.92
C LEU B 465 -15.98 -26.26 -27.95
N VAL B 466 -16.29 -27.54 -28.06
CA VAL B 466 -15.90 -28.51 -27.04
C VAL B 466 -14.42 -28.85 -27.16
N LYS B 467 -13.86 -28.72 -28.35
CA LYS B 467 -12.46 -29.05 -28.59
C LYS B 467 -11.56 -28.03 -27.90
N GLN B 468 -10.57 -28.53 -27.17
CA GLN B 468 -9.61 -27.69 -26.47
C GLN B 468 -8.22 -28.23 -26.80
N SER B 469 -7.32 -27.33 -27.20
CA SER B 469 -6.04 -27.72 -27.77
C SER B 469 -4.95 -27.53 -26.72
N GLY B 470 -4.17 -28.60 -26.49
CA GLY B 470 -2.94 -28.52 -25.73
C GLY B 470 -3.12 -28.18 -24.26
N SER B 471 -2.03 -27.67 -23.69
CA SER B 471 -2.04 -27.14 -22.34
C SER B 471 -2.81 -25.83 -22.30
N LEU B 472 -3.37 -25.53 -21.13
CA LEU B 472 -4.12 -24.29 -20.94
C LEU B 472 -3.20 -23.09 -21.07
N PRO B 473 -3.58 -22.07 -21.84
CA PRO B 473 -2.86 -20.80 -21.79
C PRO B 473 -3.12 -20.10 -20.46
N LEU B 474 -2.27 -19.12 -20.18
CA LEU B 474 -2.22 -18.50 -18.85
C LEU B 474 -3.51 -17.76 -18.55
N SER B 475 -4.12 -17.14 -19.57
CA SER B 475 -5.40 -16.45 -19.39
C SER B 475 -6.51 -17.42 -18.99
N SER B 476 -6.58 -18.56 -19.67
CA SER B 476 -7.59 -19.56 -19.35
C SER B 476 -7.34 -20.20 -17.99
N LEU B 477 -6.06 -20.44 -17.65
CA LEU B 477 -5.69 -20.97 -16.35
C LEU B 477 -6.11 -20.03 -15.22
N THR B 478 -5.84 -18.73 -15.40
CA THR B 478 -6.26 -17.74 -14.41
C THR B 478 -7.78 -17.65 -14.33
N HIS B 479 -8.46 -17.65 -15.49
CA HIS B 479 -9.91 -17.48 -15.51
C HIS B 479 -10.63 -18.64 -14.83
N VAL B 480 -10.15 -19.87 -15.05
CA VAL B 480 -10.77 -20.99 -14.35
C VAL B 480 -10.39 -20.96 -12.87
N LEU B 481 -9.20 -20.47 -12.53
CA LEU B 481 -8.76 -20.54 -11.14
C LEU B 481 -9.32 -19.43 -10.25
N ARG B 482 -9.79 -18.32 -10.81
CA ARG B 482 -10.27 -17.23 -9.95
C ARG B 482 -11.63 -17.51 -9.33
N SER B 483 -12.52 -18.18 -10.06
CA SER B 483 -13.89 -18.39 -9.58
C SER B 483 -13.97 -19.68 -8.76
N LEU B 484 -13.23 -19.68 -7.65
CA LEU B 484 -13.03 -20.90 -6.88
C LEU B 484 -12.71 -20.52 -5.45
N THR B 485 -12.85 -21.49 -4.54
CA THR B 485 -12.63 -21.29 -3.11
C THR B 485 -11.18 -20.89 -2.85
N PRO B 486 -10.93 -19.93 -1.94
CA PRO B 486 -9.52 -19.55 -1.64
C PRO B 486 -8.67 -20.67 -1.09
N ASN B 487 -9.28 -21.55 -0.28
CA ASN B 487 -8.59 -22.76 0.19
C ASN B 487 -8.15 -23.62 -0.98
N ALA B 488 -8.99 -23.70 -2.01
CA ALA B 488 -8.67 -24.47 -3.20
C ALA B 488 -7.53 -23.86 -4.01
N ARG B 489 -7.44 -22.53 -4.04
CA ARG B 489 -6.30 -21.85 -4.65
C ARG B 489 -5.02 -22.20 -3.89
N GLY B 490 -5.09 -22.24 -2.56
CA GLY B 490 -3.93 -22.68 -1.78
C GLY B 490 -3.53 -24.12 -2.05
N ILE B 491 -4.52 -25.02 -2.05
CA ILE B 491 -4.28 -26.47 -2.26
C ILE B 491 -3.51 -26.67 -3.58
N PHE B 492 -3.91 -25.95 -4.62
CA PHE B 492 -3.27 -26.09 -5.95
C PHE B 492 -1.88 -25.45 -5.91
N ARG B 493 -1.76 -24.25 -5.33
CA ARG B 493 -0.45 -23.57 -5.22
C ARG B 493 0.58 -24.53 -4.64
N LEU B 494 0.20 -25.29 -3.61
CA LEU B 494 1.11 -26.30 -3.01
C LEU B 494 1.73 -27.16 -4.12
N LEU B 495 0.90 -27.79 -4.95
CA LEU B 495 1.44 -28.70 -5.99
C LEU B 495 2.14 -27.87 -7.07
N ILE B 496 1.61 -26.71 -7.45
CA ILE B 496 2.32 -25.85 -8.44
C ILE B 496 3.76 -25.62 -7.94
N LYS B 497 3.94 -25.24 -6.68
CA LYS B 497 5.29 -24.96 -6.12
C LYS B 497 6.09 -26.26 -6.03
N TYR B 498 5.44 -27.36 -5.63
CA TYR B 498 6.15 -28.67 -5.59
C TYR B 498 6.58 -29.05 -7.00
N GLN B 499 5.64 -29.14 -7.93
CA GLN B 499 5.97 -29.54 -9.29
C GLN B 499 7.08 -28.66 -9.85
N LEU B 500 7.09 -27.38 -9.47
CA LEU B 500 8.14 -26.46 -9.90
C LEU B 500 9.51 -26.86 -9.36
N ASP B 501 9.59 -27.19 -8.07
CA ASP B 501 10.88 -27.59 -7.52
C ASP B 501 11.26 -29.02 -7.90
N ASN B 502 10.31 -29.82 -8.39
CA ASN B 502 10.59 -31.19 -8.78
C ASN B 502 11.00 -31.29 -10.23
N GLN B 503 10.49 -30.41 -11.10
CA GLN B 503 10.67 -30.55 -12.55
C GLN B 503 12.09 -30.23 -13.02
N ASP B 504 12.96 -29.72 -12.16
CA ASP B 504 14.34 -29.32 -12.47
C ASP B 504 15.19 -30.39 -13.16
N ASN B 505 14.91 -31.67 -12.91
CA ASN B 505 15.38 -32.74 -13.78
C ASN B 505 14.19 -33.68 -13.97
N PRO B 506 14.09 -34.36 -15.12
CA PRO B 506 12.98 -35.31 -15.32
C PRO B 506 12.97 -36.47 -14.34
N SER B 507 14.12 -36.81 -13.76
CA SER B 507 14.21 -37.88 -12.77
C SER B 507 13.43 -37.53 -11.51
N TYR B 508 12.98 -38.60 -10.82
CA TYR B 508 12.28 -38.57 -9.52
C TYR B 508 11.05 -37.65 -9.51
N ILE B 509 10.42 -37.44 -10.65
CA ILE B 509 9.26 -36.56 -10.73
C ILE B 509 8.05 -37.33 -10.19
N GLY B 510 7.11 -36.60 -9.60
CA GLY B 510 5.86 -37.16 -9.10
C GLY B 510 5.61 -36.97 -7.61
N LEU B 511 4.39 -36.51 -7.32
CA LEU B 511 3.97 -36.36 -5.91
C LEU B 511 3.25 -37.65 -5.54
N SER B 512 2.80 -37.80 -4.30
CA SER B 512 2.05 -38.95 -3.84
C SER B 512 0.87 -38.46 -3.00
N PHE B 513 -0.21 -39.24 -3.00
CA PHE B 513 -1.45 -38.75 -2.39
C PHE B 513 -1.41 -38.79 -0.87
N GLN B 514 -0.75 -39.79 -0.27
CA GLN B 514 -0.55 -39.78 1.17
C GLN B 514 0.40 -38.65 1.58
N ASP B 515 1.43 -38.41 0.77
CA ASP B 515 2.33 -37.28 1.01
C ASP B 515 1.61 -35.96 0.86
N PHE B 516 0.69 -35.88 -0.10
CA PHE B 516 -0.11 -34.67 -0.25
C PHE B 516 -1.06 -34.47 0.93
N TYR B 517 -1.63 -35.56 1.45
CA TYR B 517 -2.44 -35.44 2.66
C TYR B 517 -1.62 -34.96 3.84
N GLN B 518 -0.38 -35.44 3.96
CA GLN B 518 0.54 -34.96 5.00
C GLN B 518 0.81 -33.47 4.85
N GLN B 519 1.21 -33.03 3.66
CA GLN B 519 1.58 -31.61 3.44
C GLN B 519 0.36 -30.71 3.61
N CYS B 520 -0.81 -31.13 3.20
CA CYS B 520 -2.02 -30.26 3.24
C CYS B 520 -2.70 -30.36 4.61
N ARG B 521 -2.27 -31.32 5.46
CA ARG B 521 -2.82 -31.37 6.84
C ARG B 521 -1.88 -30.56 7.74
N GLU B 522 -0.59 -30.54 7.41
CA GLU B 522 0.36 -29.68 8.15
C GLU B 522 -0.23 -28.27 8.13
N ALA B 523 -0.53 -27.76 6.93
CA ALA B 523 -1.19 -26.47 6.84
C ALA B 523 -2.68 -26.66 7.13
N PHE B 524 -3.31 -25.59 7.60
CA PHE B 524 -4.74 -25.67 7.92
C PHE B 524 -5.57 -25.33 6.68
N LEU B 525 -5.58 -26.28 5.76
CA LEU B 525 -6.35 -26.16 4.53
C LEU B 525 -7.44 -27.22 4.43
N VAL B 526 -7.10 -28.49 4.62
CA VAL B 526 -8.04 -29.60 4.47
C VAL B 526 -8.25 -30.24 5.84
N ASN B 527 -9.48 -30.68 6.10
CA ASN B 527 -9.80 -31.28 7.39
C ASN B 527 -9.72 -32.80 7.31
N SER B 528 -10.24 -33.39 6.23
CA SER B 528 -10.37 -34.84 6.12
C SER B 528 -9.87 -35.32 4.77
N ASP B 529 -9.57 -36.62 4.68
CA ASP B 529 -9.03 -37.20 3.45
C ASP B 529 -10.08 -37.25 2.36
N LEU B 530 -11.35 -37.46 2.73
CA LEU B 530 -12.45 -37.44 1.77
C LEU B 530 -12.61 -36.06 1.14
N THR B 531 -12.35 -35.01 1.92
CA THR B 531 -12.39 -33.65 1.38
C THR B 531 -11.30 -33.44 0.33
N LEU B 532 -10.10 -33.99 0.56
CA LEU B 532 -9.03 -33.89 -0.44
C LEU B 532 -9.35 -34.71 -1.69
N ARG B 533 -9.97 -35.89 -1.51
CA ARG B 533 -10.42 -36.67 -2.67
C ARG B 533 -11.46 -35.92 -3.49
N ALA B 534 -12.42 -35.27 -2.81
CA ALA B 534 -13.41 -34.44 -3.48
C ALA B 534 -12.76 -33.27 -4.19
N GLN B 535 -11.72 -32.72 -3.58
CA GLN B 535 -10.97 -31.59 -4.21
C GLN B 535 -10.25 -32.10 -5.46
N LEU B 536 -9.57 -33.25 -5.37
CA LEU B 536 -8.79 -33.70 -6.56
C LEU B 536 -9.75 -34.16 -7.67
N THR B 537 -11.01 -34.46 -7.34
CA THR B 537 -12.00 -34.76 -8.41
C THR B 537 -12.49 -33.44 -9.01
N GLU B 538 -12.64 -32.39 -8.20
CA GLU B 538 -12.99 -31.09 -8.76
C GLU B 538 -11.90 -30.57 -9.68
N PHE B 539 -10.63 -30.86 -9.38
CA PHE B 539 -9.58 -30.50 -10.34
C PHE B 539 -9.61 -31.40 -11.57
N ARG B 540 -10.02 -32.67 -11.42
CA ARG B 540 -10.22 -33.50 -12.61
C ARG B 540 -11.36 -33.00 -13.47
N ASP B 541 -12.33 -32.31 -12.86
CA ASP B 541 -13.49 -31.82 -13.59
C ASP B 541 -13.11 -30.75 -14.62
N HIS B 542 -12.17 -29.85 -14.30
CA HIS B 542 -11.78 -28.78 -15.20
C HIS B 542 -10.51 -29.08 -15.98
N LYS B 543 -10.19 -30.38 -16.18
CA LYS B 543 -8.97 -30.87 -16.81
C LYS B 543 -7.71 -30.22 -16.26
N LEU B 544 -7.66 -29.99 -14.94
CA LEU B 544 -6.51 -29.35 -14.32
C LEU B 544 -5.49 -30.38 -13.85
N ILE B 545 -5.91 -31.40 -13.14
CA ILE B 545 -5.00 -32.39 -12.59
C ILE B 545 -4.95 -33.60 -13.53
N ARG B 546 -3.77 -34.20 -13.64
CA ARG B 546 -3.60 -35.48 -14.34
C ARG B 546 -3.32 -36.56 -13.31
N THR B 547 -4.29 -37.44 -13.10
CA THR B 547 -4.17 -38.51 -12.11
C THR B 547 -3.46 -39.68 -12.77
N LYS B 548 -2.20 -39.90 -12.39
CA LYS B 548 -1.45 -41.03 -12.87
C LYS B 548 -1.22 -41.99 -11.71
N LYS B 549 -2.24 -42.13 -10.86
CA LYS B 549 -2.15 -42.99 -9.69
C LYS B 549 -2.39 -44.44 -10.09
N GLY B 550 -1.67 -45.35 -9.45
CA GLY B 550 -1.61 -46.72 -9.87
C GLY B 550 -0.37 -47.06 -10.67
N THR B 551 0.40 -46.05 -11.07
CA THR B 551 1.70 -46.27 -11.70
C THR B 551 2.63 -46.94 -10.70
N ASP B 552 3.41 -47.92 -11.18
CA ASP B 552 4.22 -48.76 -10.31
C ASP B 552 5.34 -47.97 -9.63
N GLY B 553 5.89 -46.96 -10.32
CA GLY B 553 6.96 -46.19 -9.72
C GLY B 553 6.47 -45.24 -8.63
N VAL B 554 5.56 -44.34 -8.98
CA VAL B 554 5.03 -43.37 -8.03
C VAL B 554 3.66 -42.94 -8.55
N GLU B 555 2.75 -42.60 -7.64
CA GLU B 555 1.40 -42.16 -7.99
C GLU B 555 1.43 -40.66 -8.24
N TYR B 556 1.93 -40.27 -9.43
CA TYR B 556 2.16 -38.84 -9.81
C TYR B 556 1.21 -37.78 -9.24
N LEU B 557 -0.05 -37.75 -9.71
CA LEU B 557 -0.96 -36.60 -9.35
C LEU B 557 -0.25 -35.33 -9.84
N LEU B 558 0.16 -35.22 -11.05
CA LEU B 558 0.91 -34.03 -11.55
C LEU B 558 -0.01 -33.11 -12.33
N ILE B 559 0.50 -31.98 -12.78
CA ILE B 559 -0.30 -31.04 -13.62
C ILE B 559 0.34 -30.96 -15.01
N PRO B 560 -0.44 -30.93 -16.12
CA PRO B 560 0.15 -30.92 -17.48
C PRO B 560 0.51 -29.51 -17.99
N VAL B 561 0.24 -28.45 -17.21
CA VAL B 561 0.50 -27.09 -17.65
C VAL B 561 2.00 -26.84 -17.66
N ASP B 562 2.47 -26.09 -18.67
CA ASP B 562 3.89 -25.79 -18.85
C ASP B 562 4.42 -25.01 -17.65
N ASN B 563 5.69 -25.25 -17.32
CA ASN B 563 6.27 -24.80 -16.07
C ASN B 563 6.46 -23.27 -16.05
N GLY B 564 6.91 -22.69 -17.17
CA GLY B 564 7.04 -21.24 -17.26
C GLY B 564 5.71 -20.52 -17.08
N THR B 565 4.65 -21.08 -17.65
CA THR B 565 3.30 -20.57 -17.44
C THR B 565 2.88 -20.68 -15.98
N LEU B 566 3.34 -21.72 -15.28
CA LEU B 566 2.99 -21.88 -13.87
C LEU B 566 3.69 -20.86 -12.98
N THR B 567 4.98 -20.60 -13.27
CA THR B 567 5.70 -19.55 -12.57
C THR B 567 5.09 -18.17 -12.82
N ASP B 568 4.72 -17.92 -14.07
CA ASP B 568 4.14 -16.63 -14.41
C ASP B 568 2.73 -16.48 -13.85
N PHE B 569 2.04 -17.59 -13.61
CA PHE B 569 0.73 -17.50 -12.95
C PHE B 569 0.95 -17.17 -11.48
N LEU B 570 1.89 -17.87 -10.81
CA LEU B 570 2.04 -17.72 -9.36
C LEU B 570 2.54 -16.33 -9.01
N GLU B 571 3.41 -15.76 -9.85
CA GLU B 571 3.88 -14.40 -9.60
C GLU B 571 2.76 -13.37 -9.82
N LYS B 572 1.79 -13.68 -10.67
CA LYS B 572 0.74 -12.72 -11.02
C LYS B 572 -0.51 -12.89 -10.16
N GLU B 573 -0.59 -13.99 -9.38
CA GLU B 573 -1.84 -14.40 -8.73
C GLU B 573 -2.30 -13.38 -7.69
N GLU B 574 -1.36 -12.74 -7.01
CA GLU B 574 -1.71 -11.65 -6.10
C GLU B 574 -0.95 -10.38 -6.45
N THR C 3 4.14 -11.69 -40.93
CA THR C 3 4.93 -10.64 -40.31
C THR C 3 4.43 -10.34 -38.90
N SER C 4 3.17 -9.95 -38.79
CA SER C 4 2.56 -9.66 -37.51
C SER C 4 1.81 -10.84 -36.90
N SER C 5 1.73 -11.96 -37.61
CA SER C 5 1.03 -13.15 -37.12
C SER C 5 2.05 -14.27 -36.92
N MET C 6 2.34 -14.58 -35.65
CA MET C 6 3.30 -15.60 -35.26
C MET C 6 3.03 -15.85 -33.78
N SER C 7 3.42 -17.04 -33.28
CA SER C 7 3.26 -17.40 -31.88
C SER C 7 4.35 -16.76 -31.00
N LYS C 8 4.33 -15.42 -30.98
CA LYS C 8 5.15 -14.58 -30.14
C LYS C 8 4.49 -13.20 -30.13
N GLY C 9 4.97 -12.32 -29.26
CA GLY C 9 4.25 -11.07 -29.09
C GLY C 9 5.02 -9.78 -29.31
N CYS C 10 6.15 -9.84 -30.02
CA CYS C 10 6.95 -8.64 -30.26
C CYS C 10 7.65 -8.77 -31.61
N PHE C 11 7.28 -7.93 -32.56
CA PHE C 11 7.93 -7.89 -33.86
C PHE C 11 8.56 -6.53 -34.05
N VAL C 12 9.89 -6.52 -34.19
CA VAL C 12 10.66 -5.28 -34.32
C VAL C 12 11.26 -5.24 -35.72
N PHE C 13 10.84 -4.26 -36.51
CA PHE C 13 11.36 -4.05 -37.85
C PHE C 13 12.36 -2.90 -37.80
N LYS C 14 13.52 -3.11 -38.39
CA LYS C 14 14.54 -2.09 -38.46
C LYS C 14 14.90 -1.81 -39.91
N PRO C 15 15.30 -0.59 -40.26
CA PRO C 15 15.80 -0.37 -41.63
C PRO C 15 17.28 -0.71 -41.77
N ASN C 16 17.61 -1.96 -41.43
CA ASN C 16 18.98 -2.45 -41.52
C ASN C 16 19.20 -3.08 -42.89
N SER C 17 20.48 -3.07 -43.30
CA SER C 17 21.05 -3.42 -44.62
C SER C 17 20.66 -2.40 -45.68
N LYS C 18 19.99 -1.30 -45.29
CA LYS C 18 19.62 -0.18 -46.16
C LYS C 18 19.99 1.11 -45.40
N LYS C 19 21.21 1.58 -45.65
CA LYS C 19 21.76 2.74 -44.93
C LYS C 19 21.32 4.04 -45.59
N ARG C 20 20.01 4.25 -45.61
CA ARG C 20 19.39 5.51 -46.01
C ARG C 20 18.41 5.87 -44.90
N LYS C 21 18.93 6.47 -43.85
CA LYS C 21 18.14 6.77 -42.65
C LYS C 21 17.52 8.16 -42.69
N ILE C 22 17.71 8.90 -43.80
CA ILE C 22 17.08 10.21 -43.97
C ILE C 22 15.56 10.07 -43.94
N SER C 23 14.91 10.93 -43.16
CA SER C 23 13.48 10.89 -42.98
C SER C 23 12.87 12.20 -43.46
N LEU C 24 11.56 12.15 -43.70
CA LEU C 24 10.82 13.31 -44.16
C LEU C 24 10.80 14.38 -43.07
N PRO C 25 11.08 15.64 -43.41
CA PRO C 25 10.79 16.74 -42.48
C PRO C 25 9.29 16.86 -42.26
N ILE C 26 8.93 17.43 -41.10
CA ILE C 26 7.54 17.49 -40.66
C ILE C 26 6.66 18.30 -41.62
N GLU C 27 7.24 19.27 -42.34
CA GLU C 27 6.49 20.10 -43.27
C GLU C 27 5.85 19.27 -44.38
N ASP C 28 6.54 18.21 -44.82
CA ASP C 28 6.01 17.31 -45.84
C ASP C 28 4.72 16.64 -45.40
N TYR C 29 4.58 16.37 -44.10
CA TYR C 29 3.33 15.79 -43.65
C TYR C 29 2.21 16.82 -43.59
N PHE C 30 2.56 18.11 -43.50
CA PHE C 30 1.52 19.14 -43.35
C PHE C 30 0.75 19.32 -44.64
N ASN C 31 1.43 19.24 -45.79
CA ASN C 31 0.83 19.41 -47.11
C ASN C 31 0.56 18.05 -47.75
N LYS C 32 -0.66 17.54 -47.60
CA LYS C 32 -1.06 16.31 -48.26
C LYS C 32 -1.80 16.55 -49.56
N GLY C 33 -2.01 17.81 -49.94
CA GLY C 33 -2.76 18.11 -51.14
C GLY C 33 -1.93 18.81 -52.19
N LYS C 34 -2.61 19.27 -53.25
CA LYS C 34 -1.98 19.97 -54.35
C LYS C 34 -2.53 21.38 -54.54
N ASN C 35 -3.09 21.98 -53.48
CA ASN C 35 -3.67 23.32 -53.61
C ASN C 35 -2.58 24.37 -53.78
N GLU C 36 -1.80 24.62 -52.73
CA GLU C 36 -0.70 25.57 -52.79
C GLU C 36 0.34 25.19 -51.75
N PRO C 37 1.49 24.64 -52.15
CA PRO C 37 2.45 24.12 -51.15
C PRO C 37 3.22 25.20 -50.39
N GLU C 38 3.54 26.33 -51.03
CA GLU C 38 4.26 27.40 -50.34
C GLU C 38 3.40 28.02 -49.24
N ASP C 39 2.10 28.17 -49.51
CA ASP C 39 1.14 28.56 -48.49
C ASP C 39 1.09 27.55 -47.35
N SER C 40 1.12 26.27 -47.67
CA SER C 40 1.05 25.22 -46.67
C SER C 40 2.34 25.04 -45.91
N LYS C 41 3.47 25.55 -46.40
CA LYS C 41 4.66 25.55 -45.57
C LYS C 41 4.77 26.81 -44.73
N LEU C 42 4.20 27.94 -45.18
CA LEU C 42 4.27 29.14 -44.35
C LEU C 42 3.29 29.10 -43.18
N ARG C 43 2.11 28.47 -43.39
CA ARG C 43 1.14 28.35 -42.30
C ARG C 43 1.67 27.53 -41.13
N PHE C 44 2.53 26.55 -41.41
CA PHE C 44 3.09 25.76 -40.33
C PHE C 44 4.12 26.51 -39.51
N GLU C 45 4.75 27.54 -40.08
CA GLU C 45 5.63 28.38 -39.29
C GLU C 45 4.83 29.36 -38.43
N THR C 46 3.74 29.89 -39.00
CA THR C 46 2.86 30.78 -38.26
C THR C 46 2.22 30.07 -37.05
N TYR C 47 1.85 28.79 -37.22
CA TYR C 47 1.28 28.00 -36.13
C TYR C 47 2.28 27.84 -34.98
N GLN C 48 3.52 27.47 -35.30
CA GLN C 48 4.53 27.25 -34.26
C GLN C 48 4.84 28.54 -33.52
N LEU C 49 4.88 29.67 -34.24
CA LEU C 49 5.11 30.97 -33.60
C LEU C 49 4.02 31.30 -32.59
N ILE C 50 2.76 31.20 -33.01
CA ILE C 50 1.65 31.55 -32.12
C ILE C 50 1.56 30.60 -30.94
N TRP C 51 1.87 29.31 -31.16
CA TRP C 51 1.77 28.36 -30.06
C TRP C 51 2.86 28.55 -29.02
N GLN C 52 4.10 28.83 -29.45
CA GLN C 52 5.16 29.15 -28.48
C GLN C 52 4.83 30.39 -27.67
N GLN C 53 4.23 31.40 -28.31
CA GLN C 53 3.84 32.60 -27.57
C GLN C 53 2.79 32.30 -26.50
N MET C 54 1.74 31.52 -26.84
CA MET C 54 0.73 31.19 -25.83
C MET C 54 1.29 30.32 -24.71
N LYS C 55 2.19 29.38 -25.04
CA LYS C 55 2.77 28.51 -24.02
C LYS C 55 3.63 29.30 -23.04
N SER C 56 4.49 30.19 -23.56
CA SER C 56 5.33 31.03 -22.70
C SER C 56 4.50 31.95 -21.83
N GLU C 57 3.41 32.51 -22.39
CA GLU C 57 2.58 33.42 -21.60
C GLU C 57 1.87 32.68 -20.47
N ASN C 58 1.41 31.45 -20.72
CA ASN C 58 0.77 30.68 -19.65
C ASN C 58 1.75 30.28 -18.55
N GLU C 59 2.96 29.86 -18.93
CA GLU C 59 3.91 29.43 -17.91
C GLU C 59 4.48 30.61 -17.12
N ARG C 60 4.48 31.82 -17.71
CA ARG C 60 4.81 32.99 -16.90
C ARG C 60 3.65 33.34 -15.96
N LEU C 61 2.42 33.17 -16.44
CA LEU C 61 1.25 33.57 -15.65
C LEU C 61 1.10 32.70 -14.40
N GLN C 62 1.33 31.40 -14.53
CA GLN C 62 1.19 30.52 -13.37
C GLN C 62 2.28 30.80 -12.33
N GLU C 63 3.48 31.15 -12.78
CA GLU C 63 4.55 31.57 -11.88
C GLU C 63 4.18 32.84 -11.13
N GLU C 64 3.54 33.77 -11.83
CA GLU C 64 3.10 35.00 -11.17
C GLU C 64 1.98 34.76 -10.15
N LEU C 65 1.07 33.81 -10.43
CA LEU C 65 -0.17 33.75 -9.64
C LEU C 65 0.05 33.22 -8.23
N ASN C 66 0.81 32.14 -8.06
CA ASN C 66 0.92 31.46 -6.77
C ASN C 66 2.06 31.97 -5.91
N LYS C 67 2.53 33.20 -6.13
CA LYS C 67 3.64 33.75 -5.35
C LYS C 67 3.27 33.95 -3.89
N ASN C 68 2.01 34.33 -3.63
CA ASN C 68 1.57 34.68 -2.29
C ASN C 68 1.62 33.50 -1.33
N LEU C 69 1.21 32.33 -1.82
CA LEU C 69 1.32 31.10 -1.03
C LEU C 69 2.77 30.78 -0.68
N PHE C 70 3.66 30.90 -1.67
CA PHE C 70 5.07 30.59 -1.42
C PHE C 70 5.71 31.57 -0.45
N ASP C 71 5.24 32.81 -0.38
CA ASP C 71 5.81 33.73 0.61
C ASP C 71 5.51 33.28 2.04
N ASN C 72 4.26 32.88 2.31
CA ASN C 72 3.91 32.36 3.63
C ASN C 72 4.60 31.03 3.92
N LEU C 73 4.77 30.20 2.90
CA LEU C 73 5.36 28.89 3.12
C LEU C 73 6.86 29.01 3.43
N ILE C 74 7.57 29.87 2.69
CA ILE C 74 8.97 30.16 3.00
C ILE C 74 9.11 30.82 4.37
N GLU C 75 8.14 31.66 4.76
CA GLU C 75 8.14 32.20 6.13
C GLU C 75 8.02 31.10 7.19
N PHE C 76 7.14 30.12 6.97
CA PHE C 76 6.99 29.02 7.92
C PHE C 76 8.24 28.14 7.98
N LEU C 77 8.85 27.82 6.84
CA LEU C 77 10.09 27.05 6.88
C LEU C 77 11.29 27.84 7.39
N GLN C 78 11.26 29.18 7.36
CA GLN C 78 12.30 29.91 8.05
C GLN C 78 12.06 29.93 9.56
N LYS C 79 10.80 29.95 9.98
CA LYS C 79 10.49 29.88 11.40
C LYS C 79 10.88 28.53 12.01
N SER C 80 10.60 27.44 11.29
CA SER C 80 10.71 26.10 11.88
C SER C 80 12.14 25.69 12.18
N HIS C 81 13.08 26.07 11.31
CA HIS C 81 14.46 25.62 11.45
C HIS C 81 15.22 26.31 12.58
N SER C 82 14.65 27.36 13.18
CA SER C 82 15.27 28.02 14.32
C SER C 82 15.39 27.08 15.53
N GLY C 83 14.45 26.13 15.65
CA GLY C 83 14.55 25.14 16.71
C GLY C 83 15.73 24.21 16.56
N PHE C 84 16.05 23.82 15.32
CA PHE C 84 17.27 23.05 15.08
C PHE C 84 18.50 23.91 15.27
N GLN C 85 18.39 25.21 14.98
CA GLN C 85 19.51 26.12 15.20
C GLN C 85 19.84 26.24 16.69
N LYS C 86 18.82 26.25 17.55
CA LYS C 86 19.08 26.19 18.99
C LYS C 86 19.60 24.81 19.40
N ASN C 87 18.99 23.75 18.89
CA ASN C 87 19.37 22.39 19.27
C ASN C 87 20.57 21.91 18.46
N GLN C 94 20.96 15.91 21.95
CA GLN C 94 20.16 17.06 22.31
C GLN C 94 18.98 17.19 21.35
N ILE C 95 18.27 16.08 21.13
CA ILE C 95 17.05 16.14 20.34
C ILE C 95 15.94 16.88 21.09
N LYS C 96 15.92 16.71 22.42
CA LYS C 96 14.89 17.36 23.28
C LYS C 96 13.51 17.01 22.74
N LEU C 97 13.34 15.78 22.22
CA LEU C 97 12.04 15.33 21.65
C LEU C 97 11.44 16.39 20.73
N ARG C 98 12.23 16.83 19.73
CA ARG C 98 11.69 17.82 18.76
C ARG C 98 10.83 17.08 17.73
N GLU C 99 9.72 17.69 17.30
CA GLU C 99 8.86 17.09 16.29
C GLU C 99 9.36 17.40 14.90
N ILE C 100 8.86 16.66 13.92
CA ILE C 100 9.19 16.89 12.50
C ILE C 100 8.23 17.95 11.96
N PRO C 101 8.71 19.11 11.52
CA PRO C 101 7.81 20.12 10.97
C PRO C 101 7.24 19.70 9.62
N THR C 102 5.92 19.81 9.48
CA THR C 102 5.27 19.46 8.24
C THR C 102 4.23 20.51 7.87
N ALA C 103 4.01 20.64 6.57
CA ALA C 103 3.06 21.56 5.99
C ALA C 103 2.10 20.78 5.10
N ALA C 104 0.81 20.85 5.42
CA ALA C 104 -0.22 20.16 4.65
C ALA C 104 -0.69 21.07 3.54
N LEU C 105 -0.14 20.90 2.34
CA LEU C 105 -0.40 21.79 1.21
C LEU C 105 -1.67 21.31 0.51
N VAL C 106 -2.80 21.90 0.87
CA VAL C 106 -4.08 21.45 0.32
C VAL C 106 -4.20 21.96 -1.11
N LEU C 107 -3.92 21.08 -2.06
CA LEU C 107 -4.12 21.38 -3.46
C LEU C 107 -5.55 21.02 -3.87
N GLY C 108 -5.83 21.12 -5.16
CA GLY C 108 -7.17 20.88 -5.66
C GLY C 108 -7.46 19.42 -5.96
N VAL C 109 -8.67 19.21 -6.51
CA VAL C 109 -9.08 17.89 -6.96
C VAL C 109 -8.28 17.46 -8.18
N ASN C 110 -8.14 18.38 -9.12
CA ASN C 110 -7.41 18.10 -10.39
C ASN C 110 -6.02 17.52 -10.10
N VAL C 111 -5.53 16.69 -10.98
CA VAL C 111 -4.26 16.01 -10.78
C VAL C 111 -3.25 16.41 -11.85
N THR C 112 -3.72 16.92 -12.99
CA THR C 112 -2.86 17.14 -14.15
C THR C 112 -1.95 18.35 -13.98
N ASP C 113 -2.47 19.43 -13.40
CA ASP C 113 -1.72 20.68 -13.28
C ASP C 113 -0.80 20.74 -12.07
N HIS C 114 -0.88 19.77 -11.14
CA HIS C 114 -0.07 19.79 -9.93
C HIS C 114 1.42 19.73 -10.23
N ASP C 115 1.80 19.06 -11.32
CA ASP C 115 3.20 18.96 -11.70
C ASP C 115 3.78 20.32 -12.07
N LEU C 116 2.93 21.27 -12.47
CA LEU C 116 3.43 22.64 -12.57
C LEU C 116 3.59 23.28 -11.19
N THR C 117 2.59 23.09 -10.31
CA THR C 117 2.48 23.85 -9.06
C THR C 117 3.63 23.53 -8.12
N PHE C 118 4.08 22.29 -8.10
CA PHE C 118 5.22 21.95 -7.26
C PHE C 118 6.52 22.48 -7.83
N GLY C 119 6.65 22.52 -9.16
CA GLY C 119 7.93 22.80 -9.78
C GLY C 119 8.43 24.20 -9.49
N SER C 120 7.54 25.19 -9.65
CA SER C 120 7.83 26.57 -9.25
C SER C 120 8.16 26.65 -7.76
N LEU C 121 7.40 25.89 -6.95
CA LEU C 121 7.65 25.79 -5.51
C LEU C 121 9.06 25.31 -5.24
N THR C 122 9.50 24.30 -6.00
CA THR C 122 10.85 23.77 -5.84
C THR C 122 11.88 24.86 -6.09
N GLU C 123 11.67 25.64 -7.16
CA GLU C 123 12.62 26.69 -7.51
C GLU C 123 12.64 27.77 -6.45
N ALA C 124 11.46 28.07 -5.88
CA ALA C 124 11.36 29.10 -4.84
C ALA C 124 12.19 28.70 -3.63
N LEU C 125 12.11 27.42 -3.25
CA LEU C 125 12.90 26.95 -2.11
C LEU C 125 14.38 26.99 -2.44
N GLN C 126 14.74 26.61 -3.67
CA GLN C 126 16.15 26.62 -4.04
C GLN C 126 16.69 28.03 -4.16
N ASN C 127 15.83 29.05 -4.23
CA ASN C 127 16.35 30.40 -4.19
C ASN C 127 16.42 30.93 -2.76
N ASN C 128 15.58 30.43 -1.86
CA ASN C 128 15.40 31.11 -0.59
C ASN C 128 15.87 30.32 0.63
N VAL C 129 15.31 29.14 0.87
CA VAL C 129 15.54 28.47 2.15
C VAL C 129 16.75 27.53 2.07
N THR C 130 16.66 26.50 1.25
CA THR C 130 17.65 25.43 1.21
C THR C 130 18.19 25.31 -0.20
N PRO C 131 19.36 24.72 -0.38
CA PRO C 131 19.71 24.17 -1.69
C PRO C 131 19.37 22.70 -1.87
N TYR C 132 18.75 22.06 -0.87
CA TYR C 132 18.47 20.62 -0.90
C TYR C 132 16.95 20.43 -0.83
N VAL C 133 16.32 20.21 -1.98
CA VAL C 133 14.89 19.95 -2.07
C VAL C 133 14.70 18.75 -2.98
N VAL C 134 14.09 17.68 -2.46
CA VAL C 134 13.81 16.49 -3.25
C VAL C 134 12.31 16.18 -3.19
N SER C 135 11.79 15.62 -4.27
CA SER C 135 10.38 15.31 -4.40
C SER C 135 10.23 13.81 -4.66
N LEU C 136 9.32 13.18 -3.92
CA LEU C 136 9.04 11.76 -4.05
C LEU C 136 7.60 11.55 -4.47
N GLN C 137 7.34 10.36 -5.03
CA GLN C 137 6.03 10.02 -5.56
C GLN C 137 5.69 8.61 -5.09
N ALA C 138 4.38 8.33 -4.98
CA ALA C 138 3.96 7.06 -4.41
C ALA C 138 4.15 5.89 -5.36
N LYS C 139 4.19 6.14 -6.66
CA LYS C 139 4.23 5.07 -7.65
C LYS C 139 5.56 4.32 -7.63
N ASP C 140 6.65 4.99 -7.27
CA ASP C 140 7.97 4.38 -7.31
C ASP C 140 8.58 4.17 -5.93
N CYS C 141 7.76 4.14 -4.88
CA CYS C 141 8.21 3.79 -3.53
C CYS C 141 7.28 2.74 -2.91
N PRO C 142 7.39 1.48 -3.34
CA PRO C 142 6.49 0.46 -2.77
C PRO C 142 6.83 0.07 -1.35
N ASP C 143 8.11 0.01 -1.00
CA ASP C 143 8.60 -0.42 0.31
C ASP C 143 9.68 0.52 0.81
N MET C 144 10.14 0.27 2.04
CA MET C 144 11.11 1.14 2.70
C MET C 144 12.45 1.16 1.99
N LYS C 145 12.88 0.02 1.44
CA LYS C 145 14.19 -0.04 0.81
C LYS C 145 14.22 0.83 -0.44
N HIS C 146 13.15 0.77 -1.26
CA HIS C 146 13.09 1.60 -2.45
C HIS C 146 12.90 3.08 -2.09
N PHE C 147 12.14 3.34 -1.02
CA PHE C 147 11.91 4.70 -0.53
C PHE C 147 13.23 5.35 -0.15
N LEU C 148 14.02 4.67 0.68
CA LEU C 148 15.30 5.21 1.10
C LEU C 148 16.32 5.21 -0.02
N GLN C 149 16.22 4.27 -0.97
CA GLN C 149 17.13 4.27 -2.10
C GLN C 149 16.90 5.48 -2.99
N LYS C 150 15.64 5.83 -3.26
CA LYS C 150 15.42 7.00 -4.09
C LYS C 150 15.67 8.28 -3.31
N LEU C 151 15.48 8.25 -1.98
CA LEU C 151 15.83 9.39 -1.14
C LEU C 151 17.32 9.70 -1.23
N ILE C 152 18.17 8.69 -1.07
CA ILE C 152 19.61 8.95 -1.13
C ILE C 152 20.10 9.09 -2.57
N SER C 153 19.27 8.72 -3.56
CA SER C 153 19.66 9.03 -4.92
C SER C 153 19.40 10.50 -5.26
N GLN C 154 18.23 11.03 -4.90
CA GLN C 154 17.94 12.43 -5.20
C GLN C 154 18.74 13.39 -4.31
N LEU C 155 19.00 13.02 -3.04
CA LEU C 155 19.88 13.83 -2.20
C LEU C 155 21.30 13.90 -2.75
N MET C 156 21.83 12.78 -3.23
CA MET C 156 23.18 12.81 -3.79
C MET C 156 23.19 13.52 -5.14
N ASP C 157 22.10 13.41 -5.89
CA ASP C 157 21.99 14.09 -7.18
C ASP C 157 21.85 15.61 -7.02
N CYS C 158 21.22 16.06 -5.93
CA CYS C 158 21.03 17.48 -5.70
C CYS C 158 22.36 18.17 -5.39
N CYS C 159 23.25 17.48 -4.67
CA CYS C 159 24.56 18.03 -4.35
C CYS C 159 25.45 18.07 -5.59
N THR C 177 22.81 -0.14 -2.25
CA THR C 177 23.99 -0.62 -1.55
C THR C 177 23.72 -0.69 -0.05
N HIS C 178 22.50 -1.12 0.28
CA HIS C 178 21.98 -1.18 1.66
C HIS C 178 22.11 0.15 2.38
N TYR C 179 21.51 1.18 1.77
CA TYR C 179 21.46 2.50 2.38
C TYR C 179 20.54 2.49 3.60
N SER C 180 20.99 3.13 4.67
CA SER C 180 20.21 3.27 5.89
C SER C 180 20.19 4.73 6.30
N MET C 181 19.43 5.02 7.36
CA MET C 181 19.29 6.41 7.82
C MET C 181 20.62 6.95 8.35
N ASP C 182 21.45 6.07 8.91
CA ASP C 182 22.80 6.44 9.33
C ASP C 182 23.63 6.86 8.12
N SER C 183 23.44 6.20 6.97
CA SER C 183 24.15 6.60 5.76
C SER C 183 23.67 7.95 5.24
N LEU C 184 22.41 8.29 5.48
CA LEU C 184 21.93 9.63 5.17
C LEU C 184 22.59 10.67 6.06
N SER C 185 22.70 10.38 7.36
CA SER C 185 23.34 11.30 8.28
C SER C 185 24.83 11.45 8.00
N SER C 186 25.46 10.37 7.54
CA SER C 186 26.87 10.43 7.16
C SER C 186 27.08 11.35 5.96
N TRP C 187 26.18 11.27 4.98
CA TRP C 187 26.23 12.18 3.83
C TRP C 187 26.00 13.62 4.27
N TYR C 188 25.06 13.83 5.20
CA TYR C 188 24.75 15.18 5.66
C TYR C 188 25.93 15.81 6.38
N MET C 189 26.54 15.07 7.32
CA MET C 189 27.75 15.56 7.97
C MET C 189 28.96 15.60 7.05
N THR C 190 28.91 14.90 5.92
CA THR C 190 29.96 15.10 4.92
C THR C 190 29.79 16.45 4.21
N VAL C 191 28.57 16.76 3.77
CA VAL C 191 28.41 17.91 2.88
C VAL C 191 28.37 19.23 3.68
N THR C 192 27.68 19.25 4.83
CA THR C 192 27.50 20.51 5.56
C THR C 192 28.80 20.97 6.20
N GLN C 193 29.33 20.18 7.14
CA GLN C 193 30.48 20.50 8.01
C GLN C 193 30.31 21.83 8.75
N SER C 212 24.23 22.75 7.87
CA SER C 212 23.57 24.02 8.19
C SER C 212 22.15 24.21 7.58
N PRO C 213 21.89 23.96 6.29
CA PRO C 213 20.52 24.11 5.79
C PRO C 213 19.71 22.87 6.06
N PRO C 214 18.38 22.97 6.08
CA PRO C 214 17.57 21.75 6.17
C PRO C 214 17.51 20.98 4.87
N VAL C 215 16.92 19.79 4.89
CA VAL C 215 16.57 19.05 3.69
C VAL C 215 15.05 18.92 3.62
N VAL C 216 14.51 19.13 2.44
CA VAL C 216 13.08 19.30 2.24
C VAL C 216 12.57 18.18 1.35
N VAL C 217 11.69 17.34 1.88
CA VAL C 217 11.10 16.24 1.14
C VAL C 217 9.66 16.58 0.83
N ILE C 218 9.32 16.59 -0.46
CA ILE C 218 7.96 16.89 -0.90
C ILE C 218 7.31 15.59 -1.33
N LEU C 219 6.28 15.18 -0.60
CA LEU C 219 5.45 14.04 -1.00
C LEU C 219 4.34 14.56 -1.89
N LYS C 220 4.43 14.27 -3.20
CA LYS C 220 3.55 14.90 -4.18
C LYS C 220 2.11 14.40 -4.06
N ASP C 221 1.92 13.10 -3.89
CA ASP C 221 0.59 12.48 -3.93
C ASP C 221 0.35 11.73 -2.62
N MET C 222 -0.16 12.47 -1.63
CA MET C 222 -0.36 11.95 -0.28
C MET C 222 -1.35 10.79 -0.26
N GLU C 223 -2.34 10.82 -1.16
CA GLU C 223 -3.43 9.85 -1.17
C GLU C 223 -2.90 8.46 -1.48
N SER C 224 -1.95 8.36 -2.40
CA SER C 224 -1.60 7.08 -3.01
C SER C 224 -0.56 6.27 -2.22
N PHE C 225 0.16 6.89 -1.27
CA PHE C 225 1.18 6.16 -0.52
C PHE C 225 0.64 5.00 0.29
N ALA C 226 1.46 3.96 0.41
CA ALA C 226 1.21 2.87 1.35
C ALA C 226 1.33 3.38 2.78
N THR C 227 0.47 2.86 3.64
CA THR C 227 0.43 3.28 5.04
C THR C 227 1.73 2.92 5.77
N LYS C 228 2.27 1.73 5.49
CA LYS C 228 3.41 1.20 6.23
C LYS C 228 4.67 2.01 6.01
N VAL C 229 4.92 2.45 4.77
CA VAL C 229 6.13 3.23 4.53
C VAL C 229 6.04 4.63 5.12
N LEU C 230 4.84 5.20 5.23
CA LEU C 230 4.69 6.49 5.88
C LEU C 230 4.95 6.39 7.37
N GLN C 231 4.35 5.39 8.03
CA GLN C 231 4.58 5.26 9.47
C GLN C 231 6.02 4.89 9.79
N ASP C 232 6.63 4.03 8.96
CA ASP C 232 8.01 3.65 9.22
C ASP C 232 8.97 4.79 8.96
N PHE C 233 8.73 5.59 7.91
CA PHE C 233 9.61 6.73 7.65
C PHE C 233 9.50 7.78 8.74
N ILE C 234 8.29 8.05 9.24
CA ILE C 234 8.13 9.04 10.31
C ILE C 234 8.82 8.57 11.58
N ILE C 235 8.63 7.29 11.96
CA ILE C 235 9.20 6.79 13.21
C ILE C 235 10.73 6.71 13.13
N ILE C 236 11.29 6.26 11.99
CA ILE C 236 12.74 6.21 11.85
C ILE C 236 13.34 7.62 11.83
N SER C 237 12.74 8.54 11.07
CA SER C 237 13.33 9.87 10.93
C SER C 237 13.20 10.69 12.20
N SER C 238 12.17 10.42 13.01
CA SER C 238 11.95 11.20 14.23
C SER C 238 13.05 10.99 15.27
N GLN C 239 13.66 9.81 15.29
CA GLN C 239 14.69 9.53 16.30
C GLN C 239 15.99 10.27 15.99
N HIS C 240 16.36 10.37 14.72
CA HIS C 240 17.67 10.89 14.33
C HIS C 240 17.60 12.28 13.72
N LEU C 241 16.54 13.05 13.98
CA LEU C 241 16.41 14.36 13.34
C LEU C 241 17.41 15.37 13.87
N HIS C 242 18.02 15.12 15.04
CA HIS C 242 18.94 16.10 15.60
C HIS C 242 20.24 16.18 14.82
N GLU C 243 20.57 15.14 14.02
CA GLU C 243 21.67 15.29 13.07
C GLU C 243 21.20 15.32 11.63
N PHE C 244 19.89 15.19 11.39
CA PHE C 244 19.32 15.20 10.04
C PHE C 244 18.02 16.00 10.05
N PRO C 245 18.10 17.33 9.87
CA PRO C 245 16.89 18.16 9.94
C PRO C 245 15.98 17.90 8.76
N LEU C 246 14.71 17.65 9.04
CA LEU C 246 13.78 17.17 8.04
C LEU C 246 12.49 17.98 8.12
N ILE C 247 12.07 18.52 6.98
CA ILE C 247 10.83 19.29 6.88
C ILE C 247 9.99 18.68 5.77
N LEU C 248 8.77 18.25 6.09
CA LEU C 248 7.94 17.52 5.15
C LEU C 248 6.78 18.39 4.67
N ILE C 249 6.57 18.45 3.36
CA ILE C 249 5.35 19.00 2.77
C ILE C 249 4.53 17.86 2.18
N PHE C 250 3.28 17.76 2.62
CA PHE C 250 2.35 16.74 2.16
C PHE C 250 1.44 17.33 1.09
N GLY C 251 1.50 16.76 -0.11
CA GLY C 251 0.67 17.23 -1.21
C GLY C 251 -0.68 16.55 -1.24
N ILE C 252 -1.69 17.24 -0.73
CA ILE C 252 -2.97 16.64 -0.38
C ILE C 252 -4.02 17.11 -1.38
N ALA C 253 -4.61 16.17 -2.11
CA ALA C 253 -5.65 16.54 -3.07
C ALA C 253 -6.95 16.91 -2.37
N THR C 254 -7.45 16.04 -1.49
CA THR C 254 -8.76 16.23 -0.86
C THR C 254 -8.58 16.96 0.48
N SER C 255 -9.58 16.85 1.37
CA SER C 255 -9.57 17.48 2.69
C SER C 255 -8.42 16.93 3.54
N PRO C 256 -7.98 17.67 4.59
CA PRO C 256 -6.88 17.18 5.42
C PRO C 256 -7.22 16.01 6.34
N ILE C 257 -8.47 15.53 6.36
CA ILE C 257 -8.83 14.37 7.18
C ILE C 257 -8.15 13.09 6.70
N ILE C 258 -7.63 13.10 5.47
CA ILE C 258 -6.84 11.99 4.96
C ILE C 258 -5.58 11.77 5.81
N ILE C 259 -5.05 12.84 6.43
CA ILE C 259 -3.92 12.70 7.34
C ILE C 259 -4.31 11.82 8.53
N HIS C 260 -5.55 11.96 9.00
CA HIS C 260 -6.03 11.08 10.05
C HIS C 260 -6.17 9.65 9.55
N ARG C 261 -6.61 9.47 8.29
CA ARG C 261 -6.97 8.13 7.83
C ARG C 261 -5.75 7.26 7.64
N LEU C 262 -4.72 7.79 6.99
CA LEU C 262 -3.50 7.00 6.77
C LEU C 262 -2.66 6.90 8.05
N LEU C 263 -2.52 7.98 8.80
CA LEU C 263 -1.61 7.97 9.93
C LEU C 263 -2.37 7.86 11.24
N PRO C 264 -2.03 6.88 12.07
CA PRO C 264 -2.68 6.73 13.37
C PRO C 264 -2.22 7.79 14.37
N HIS C 265 -2.92 7.85 15.50
CA HIS C 265 -2.68 8.88 16.50
C HIS C 265 -1.33 8.73 17.18
N ALA C 266 -0.84 7.50 17.29
CA ALA C 266 0.50 7.28 17.84
C ALA C 266 1.60 7.83 16.93
N VAL C 267 1.30 8.02 15.65
CA VAL C 267 2.27 8.58 14.72
C VAL C 267 1.94 10.02 14.36
N SER C 268 0.67 10.44 14.43
CA SER C 268 0.29 11.80 14.09
C SER C 268 0.69 12.82 15.15
N SER C 269 1.14 12.39 16.32
CA SER C 269 1.63 13.29 17.35
C SER C 269 3.12 13.55 17.26
N LEU C 270 3.80 12.95 16.27
CA LEU C 270 5.21 13.21 16.03
C LEU C 270 5.43 14.32 15.01
N LEU C 271 4.37 14.97 14.55
CA LEU C 271 4.45 16.01 13.54
C LEU C 271 3.88 17.32 14.06
N CYS C 272 4.59 18.41 13.80
CA CYS C 272 4.06 19.76 13.98
C CYS C 272 3.47 20.20 12.65
N ILE C 273 2.14 20.27 12.58
CA ILE C 273 1.43 20.39 11.32
C ILE C 273 0.82 21.78 11.20
N GLU C 274 0.99 22.41 10.04
CA GLU C 274 0.40 23.70 9.74
C GLU C 274 -0.27 23.64 8.39
N LEU C 275 -1.50 24.15 8.31
CA LEU C 275 -2.31 24.00 7.12
C LEU C 275 -2.07 25.13 6.13
N PHE C 276 -2.06 24.78 4.84
CA PHE C 276 -1.95 25.77 3.78
C PHE C 276 -2.95 25.45 2.68
N GLN C 277 -3.52 26.49 2.09
CA GLN C 277 -4.47 26.36 0.99
C GLN C 277 -3.90 27.03 -0.25
N SER C 278 -4.09 26.38 -1.40
CA SER C 278 -3.52 26.82 -2.65
C SER C 278 -4.53 27.63 -3.46
N LEU C 279 -4.22 27.79 -4.74
CA LEU C 279 -5.08 28.51 -5.68
C LEU C 279 -6.41 27.77 -5.88
N SER C 280 -7.40 28.51 -6.35
CA SER C 280 -8.63 27.90 -6.82
C SER C 280 -8.55 27.70 -8.32
N CYS C 281 -9.16 26.62 -8.81
CA CYS C 281 -9.09 26.30 -10.24
C CYS C 281 -9.85 27.30 -11.08
N LYS C 282 -10.98 27.79 -10.56
CA LYS C 282 -11.80 28.77 -11.27
C LYS C 282 -11.05 30.07 -11.50
N GLU C 283 -10.31 30.54 -10.50
CA GLU C 283 -9.54 31.78 -10.63
C GLU C 283 -8.45 31.65 -11.67
N HIS C 284 -7.78 30.50 -11.71
CA HIS C 284 -6.75 30.27 -12.73
C HIS C 284 -7.38 30.23 -14.11
N LEU C 285 -8.58 29.66 -14.23
CA LEU C 285 -9.29 29.62 -15.52
C LEU C 285 -9.61 31.02 -16.03
N THR C 286 -10.23 31.86 -15.18
CA THR C 286 -10.59 33.21 -15.62
C THR C 286 -9.37 34.04 -15.93
N THR C 287 -8.30 33.85 -15.15
CA THR C 287 -7.06 34.58 -15.40
C THR C 287 -6.43 34.17 -16.73
N VAL C 288 -6.40 32.86 -17.03
CA VAL C 288 -5.74 32.44 -18.27
C VAL C 288 -6.61 32.78 -19.49
N LEU C 289 -7.95 32.82 -19.32
CA LEU C 289 -8.80 33.30 -20.40
C LEU C 289 -8.61 34.79 -20.65
N ASP C 290 -8.45 35.58 -19.59
CA ASP C 290 -8.21 37.01 -19.77
C ASP C 290 -6.87 37.28 -20.42
N LYS C 291 -5.89 36.42 -20.17
CA LYS C 291 -4.57 36.70 -20.72
C LYS C 291 -4.25 35.93 -21.99
N LEU C 292 -5.15 35.06 -22.48
CA LEU C 292 -4.93 34.41 -23.78
C LEU C 292 -5.95 34.81 -24.83
N LEU C 293 -7.25 34.63 -24.57
CA LEU C 293 -8.24 34.95 -25.59
C LEU C 293 -8.52 36.45 -25.64
N LEU C 294 -8.92 37.04 -24.50
CA LEU C 294 -9.47 38.40 -24.51
C LEU C 294 -8.41 39.45 -24.84
N THR C 295 -7.14 39.14 -24.66
CA THR C 295 -6.09 40.03 -25.15
C THR C 295 -6.06 40.07 -26.67
N THR C 296 -5.72 41.24 -27.20
CA THR C 296 -5.64 41.49 -28.63
C THR C 296 -4.24 41.16 -29.17
N GLN C 297 -3.31 40.81 -28.26
CA GLN C 297 -1.95 40.47 -28.62
C GLN C 297 -1.89 39.23 -29.52
N PHE C 298 -2.72 38.23 -29.23
CA PHE C 298 -2.71 37.04 -30.07
C PHE C 298 -3.74 37.18 -31.20
N PRO C 299 -3.35 36.92 -32.45
CA PRO C 299 -4.28 37.12 -33.56
C PRO C 299 -5.38 36.08 -33.65
N PHE C 300 -5.14 34.85 -33.20
CA PHE C 300 -6.13 33.79 -33.30
C PHE C 300 -7.21 33.94 -32.24
N LYS C 301 -8.45 33.62 -32.60
CA LYS C 301 -9.56 33.64 -31.67
C LYS C 301 -10.37 32.34 -31.83
N ILE C 302 -11.30 32.12 -30.91
CA ILE C 302 -12.22 30.98 -31.00
C ILE C 302 -13.65 31.48 -30.97
N ASN C 303 -14.54 30.68 -31.52
CA ASN C 303 -15.96 30.99 -31.66
C ASN C 303 -16.69 30.78 -30.33
N GLU C 304 -18.00 31.00 -30.35
CA GLU C 304 -18.81 30.83 -29.15
C GLU C 304 -19.03 29.36 -28.82
N LYS C 305 -19.28 28.52 -29.83
CA LYS C 305 -19.61 27.12 -29.57
C LYS C 305 -18.38 26.31 -29.14
N VAL C 306 -17.22 26.64 -29.71
CA VAL C 306 -15.97 26.02 -29.27
C VAL C 306 -15.69 26.38 -27.81
N LEU C 307 -15.97 27.63 -27.44
CA LEU C 307 -15.81 28.08 -26.07
C LEU C 307 -16.80 27.37 -25.13
N GLN C 308 -18.03 27.14 -25.60
CA GLN C 308 -19.00 26.39 -24.80
C GLN C 308 -18.55 24.95 -24.58
N VAL C 309 -17.97 24.32 -25.62
CA VAL C 309 -17.51 22.94 -25.49
C VAL C 309 -16.36 22.85 -24.49
N LEU C 310 -15.37 23.75 -24.61
CA LEU C 310 -14.23 23.70 -23.71
C LEU C 310 -14.60 24.11 -22.29
N THR C 311 -15.61 24.95 -22.12
CA THR C 311 -16.05 25.32 -20.78
C THR C 311 -16.90 24.23 -20.14
N ASN C 312 -17.71 23.52 -20.93
CA ASN C 312 -18.50 22.42 -20.39
C ASN C 312 -17.63 21.25 -19.97
N ILE C 313 -16.62 20.90 -20.76
CA ILE C 313 -15.76 19.73 -20.41
C ILE C 313 -14.88 20.09 -19.21
N PHE C 314 -14.88 21.36 -18.80
CA PHE C 314 -14.11 21.80 -17.60
C PHE C 314 -15.07 21.83 -16.42
N LEU C 315 -16.04 22.75 -16.45
CA LEU C 315 -17.00 22.93 -15.33
C LEU C 315 -17.61 21.58 -14.93
N TYR C 316 -18.05 20.78 -15.91
CA TYR C 316 -18.80 19.53 -15.57
C TYR C 316 -17.92 18.33 -15.25
N HIS C 317 -16.80 18.12 -15.96
CA HIS C 317 -16.05 16.88 -15.73
C HIS C 317 -14.83 17.04 -14.85
N ASP C 318 -13.91 17.93 -15.17
CA ASP C 318 -12.69 18.06 -14.38
C ASP C 318 -12.13 19.46 -14.44
N PHE C 319 -11.72 19.99 -13.29
CA PHE C 319 -11.21 21.36 -13.21
C PHE C 319 -9.73 21.43 -13.59
N SER C 320 -9.41 20.99 -14.80
CA SER C 320 -8.04 20.96 -15.28
C SER C 320 -7.87 22.04 -16.35
N VAL C 321 -7.01 23.02 -16.06
CA VAL C 321 -6.74 24.07 -17.03
C VAL C 321 -5.83 23.55 -18.15
N GLN C 322 -5.06 22.50 -17.88
CA GLN C 322 -4.17 21.98 -18.91
C GLN C 322 -4.95 21.29 -20.03
N ASN C 323 -6.14 20.76 -19.73
CA ASN C 323 -7.00 20.27 -20.81
C ASN C 323 -7.59 21.40 -21.63
N PHE C 324 -7.80 22.58 -21.03
CA PHE C 324 -8.20 23.75 -21.80
C PHE C 324 -7.08 24.19 -22.73
N ILE C 325 -5.83 24.13 -22.26
CA ILE C 325 -4.71 24.48 -23.12
C ILE C 325 -4.55 23.46 -24.24
N LYS C 326 -4.81 22.18 -23.95
CA LYS C 326 -4.84 21.15 -24.99
C LYS C 326 -5.91 21.43 -26.03
N GLY C 327 -7.10 21.84 -25.59
CA GLY C 327 -8.16 22.16 -26.53
C GLY C 327 -7.84 23.37 -27.39
N LEU C 328 -7.18 24.37 -26.81
CA LEU C 328 -6.77 25.53 -27.59
C LEU C 328 -5.69 25.16 -28.61
N GLN C 329 -4.75 24.28 -28.23
CA GLN C 329 -3.74 23.83 -29.18
C GLN C 329 -4.36 23.05 -30.32
N LEU C 330 -5.33 22.19 -30.02
CA LEU C 330 -6.01 21.40 -31.04
C LEU C 330 -6.83 22.28 -31.99
N SER C 331 -7.52 23.29 -31.44
CA SER C 331 -8.27 24.22 -32.27
C SER C 331 -7.35 25.03 -33.17
N LEU C 332 -6.19 25.42 -32.64
CA LEU C 332 -5.17 26.11 -33.44
C LEU C 332 -4.67 25.24 -34.58
N LEU C 333 -4.43 23.95 -34.30
CA LEU C 333 -3.90 23.06 -35.32
C LEU C 333 -4.93 22.80 -36.41
N GLU C 334 -6.20 22.61 -36.04
CA GLU C 334 -7.21 22.40 -37.07
C GLU C 334 -7.52 23.67 -37.87
N HIS C 335 -7.43 24.84 -37.24
CA HIS C 335 -7.71 26.07 -37.98
C HIS C 335 -6.58 26.41 -38.94
N PHE C 336 -5.33 26.15 -38.56
CA PHE C 336 -4.23 26.39 -39.49
C PHE C 336 -3.99 25.23 -40.44
N TYR C 337 -4.62 24.08 -40.22
CA TYR C 337 -4.49 22.99 -41.16
C TYR C 337 -5.61 22.99 -42.20
N SER C 338 -6.80 23.48 -41.83
CA SER C 338 -7.91 23.44 -42.77
C SER C 338 -7.87 24.60 -43.77
N GLN C 339 -7.81 25.84 -43.29
CA GLN C 339 -8.07 27.01 -44.13
C GLN C 339 -6.80 27.53 -44.78
N PRO C 340 -6.75 27.62 -46.12
CA PRO C 340 -5.54 28.13 -46.78
C PRO C 340 -5.27 29.60 -46.56
N LEU C 341 -6.31 30.43 -46.44
CA LEU C 341 -6.11 31.87 -46.30
C LEU C 341 -5.81 32.31 -44.88
N SER C 342 -5.73 31.37 -43.93
CA SER C 342 -5.32 31.64 -42.56
C SER C 342 -3.85 32.02 -42.43
N VAL C 343 -3.09 32.04 -43.54
CA VAL C 343 -1.80 32.71 -43.58
C VAL C 343 -1.94 34.20 -43.27
N LEU C 344 -3.11 34.80 -43.57
CA LEU C 344 -3.29 36.21 -43.24
C LEU C 344 -3.54 36.45 -41.76
N CYS C 345 -3.73 35.41 -40.96
CA CYS C 345 -3.99 35.54 -39.51
C CYS C 345 -2.66 35.74 -38.80
N CYS C 346 -2.22 37.01 -38.76
CA CYS C 346 -0.97 37.39 -38.11
C CYS C 346 -1.16 38.77 -37.49
N ASN C 347 -0.08 39.31 -36.93
CA ASN C 347 -0.06 40.71 -36.54
C ASN C 347 -0.17 41.60 -37.78
N LEU C 348 -0.77 42.78 -37.60
CA LEU C 348 -1.19 43.63 -38.71
C LEU C 348 -0.08 44.07 -39.69
N PRO C 349 1.15 44.46 -39.27
CA PRO C 349 2.18 44.72 -40.28
C PRO C 349 2.51 43.52 -41.14
N GLU C 350 2.79 42.38 -40.51
CA GLU C 350 3.05 41.15 -41.25
C GLU C 350 1.81 40.71 -42.03
N ALA C 351 0.62 40.97 -41.50
CA ALA C 351 -0.61 40.64 -42.22
C ALA C 351 -0.71 41.40 -43.53
N LYS C 352 -0.37 42.70 -43.54
CA LYS C 352 -0.52 43.43 -44.79
C LYS C 352 0.64 43.18 -45.76
N ARG C 353 1.86 42.92 -45.27
CA ARG C 353 2.92 42.50 -46.20
C ARG C 353 2.64 41.11 -46.78
N ARG C 354 1.97 40.25 -46.03
CA ARG C 354 1.56 38.96 -46.58
C ARG C 354 0.41 39.10 -47.57
N ILE C 355 -0.49 40.07 -47.33
CA ILE C 355 -1.54 40.37 -48.30
C ILE C 355 -0.94 40.84 -49.62
N ASN C 356 0.11 41.68 -49.54
CA ASN C 356 0.67 42.34 -50.72
C ASN C 356 1.22 41.34 -51.75
N PHE C 357 1.86 40.27 -51.30
CA PHE C 357 2.38 39.22 -52.19
C PHE C 357 1.58 37.94 -51.97
N LEU C 358 0.71 37.62 -52.93
CA LEU C 358 -0.12 36.42 -52.90
C LEU C 358 -0.18 35.79 -54.29
N SER C 359 -0.53 34.51 -54.31
CA SER C 359 -0.88 33.84 -55.57
C SER C 359 -2.30 34.19 -55.99
N ASN C 360 -2.60 33.89 -57.26
CA ASN C 360 -3.92 34.15 -57.83
C ASN C 360 -4.96 33.28 -57.13
N ASN C 361 -4.61 32.03 -56.82
CA ASN C 361 -5.53 31.09 -56.20
C ASN C 361 -5.92 31.55 -54.80
N GLN C 362 -4.96 32.09 -54.04
CA GLN C 362 -5.29 32.67 -52.75
C GLN C 362 -6.18 33.91 -52.91
N CYS C 363 -5.96 34.69 -53.96
CA CYS C 363 -6.80 35.85 -54.21
C CYS C 363 -8.25 35.46 -54.51
N GLU C 364 -8.46 34.41 -55.31
CA GLU C 364 -9.82 33.97 -55.59
C GLU C 364 -10.44 33.25 -54.40
N ASN C 365 -9.61 32.64 -53.55
CA ASN C 365 -10.09 32.12 -52.28
C ASN C 365 -10.60 33.24 -51.39
N ILE C 366 -9.92 34.38 -51.39
CA ILE C 366 -10.44 35.57 -50.72
C ILE C 366 -11.74 36.04 -51.37
N ARG C 367 -11.79 35.98 -52.72
CA ARG C 367 -12.96 36.46 -53.45
C ARG C 367 -14.21 35.63 -53.19
N ARG C 368 -14.05 34.34 -52.89
CA ARG C 368 -15.19 33.46 -52.68
C ARG C 368 -15.52 33.24 -51.20
N LEU C 369 -14.93 34.02 -50.30
CA LEU C 369 -15.29 33.94 -48.90
C LEU C 369 -16.71 34.48 -48.71
N PRO C 370 -17.57 33.81 -47.92
CA PRO C 370 -18.95 34.30 -47.75
C PRO C 370 -19.09 35.67 -47.11
N SER C 371 -18.19 36.05 -46.20
CA SER C 371 -18.24 37.38 -45.61
C SER C 371 -17.96 38.45 -46.65
N PHE C 372 -16.97 38.23 -47.52
CA PHE C 372 -16.71 39.15 -48.60
C PHE C 372 -17.83 39.11 -49.64
N ARG C 373 -18.44 37.93 -49.85
CA ARG C 373 -19.53 37.81 -50.81
C ARG C 373 -20.76 38.58 -50.39
N ARG C 374 -21.04 38.64 -49.09
CA ARG C 374 -22.10 39.55 -48.67
C ARG C 374 -21.60 40.99 -48.55
N TYR C 375 -20.29 41.20 -48.39
CA TYR C 375 -19.77 42.57 -48.34
C TYR C 375 -19.95 43.30 -49.66
N VAL C 376 -19.69 42.62 -50.77
CA VAL C 376 -19.85 43.27 -52.08
C VAL C 376 -21.34 43.51 -52.37
N GLU C 377 -22.22 42.70 -51.78
CA GLU C 377 -23.65 42.82 -52.09
C GLU C 377 -24.26 44.07 -51.47
N LYS C 378 -23.79 44.48 -50.30
CA LYS C 378 -24.21 45.76 -49.73
C LYS C 378 -23.35 46.93 -50.21
N GLN C 379 -22.35 46.68 -51.05
CA GLN C 379 -21.44 47.72 -51.50
C GLN C 379 -22.00 48.30 -52.80
N ALA C 380 -21.46 49.43 -53.27
CA ALA C 380 -22.04 50.15 -54.39
C ALA C 380 -21.74 49.44 -55.72
N SER C 381 -22.62 49.72 -56.70
CA SER C 381 -22.72 48.88 -57.89
C SER C 381 -21.49 48.99 -58.79
N GLU C 382 -20.89 50.17 -58.87
CA GLU C 382 -19.58 50.29 -59.53
C GLU C 382 -18.51 49.54 -58.75
N LYS C 383 -18.57 49.61 -57.42
CA LYS C 383 -17.55 48.99 -56.60
C LYS C 383 -17.67 47.46 -56.61
N GLN C 384 -18.87 46.94 -56.93
CA GLN C 384 -19.05 45.50 -57.11
C GLN C 384 -18.17 44.95 -58.21
N VAL C 385 -18.21 45.55 -59.40
CA VAL C 385 -17.32 45.06 -60.46
C VAL C 385 -15.88 45.48 -60.19
N ALA C 386 -15.68 46.60 -59.47
CA ALA C 386 -14.33 47.05 -59.14
C ALA C 386 -13.58 46.04 -58.30
N LEU C 387 -14.26 45.42 -57.33
CA LEU C 387 -13.60 44.40 -56.50
C LEU C 387 -13.34 43.11 -57.26
N LEU C 388 -14.35 42.60 -57.97
CA LEU C 388 -14.23 41.27 -58.55
C LEU C 388 -13.31 41.25 -59.78
N THR C 389 -13.35 42.28 -60.63
CA THR C 389 -12.52 42.22 -61.84
C THR C 389 -11.04 42.42 -61.54
N ASN C 390 -10.69 43.32 -60.62
CA ASN C 390 -9.31 43.72 -60.42
C ASN C 390 -8.79 43.17 -59.09
N GLU C 391 -7.68 42.44 -59.14
CA GLU C 391 -7.07 41.89 -57.93
C GLU C 391 -6.31 42.96 -57.14
N ARG C 392 -5.82 43.99 -57.83
CA ARG C 392 -5.04 45.04 -57.16
C ARG C 392 -5.92 45.88 -56.25
N TYR C 393 -7.16 46.10 -56.65
CA TYR C 393 -8.13 46.73 -55.77
C TYR C 393 -8.45 45.84 -54.58
N LEU C 394 -8.49 44.53 -54.81
CA LEU C 394 -8.78 43.56 -53.75
C LEU C 394 -7.68 43.55 -52.69
N LYS C 395 -6.41 43.67 -53.11
CA LYS C 395 -5.30 43.65 -52.16
C LYS C 395 -5.33 44.87 -51.23
N GLU C 396 -5.80 46.01 -51.73
CA GLU C 396 -5.95 47.17 -50.87
C GLU C 396 -7.16 47.02 -49.95
N GLU C 397 -8.27 46.51 -50.50
CA GLU C 397 -9.51 46.43 -49.75
C GLU C 397 -9.42 45.46 -48.58
N THR C 398 -8.74 44.32 -48.77
CA THR C 398 -8.59 43.38 -47.67
C THR C 398 -7.72 43.93 -46.55
N GLN C 399 -6.70 44.73 -46.90
CA GLN C 399 -5.90 45.42 -45.88
C GLN C 399 -6.77 46.36 -45.06
N LEU C 400 -7.62 47.13 -45.75
CA LEU C 400 -8.53 48.04 -45.05
C LEU C 400 -9.51 47.28 -44.15
N LEU C 401 -10.06 46.17 -44.65
CA LEU C 401 -11.01 45.37 -43.87
C LEU C 401 -10.36 44.72 -42.66
N LEU C 402 -9.11 44.25 -42.79
CA LEU C 402 -8.43 43.63 -41.67
C LEU C 402 -8.08 44.65 -40.59
N GLU C 403 -7.68 45.86 -40.99
CA GLU C 403 -7.43 46.91 -39.99
C GLU C 403 -8.73 47.31 -39.29
N ASN C 404 -9.85 47.34 -40.02
CA ASN C 404 -11.14 47.59 -39.41
C ASN C 404 -11.53 46.49 -38.42
N LEU C 405 -11.22 45.23 -38.76
CA LEU C 405 -11.50 44.13 -37.84
C LEU C 405 -10.66 44.23 -36.57
N HIS C 406 -9.39 44.60 -36.70
CA HIS C 406 -8.53 44.71 -35.52
C HIS C 406 -8.97 45.83 -34.59
N VAL C 407 -9.34 46.99 -35.15
CA VAL C 407 -9.82 48.05 -34.25
C VAL C 407 -11.19 47.72 -33.69
N TYR C 408 -11.98 46.89 -34.39
CA TYR C 408 -13.24 46.40 -33.81
C TYR C 408 -12.96 45.53 -32.59
N HIS C 409 -11.94 44.67 -32.69
CA HIS C 409 -11.57 43.84 -31.53
C HIS C 409 -11.10 44.69 -30.36
N MET C 410 -10.28 45.71 -30.61
CA MET C 410 -9.76 46.54 -29.51
C MET C 410 -10.88 47.28 -28.79
N ASN C 411 -11.80 47.88 -29.57
CA ASN C 411 -12.95 48.55 -28.99
C ASN C 411 -13.86 47.57 -28.25
N TYR C 412 -14.04 46.36 -28.81
CA TYR C 412 -14.93 45.37 -28.22
C TYR C 412 -14.42 44.91 -26.87
N PHE C 413 -13.11 44.65 -26.76
CA PHE C 413 -12.58 44.17 -25.49
C PHE C 413 -12.53 45.26 -24.44
N LEU C 414 -12.23 46.52 -24.84
CA LEU C 414 -12.21 47.61 -23.86
C LEU C 414 -13.60 47.88 -23.29
N VAL C 415 -14.62 47.93 -24.16
CA VAL C 415 -16.00 48.11 -23.69
C VAL C 415 -16.45 46.90 -22.89
N LEU C 416 -15.92 45.71 -23.20
CA LEU C 416 -16.22 44.50 -22.44
C LEU C 416 -15.74 44.60 -21.00
N ARG C 417 -14.50 45.09 -20.79
CA ARG C 417 -14.00 45.25 -19.42
C ARG C 417 -14.81 46.29 -18.65
N CYS C 418 -15.19 47.39 -19.30
CA CYS C 418 -16.00 48.41 -18.61
C CYS C 418 -17.39 47.88 -18.23
N LEU C 419 -18.01 47.14 -19.15
CA LEU C 419 -19.31 46.52 -18.85
C LEU C 419 -19.17 45.48 -17.75
N HIS C 420 -18.03 44.79 -17.66
CA HIS C 420 -17.81 43.91 -16.53
C HIS C 420 -17.68 44.65 -15.21
N LYS C 421 -17.12 45.87 -15.23
CA LYS C 421 -17.05 46.65 -13.99
C LYS C 421 -18.45 47.01 -13.49
N PHE C 422 -19.30 47.50 -14.38
CA PHE C 422 -20.73 47.66 -14.06
C PHE C 422 -21.40 46.36 -13.65
N THR C 423 -21.04 45.23 -14.28
CA THR C 423 -21.67 43.96 -13.98
C THR C 423 -21.32 43.46 -12.59
N SER C 424 -20.04 43.56 -12.22
CA SER C 424 -19.59 43.09 -10.91
C SER C 424 -20.04 44.02 -9.80
N SER C 425 -20.21 45.32 -10.10
CA SER C 425 -20.63 46.26 -9.07
C SER C 425 -22.05 45.99 -8.59
N LEU C 426 -22.91 45.52 -9.49
CA LEU C 426 -24.30 45.24 -9.16
C LEU C 426 -24.38 44.06 -8.18
N PRO C 427 -25.34 44.06 -7.25
CA PRO C 427 -25.43 42.92 -6.32
C PRO C 427 -25.95 41.63 -6.92
N LYS C 428 -26.98 41.69 -7.77
CA LYS C 428 -27.74 40.50 -8.14
C LYS C 428 -27.06 39.61 -9.19
N TYR C 429 -26.03 40.12 -9.86
CA TYR C 429 -25.26 39.37 -10.88
C TYR C 429 -26.08 38.75 -12.00
N PRO C 430 -26.73 39.54 -12.87
CA PRO C 430 -27.65 38.93 -13.85
C PRO C 430 -26.96 38.18 -14.98
N LEU C 431 -26.05 38.84 -15.70
CA LEU C 431 -25.47 38.23 -16.89
C LEU C 431 -24.44 37.18 -16.49
N GLY C 432 -23.64 37.48 -15.49
CA GLY C 432 -22.70 36.53 -14.95
C GLY C 432 -22.01 37.11 -13.74
N ARG C 433 -21.34 36.24 -12.99
CA ARG C 433 -20.48 36.70 -11.92
C ARG C 433 -19.09 37.03 -12.42
N GLN C 434 -18.65 36.39 -13.49
CA GLN C 434 -17.27 36.46 -13.92
C GLN C 434 -17.19 37.08 -15.30
N ILE C 435 -15.96 37.33 -15.72
CA ILE C 435 -15.69 37.89 -17.04
C ILE C 435 -16.08 36.91 -18.15
N ARG C 436 -15.81 35.61 -17.97
CA ARG C 436 -15.98 34.66 -19.07
C ARG C 436 -17.44 34.34 -19.35
N GLU C 437 -18.32 34.41 -18.35
CA GLU C 437 -19.74 34.18 -18.57
C GLU C 437 -20.33 35.35 -19.35
N LEU C 438 -19.90 36.56 -19.01
CA LEU C 438 -20.31 37.75 -19.75
C LEU C 438 -19.79 37.69 -21.19
N TYR C 439 -18.55 37.25 -21.39
CA TYR C 439 -17.99 37.17 -22.73
C TYR C 439 -18.74 36.14 -23.57
N CYS C 440 -19.10 35.00 -22.97
CA CYS C 440 -19.89 34.00 -23.67
C CYS C 440 -21.27 34.53 -24.06
N THR C 441 -21.96 35.20 -23.13
CA THR C 441 -23.33 35.60 -23.42
C THR C 441 -23.38 36.79 -24.39
N CYS C 442 -22.41 37.71 -24.34
CA CYS C 442 -22.34 38.73 -25.39
C CYS C 442 -21.91 38.13 -26.72
N LEU C 443 -21.09 37.08 -26.70
CA LEU C 443 -20.58 36.53 -27.94
C LEU C 443 -21.65 35.74 -28.68
N GLU C 444 -22.58 35.13 -27.96
CA GLU C 444 -23.60 34.32 -28.63
C GLU C 444 -24.65 35.18 -29.36
N LYS C 445 -25.08 36.28 -28.75
CA LYS C 445 -26.13 37.11 -29.32
C LYS C 445 -26.06 38.46 -28.62
N ASN C 446 -26.62 39.49 -29.26
CA ASN C 446 -26.73 40.83 -28.69
C ASN C 446 -27.48 40.82 -27.36
N ILE C 447 -26.88 41.45 -26.36
CA ILE C 447 -27.47 41.47 -25.02
C ILE C 447 -28.71 42.34 -24.97
N TRP C 448 -28.67 43.51 -25.62
CA TRP C 448 -29.83 44.40 -25.59
C TRP C 448 -30.96 43.89 -26.47
N ASP C 449 -30.63 43.07 -27.47
CA ASP C 449 -31.69 42.34 -28.20
C ASP C 449 -32.41 41.36 -27.27
N SER C 450 -31.65 40.70 -26.40
CA SER C 450 -32.27 39.84 -25.41
C SER C 450 -32.95 40.68 -24.33
N GLU C 451 -33.90 40.07 -23.63
CA GLU C 451 -34.62 40.76 -22.58
C GLU C 451 -33.91 40.70 -21.24
N GLU C 452 -32.73 40.08 -21.19
CA GLU C 452 -31.93 40.04 -19.97
C GLU C 452 -31.42 41.43 -19.60
N TYR C 453 -31.11 42.25 -20.59
CA TYR C 453 -30.39 43.49 -20.38
C TYR C 453 -31.27 44.58 -19.79
N ALA C 454 -32.59 44.48 -19.95
CA ALA C 454 -33.49 45.43 -19.32
C ALA C 454 -33.43 45.31 -17.81
N SER C 455 -33.23 44.09 -17.30
CA SER C 455 -33.11 43.87 -15.86
C SER C 455 -31.84 44.51 -15.30
N VAL C 456 -30.70 44.36 -15.98
CA VAL C 456 -29.46 44.95 -15.46
C VAL C 456 -29.51 46.47 -15.58
N LEU C 457 -30.19 47.00 -16.62
CA LEU C 457 -30.41 48.44 -16.68
C LEU C 457 -31.27 48.94 -15.51
N GLN C 458 -32.39 48.27 -15.22
CA GLN C 458 -33.30 48.80 -14.21
C GLN C 458 -32.72 48.64 -12.80
N LEU C 459 -31.93 47.57 -12.58
CA LEU C 459 -31.18 47.48 -11.32
C LEU C 459 -30.12 48.56 -11.22
N LEU C 460 -29.44 48.86 -12.34
CA LEU C 460 -28.35 49.83 -12.31
C LEU C 460 -28.87 51.25 -12.13
N ARG C 461 -30.09 51.52 -12.62
CA ARG C 461 -30.62 52.89 -12.64
C ARG C 461 -30.91 53.43 -11.24
N MET C 462 -31.33 52.56 -10.33
CA MET C 462 -31.49 52.94 -8.93
C MET C 462 -30.23 52.54 -8.16
N LEU C 463 -29.44 53.54 -7.76
CA LEU C 463 -28.10 53.30 -7.24
C LEU C 463 -27.67 54.49 -6.39
N ALA C 464 -26.74 54.23 -5.47
CA ALA C 464 -26.21 55.28 -4.59
C ALA C 464 -25.10 56.07 -5.28
N LYS C 465 -24.91 57.30 -4.80
CA LYS C 465 -23.92 58.21 -5.39
C LYS C 465 -22.50 57.72 -5.15
N ASP C 466 -22.20 57.25 -3.94
CA ASP C 466 -20.86 56.76 -3.62
C ASP C 466 -20.52 55.52 -4.41
N GLU C 467 -21.50 54.64 -4.62
CA GLU C 467 -21.31 53.46 -5.46
C GLU C 467 -20.96 53.85 -6.89
N LEU C 468 -21.67 54.85 -7.44
CA LEU C 468 -21.37 55.33 -8.78
C LEU C 468 -19.98 55.97 -8.85
N MET C 469 -19.57 56.66 -7.78
CA MET C 469 -18.22 57.24 -7.76
C MET C 469 -17.16 56.14 -7.80
N THR C 470 -17.37 55.07 -7.03
CA THR C 470 -16.46 53.92 -7.09
C THR C 470 -16.48 53.24 -8.44
N ILE C 471 -17.66 53.15 -9.06
CA ILE C 471 -17.78 52.48 -10.36
C ILE C 471 -17.04 53.24 -11.44
N LEU C 472 -17.25 54.56 -11.53
CA LEU C 472 -16.53 55.34 -12.52
C LEU C 472 -15.06 55.51 -12.18
N GLU C 473 -14.67 55.37 -10.91
CA GLU C 473 -13.25 55.28 -10.59
C GLU C 473 -12.63 54.00 -11.16
N LYS C 474 -13.34 52.88 -11.00
CA LYS C 474 -12.90 51.61 -11.55
C LYS C 474 -12.83 51.65 -13.08
N CYS C 475 -13.85 52.23 -13.70
CA CYS C 475 -13.89 52.30 -15.15
C CYS C 475 -12.82 53.24 -15.70
N PHE C 476 -12.55 54.34 -14.99
CA PHE C 476 -11.53 55.26 -15.44
C PHE C 476 -10.13 54.66 -15.25
N LYS C 477 -9.94 53.80 -14.26
CA LYS C 477 -8.65 53.12 -14.23
C LYS C 477 -8.58 51.93 -15.19
N VAL C 478 -9.71 51.47 -15.71
CA VAL C 478 -9.67 50.57 -16.87
C VAL C 478 -9.20 51.32 -18.11
N PHE C 479 -9.74 52.53 -18.33
CA PHE C 479 -9.26 53.35 -19.45
C PHE C 479 -7.80 53.76 -19.27
N LYS C 480 -7.36 53.95 -18.01
CA LYS C 480 -5.91 54.08 -17.79
C LYS C 480 -5.17 52.84 -18.20
N SER C 481 -5.75 51.66 -17.93
CA SER C 481 -5.02 50.39 -17.99
C SER C 481 -4.56 50.07 -19.42
N TYR C 482 -5.40 50.33 -20.41
CA TYR C 482 -5.09 50.01 -21.80
C TYR C 482 -4.76 51.32 -22.53
N CYS C 483 -3.50 51.45 -22.95
CA CYS C 483 -3.06 52.62 -23.70
C CYS C 483 -3.42 52.47 -25.17
N GLU C 484 -3.11 53.54 -25.93
CA GLU C 484 -3.41 53.65 -27.37
C GLU C 484 -4.90 53.49 -27.65
N ASN C 485 -5.72 54.18 -26.87
CA ASN C 485 -7.16 54.07 -27.01
C ASN C 485 -7.63 54.72 -28.30
N HIS C 486 -8.62 54.10 -28.93
CA HIS C 486 -9.39 54.73 -30.00
C HIS C 486 -10.71 55.27 -29.47
N LEU C 487 -10.88 55.28 -28.15
CA LEU C 487 -12.06 55.81 -27.49
C LEU C 487 -11.71 56.93 -26.52
N GLY C 488 -10.75 57.79 -26.91
CA GLY C 488 -10.30 58.86 -26.04
C GLY C 488 -11.38 59.88 -25.72
N SER C 489 -12.34 60.04 -26.65
CA SER C 489 -13.51 60.89 -26.38
C SER C 489 -14.30 60.39 -25.19
N THR C 490 -14.49 59.06 -25.09
CA THR C 490 -15.13 58.48 -23.92
C THR C 490 -14.27 58.65 -22.67
N ALA C 491 -12.94 58.70 -22.84
CA ALA C 491 -12.06 58.87 -21.69
C ALA C 491 -12.19 60.27 -21.11
N LYS C 492 -12.23 61.31 -21.96
CA LYS C 492 -12.48 62.63 -21.41
C LYS C 492 -13.93 62.83 -20.99
N ARG C 493 -14.87 62.08 -21.56
CA ARG C 493 -16.25 62.13 -21.05
C ARG C 493 -16.32 61.57 -19.64
N ILE C 494 -15.78 60.37 -19.42
CA ILE C 494 -15.87 59.75 -18.09
C ILE C 494 -15.00 60.51 -17.08
N GLU C 495 -13.98 61.25 -17.55
CA GLU C 495 -13.34 62.26 -16.71
C GLU C 495 -14.32 63.37 -16.33
N GLU C 496 -15.20 63.77 -17.26
CA GLU C 496 -16.18 64.82 -16.93
C GLU C 496 -17.23 64.34 -15.92
N PHE C 497 -17.78 63.13 -16.11
CA PHE C 497 -18.78 62.66 -15.14
C PHE C 497 -18.15 62.31 -13.79
N LEU C 498 -16.89 61.87 -13.77
CA LEU C 498 -16.21 61.73 -12.49
C LEU C 498 -15.96 63.10 -11.86
N ALA C 499 -15.67 64.12 -12.68
CA ALA C 499 -15.40 65.45 -12.18
C ALA C 499 -16.64 66.15 -11.64
N GLN C 500 -17.84 65.70 -12.04
CA GLN C 500 -19.06 66.20 -11.38
C GLN C 500 -19.07 65.84 -9.90
N PHE C 501 -18.63 64.64 -9.57
CA PHE C 501 -18.49 64.23 -8.17
C PHE C 501 -17.25 64.88 -7.56
N PHE C 549 -29.22 65.10 -8.77
CA PHE C 549 -28.34 63.94 -8.75
C PHE C 549 -28.90 62.83 -9.63
N GLU C 550 -30.20 62.57 -9.51
CA GLU C 550 -30.79 61.43 -10.21
C GLU C 550 -30.88 61.65 -11.71
N VAL C 551 -30.90 62.91 -12.16
CA VAL C 551 -30.84 63.18 -13.59
C VAL C 551 -29.46 62.87 -14.16
N LEU C 552 -28.38 63.22 -13.46
CA LEU C 552 -27.05 62.87 -13.95
C LEU C 552 -26.73 61.39 -13.76
N ARG C 553 -27.39 60.75 -12.78
CA ARG C 553 -27.33 59.30 -12.66
C ARG C 553 -27.96 58.64 -13.88
N GLU C 554 -29.09 59.19 -14.33
CA GLU C 554 -29.72 58.71 -15.57
C GLU C 554 -28.83 58.98 -16.77
N ASN C 555 -28.11 60.11 -16.78
CA ASN C 555 -27.21 60.43 -17.89
C ASN C 555 -26.03 59.46 -17.97
N VAL C 556 -25.41 59.13 -16.83
CA VAL C 556 -24.25 58.22 -16.88
C VAL C 556 -24.69 56.78 -17.20
N VAL C 557 -25.87 56.36 -16.71
CA VAL C 557 -26.39 55.04 -17.10
C VAL C 557 -26.74 55.00 -18.58
N ASN C 558 -27.32 56.08 -19.10
CA ASN C 558 -27.58 56.14 -20.54
C ASN C 558 -26.27 56.24 -21.33
N PHE C 559 -25.21 56.80 -20.73
CA PHE C 559 -23.90 56.84 -21.37
C PHE C 559 -23.36 55.43 -21.59
N ILE C 560 -23.36 54.60 -20.54
CA ILE C 560 -22.88 53.23 -20.71
C ILE C 560 -23.84 52.43 -21.59
N ASP C 561 -25.14 52.79 -21.59
CA ASP C 561 -26.10 52.14 -22.47
C ASP C 561 -25.81 52.42 -23.94
N CYS C 562 -25.56 53.68 -24.30
CA CYS C 562 -25.20 54.01 -25.67
C CYS C 562 -23.85 53.40 -26.05
N LEU C 563 -22.94 53.30 -25.08
CA LEU C 563 -21.64 52.68 -25.34
C LEU C 563 -21.79 51.19 -25.68
N VAL C 564 -22.65 50.47 -24.94
CA VAL C 564 -22.77 49.03 -25.13
C VAL C 564 -23.58 48.71 -26.40
N ARG C 565 -24.55 49.54 -26.77
CA ARG C 565 -25.10 49.41 -28.13
C ARG C 565 -24.07 49.73 -29.19
N GLU C 566 -23.18 50.70 -28.92
CA GLU C 566 -22.31 51.21 -29.97
C GLU C 566 -21.23 50.20 -30.34
N TYR C 567 -20.51 49.66 -29.35
CA TYR C 567 -19.29 48.94 -29.71
C TYR C 567 -19.36 47.42 -29.59
N LEU C 568 -20.19 46.84 -28.73
CA LEU C 568 -20.27 45.39 -28.64
C LEU C 568 -21.22 44.85 -29.72
N LEU C 569 -20.67 44.07 -30.63
CA LEU C 569 -21.42 43.40 -31.69
C LEU C 569 -20.80 42.01 -31.86
N PRO C 570 -21.59 41.03 -32.30
CA PRO C 570 -21.03 39.70 -32.56
C PRO C 570 -20.10 39.73 -33.76
N PRO C 571 -19.03 38.93 -33.74
CA PRO C 571 -18.01 39.04 -34.79
C PRO C 571 -18.43 38.47 -36.13
N GLU C 572 -19.54 37.73 -36.20
CA GLU C 572 -20.03 37.25 -37.48
C GLU C 572 -20.54 38.38 -38.36
N THR C 573 -20.89 39.51 -37.73
CA THR C 573 -21.43 40.68 -38.48
C THR C 573 -20.27 41.52 -39.02
N GLN C 574 -19.04 41.07 -38.82
CA GLN C 574 -17.86 41.80 -39.34
C GLN C 574 -17.28 41.07 -40.55
N PRO C 575 -16.97 41.77 -41.66
CA PRO C 575 -16.43 41.11 -42.85
C PRO C 575 -15.03 40.51 -42.63
N LEU C 576 -14.67 39.49 -43.41
CA LEU C 576 -13.33 38.85 -43.30
C LEU C 576 -13.09 38.41 -41.84
N HIS C 577 -14.03 37.67 -41.25
CA HIS C 577 -13.88 37.24 -39.84
C HIS C 577 -13.44 35.77 -39.78
N GLU C 578 -13.61 35.03 -40.87
CA GLU C 578 -13.28 33.58 -40.87
C GLU C 578 -11.77 33.38 -41.04
N VAL C 579 -11.00 34.47 -41.09
CA VAL C 579 -9.52 34.36 -41.17
C VAL C 579 -8.98 34.17 -39.75
N VAL C 580 -9.59 34.83 -38.76
CA VAL C 580 -9.09 34.75 -37.39
C VAL C 580 -10.05 34.02 -36.46
N TYR C 581 -11.05 33.33 -36.99
CA TYR C 581 -12.01 32.61 -36.16
C TYR C 581 -12.06 31.14 -36.57
N PHE C 582 -12.35 30.28 -35.61
CA PHE C 582 -12.45 28.85 -35.82
C PHE C 582 -13.76 28.39 -35.20
N SER C 583 -14.68 27.87 -36.03
CA SER C 583 -15.94 27.34 -35.53
C SER C 583 -16.16 25.94 -36.10
N ALA C 584 -15.57 24.94 -35.44
CA ALA C 584 -15.87 23.53 -35.68
C ALA C 584 -16.09 22.87 -34.32
N ALA C 585 -17.32 22.97 -33.82
CA ALA C 585 -17.61 22.49 -32.47
C ALA C 585 -17.62 20.96 -32.42
N HIS C 586 -18.26 20.32 -33.39
CA HIS C 586 -18.56 18.90 -33.27
C HIS C 586 -17.33 18.02 -33.44
N ALA C 587 -16.43 18.39 -34.37
CA ALA C 587 -15.20 17.64 -34.55
C ALA C 587 -14.30 17.73 -33.32
N LEU C 588 -14.22 18.92 -32.73
CA LEU C 588 -13.47 19.11 -31.49
C LEU C 588 -14.08 18.32 -30.35
N ARG C 589 -15.41 18.30 -30.27
CA ARG C 589 -16.10 17.55 -29.23
C ARG C 589 -15.86 16.05 -29.38
N GLU C 590 -15.83 15.55 -30.62
CA GLU C 590 -15.58 14.13 -30.83
C GLU C 590 -14.13 13.76 -30.54
N HIS C 591 -13.17 14.63 -30.87
CA HIS C 591 -11.78 14.29 -30.60
C HIS C 591 -11.44 14.37 -29.12
N LEU C 592 -11.95 15.38 -28.41
CA LEU C 592 -11.61 15.50 -27.01
C LEU C 592 -12.42 14.55 -26.14
N ASN C 593 -13.74 14.57 -26.28
CA ASN C 593 -14.65 13.90 -25.34
C ASN C 593 -15.47 12.88 -26.14
N ALA C 594 -14.91 11.69 -26.31
CA ALA C 594 -15.59 10.68 -27.11
C ALA C 594 -16.56 9.87 -26.25
N ALA C 595 -17.46 9.17 -26.94
CA ALA C 595 -18.45 8.31 -26.29
C ALA C 595 -18.44 6.97 -26.99
N PRO C 596 -17.50 6.09 -26.66
CA PRO C 596 -17.34 4.84 -27.40
C PRO C 596 -18.40 3.79 -27.13
N ARG C 597 -19.35 4.05 -26.26
CA ARG C 597 -20.49 3.15 -26.08
C ARG C 597 -21.65 3.50 -26.99
N ILE C 598 -21.86 4.80 -27.25
CA ILE C 598 -22.91 5.25 -28.15
C ILE C 598 -22.60 4.81 -29.58
N ALA C 599 -21.33 4.80 -29.96
CA ALA C 599 -20.93 4.37 -31.30
C ALA C 599 -21.25 2.89 -31.52
N LEU C 600 -20.91 2.05 -30.54
CA LEU C 600 -21.19 0.62 -30.65
C LEU C 600 -22.69 0.35 -30.67
N HIS C 601 -23.45 1.02 -29.79
CA HIS C 601 -24.89 0.82 -29.72
C HIS C 601 -25.60 1.29 -30.99
N THR C 602 -25.18 2.43 -31.54
CA THR C 602 -25.77 2.94 -32.76
C THR C 602 -25.40 2.07 -33.96
N ALA C 603 -24.15 1.60 -34.02
CA ALA C 603 -23.72 0.74 -35.12
C ALA C 603 -24.45 -0.60 -35.11
N LEU C 604 -24.69 -1.16 -33.92
CA LEU C 604 -25.40 -2.44 -33.89
C LEU C 604 -26.89 -2.28 -34.10
N ASN C 605 -27.51 -1.24 -33.51
CA ASN C 605 -28.95 -1.10 -33.69
C ASN C 605 -29.30 -0.57 -35.07
N ASN C 606 -28.43 0.23 -35.67
CA ASN C 606 -28.67 0.82 -36.99
C ASN C 606 -27.44 0.63 -37.86
N PRO C 607 -27.38 -0.44 -38.65
CA PRO C 607 -26.24 -0.61 -39.57
C PRO C 607 -26.32 0.26 -40.81
N TYR C 608 -27.44 0.96 -41.03
CA TYR C 608 -27.68 1.69 -42.27
C TYR C 608 -26.90 2.99 -42.34
N TYR C 609 -26.50 3.56 -41.19
CA TYR C 609 -25.77 4.83 -41.18
C TYR C 609 -24.42 4.71 -41.87
N TYR C 610 -23.70 3.62 -41.60
CA TYR C 610 -22.39 3.41 -42.17
C TYR C 610 -22.42 2.58 -43.44
N LEU C 611 -23.53 1.89 -43.68
CA LEU C 611 -23.78 1.11 -44.89
C LEU C 611 -25.07 1.63 -45.49
N LYS C 612 -24.95 2.63 -46.36
CA LYS C 612 -26.13 3.17 -47.05
C LYS C 612 -26.35 2.34 -48.30
N ASN C 613 -26.90 1.14 -48.11
CA ASN C 613 -27.27 0.25 -49.20
C ASN C 613 -28.63 -0.37 -48.87
N GLU C 614 -29.52 0.47 -48.31
CA GLU C 614 -30.90 0.11 -47.94
C GLU C 614 -30.96 -1.04 -46.94
N ALA C 615 -30.16 -0.94 -45.88
CA ALA C 615 -30.05 -2.02 -44.90
C ALA C 615 -31.10 -1.97 -43.80
N LEU C 616 -31.78 -0.83 -43.60
CA LEU C 616 -32.80 -0.72 -42.56
C LEU C 616 -33.66 0.50 -42.82
N LYS C 617 -34.97 0.35 -42.55
CA LYS C 617 -35.86 1.49 -42.45
C LYS C 617 -36.44 1.65 -41.05
N SER C 618 -36.96 0.58 -40.47
CA SER C 618 -37.53 0.64 -39.14
C SER C 618 -36.59 0.04 -38.10
N ASN C 625 -33.79 -7.34 -41.52
CA ASN C 625 -33.56 -8.77 -41.72
C ASN C 625 -32.30 -9.05 -42.55
N ILE C 626 -31.93 -8.10 -43.40
CA ILE C 626 -30.66 -8.15 -44.12
C ILE C 626 -29.69 -7.23 -43.39
N ALA C 627 -28.69 -7.84 -42.76
CA ALA C 627 -27.77 -7.13 -41.89
C ALA C 627 -26.50 -7.95 -41.78
N PRO C 628 -25.42 -7.36 -41.25
CA PRO C 628 -24.31 -8.21 -40.77
C PRO C 628 -24.75 -9.06 -39.59
N ASP C 629 -24.02 -10.16 -39.39
CA ASP C 629 -24.43 -11.20 -38.45
C ASP C 629 -24.45 -10.71 -37.01
N ILE C 630 -23.57 -9.76 -36.68
CA ILE C 630 -23.47 -9.25 -35.31
C ILE C 630 -24.74 -8.49 -34.96
N CYS C 631 -25.25 -7.70 -35.91
CA CYS C 631 -26.53 -7.03 -35.77
C CYS C 631 -27.66 -8.02 -35.57
N ILE C 632 -27.64 -9.12 -36.34
CA ILE C 632 -28.72 -10.09 -36.28
C ILE C 632 -28.77 -10.77 -34.92
N ALA C 633 -27.61 -11.19 -34.39
CA ALA C 633 -27.58 -11.80 -33.06
C ALA C 633 -27.89 -10.79 -31.96
N TYR C 634 -27.40 -9.56 -32.12
CA TYR C 634 -27.60 -8.51 -31.13
C TYR C 634 -29.07 -8.17 -30.97
N LYS C 635 -29.80 -8.10 -32.08
CA LYS C 635 -31.21 -7.78 -32.00
C LYS C 635 -32.00 -8.89 -31.33
N LEU C 636 -31.58 -10.15 -31.52
CA LEU C 636 -32.34 -11.26 -30.94
C LEU C 636 -32.13 -11.41 -29.44
N HIS C 637 -30.90 -11.18 -28.92
CA HIS C 637 -30.73 -11.59 -27.51
C HIS C 637 -31.45 -10.62 -26.57
N LEU C 638 -31.55 -9.35 -26.96
CA LEU C 638 -32.33 -8.39 -26.20
C LEU C 638 -33.82 -8.59 -26.47
N ILE C 644 -31.75 -16.55 -21.54
CA ILE C 644 -31.03 -16.28 -22.79
C ILE C 644 -30.19 -17.54 -23.09
N ASN C 645 -30.87 -18.69 -23.16
CA ASN C 645 -30.16 -19.95 -23.37
C ASN C 645 -29.66 -20.05 -24.79
N LEU C 646 -28.43 -20.56 -24.95
CA LEU C 646 -27.71 -20.41 -26.20
C LEU C 646 -28.27 -21.29 -27.32
N VAL C 647 -28.96 -22.38 -26.99
CA VAL C 647 -29.48 -23.25 -28.05
C VAL C 647 -30.75 -22.67 -28.66
N ASP C 648 -31.63 -22.10 -27.83
CA ASP C 648 -32.81 -21.39 -28.33
C ASP C 648 -32.39 -20.16 -29.14
N TRP C 649 -31.34 -19.47 -28.70
CA TRP C 649 -30.78 -18.36 -29.46
C TRP C 649 -30.19 -18.84 -30.77
N SER C 650 -29.58 -20.04 -30.78
CA SER C 650 -29.02 -20.60 -32.00
C SER C 650 -30.11 -20.93 -33.02
N GLU C 651 -31.21 -21.54 -32.57
CA GLU C 651 -32.27 -21.91 -33.51
C GLU C 651 -33.04 -20.67 -33.99
N ALA C 652 -33.15 -19.64 -33.13
CA ALA C 652 -33.75 -18.38 -33.57
C ALA C 652 -32.90 -17.69 -34.63
N PHE C 653 -31.57 -17.71 -34.45
CA PHE C 653 -30.69 -17.12 -35.47
C PHE C 653 -30.75 -17.93 -36.76
N ALA C 654 -30.83 -19.26 -36.66
CA ALA C 654 -30.94 -20.13 -37.82
C ALA C 654 -32.22 -19.85 -38.61
N THR C 655 -33.35 -19.76 -37.89
CA THR C 655 -34.63 -19.39 -38.47
C THR C 655 -34.59 -18.05 -39.20
N VAL C 656 -34.01 -17.03 -38.56
CA VAL C 656 -33.96 -15.69 -39.16
C VAL C 656 -33.09 -15.67 -40.42
N VAL C 657 -31.89 -16.28 -40.35
CA VAL C 657 -31.00 -16.21 -41.50
C VAL C 657 -31.48 -17.11 -42.64
N THR C 658 -32.23 -18.17 -42.33
CA THR C 658 -32.83 -18.97 -43.40
C THR C 658 -34.04 -18.27 -44.01
N ALA C 659 -34.76 -17.46 -43.22
CA ALA C 659 -35.76 -16.59 -43.80
C ALA C 659 -35.13 -15.55 -44.71
N ALA C 660 -33.93 -15.07 -44.35
CA ALA C 660 -33.20 -14.14 -45.21
C ALA C 660 -32.81 -14.77 -46.53
N GLU C 661 -32.48 -16.06 -46.54
CA GLU C 661 -32.22 -16.78 -47.79
C GLU C 661 -33.49 -17.44 -48.30
N MET C 673 -28.51 -28.80 -47.11
CA MET C 673 -27.98 -28.92 -45.76
C MET C 673 -27.10 -27.70 -45.51
N ASN C 674 -27.38 -26.98 -44.41
CA ASN C 674 -26.60 -25.81 -44.03
C ASN C 674 -26.03 -26.02 -42.63
N GLU C 675 -24.72 -26.30 -42.57
CA GLU C 675 -23.96 -26.28 -41.34
C GLU C 675 -23.37 -24.90 -41.05
N ILE C 676 -23.29 -24.06 -42.08
CA ILE C 676 -22.55 -22.80 -41.98
C ILE C 676 -23.27 -21.80 -41.08
N ILE C 677 -24.60 -21.90 -40.95
CA ILE C 677 -25.32 -20.92 -40.14
C ILE C 677 -25.03 -21.13 -38.66
N HIS C 678 -24.84 -22.38 -38.23
CA HIS C 678 -24.41 -22.65 -36.87
C HIS C 678 -22.98 -22.17 -36.65
N ALA C 679 -22.10 -22.31 -37.66
CA ALA C 679 -20.74 -21.80 -37.55
C ALA C 679 -20.72 -20.27 -37.45
N ARG C 680 -21.60 -19.61 -38.21
CA ARG C 680 -21.74 -18.17 -38.09
C ARG C 680 -22.26 -17.78 -36.72
N PHE C 681 -23.12 -18.61 -36.13
CA PHE C 681 -23.57 -18.35 -34.76
C PHE C 681 -22.43 -18.49 -33.76
N ILE C 682 -21.55 -19.47 -33.96
CA ILE C 682 -20.38 -19.64 -33.08
C ILE C 682 -19.46 -18.43 -33.16
N ARG C 683 -19.18 -17.96 -34.38
CA ARG C 683 -18.33 -16.78 -34.55
C ARG C 683 -18.98 -15.54 -33.94
N ALA C 684 -20.28 -15.34 -34.19
CA ALA C 684 -20.97 -14.15 -33.70
C ALA C 684 -21.03 -14.10 -32.19
N VAL C 685 -21.31 -15.24 -31.55
CA VAL C 685 -21.38 -15.27 -30.09
C VAL C 685 -19.98 -15.09 -29.48
N SER C 686 -18.95 -15.67 -30.11
CA SER C 686 -17.59 -15.49 -29.60
C SER C 686 -17.14 -14.04 -29.68
N GLU C 687 -17.48 -13.35 -30.78
CA GLU C 687 -17.02 -11.94 -30.96
C GLU C 687 -17.91 -10.98 -30.15
N LEU C 688 -18.99 -11.48 -29.54
CA LEU C 688 -19.86 -10.61 -28.69
C LEU C 688 -19.27 -10.56 -27.28
N GLU C 689 -18.50 -11.58 -26.90
CA GLU C 689 -17.86 -11.62 -25.56
C GLU C 689 -16.66 -10.67 -25.55
N LEU C 690 -16.05 -10.46 -26.72
CA LEU C 690 -14.86 -9.56 -26.82
C LEU C 690 -15.32 -8.11 -26.70
N LEU C 691 -16.61 -7.85 -26.94
CA LEU C 691 -17.14 -6.47 -26.85
C LEU C 691 -17.89 -6.30 -25.52
N GLY C 692 -17.87 -7.32 -24.65
CA GLY C 692 -18.51 -7.18 -23.32
C GLY C 692 -20.02 -7.15 -23.40
N PHE C 693 -20.65 -8.26 -23.79
CA PHE C 693 -22.13 -8.35 -23.83
C PHE C 693 -22.56 -9.70 -23.27
N ILE C 694 -21.71 -10.72 -23.45
CA ILE C 694 -22.07 -12.11 -23.02
C ILE C 694 -21.13 -12.54 -21.89
N LYS C 695 -21.68 -13.08 -20.80
CA LYS C 695 -20.86 -13.58 -19.67
C LYS C 695 -21.36 -14.99 -19.27
N PRO C 696 -20.51 -16.04 -19.32
CA PRO C 696 -20.97 -17.41 -19.04
C PRO C 696 -21.46 -17.69 -17.62
N THR C 697 -22.72 -18.11 -17.46
CA THR C 697 -23.25 -18.48 -16.15
C THR C 697 -23.71 -19.93 -16.17
N LYS C 698 -24.15 -20.41 -15.00
CA LYS C 698 -24.37 -21.83 -14.77
C LYS C 698 -25.84 -22.26 -14.66
N GLN C 699 -26.79 -21.32 -14.60
CA GLN C 699 -28.20 -21.69 -14.45
C GLN C 699 -28.71 -22.46 -15.67
N LYS C 700 -28.46 -21.92 -16.86
CA LYS C 700 -28.77 -22.57 -18.13
C LYS C 700 -27.45 -22.83 -18.81
N THR C 701 -27.47 -23.12 -20.12
CA THR C 701 -26.24 -23.08 -20.89
C THR C 701 -25.59 -21.70 -20.79
N ASP C 702 -26.40 -20.65 -20.81
CA ASP C 702 -26.02 -19.28 -20.47
C ASP C 702 -27.30 -18.49 -20.21
N HIS C 703 -27.20 -17.49 -19.32
CA HIS C 703 -28.29 -16.53 -19.10
C HIS C 703 -27.67 -15.26 -18.54
N VAL C 704 -27.53 -14.24 -19.37
CA VAL C 704 -26.94 -12.97 -18.94
C VAL C 704 -27.49 -11.86 -19.82
N ALA C 705 -27.76 -10.70 -19.20
CA ALA C 705 -28.20 -9.51 -19.92
C ALA C 705 -27.50 -8.29 -19.31
N ARG C 706 -26.17 -8.38 -19.14
CA ARG C 706 -25.45 -7.34 -18.41
C ARG C 706 -25.35 -6.02 -19.15
N LEU C 707 -25.68 -5.97 -20.44
CA LEU C 707 -25.83 -4.69 -21.12
C LEU C 707 -26.95 -3.86 -20.50
N THR C 708 -28.14 -4.46 -20.36
CA THR C 708 -29.30 -3.95 -19.62
C THR C 708 -29.75 -2.60 -20.21
N TRP C 709 -29.55 -2.44 -21.53
CA TRP C 709 -29.92 -1.21 -22.22
C TRP C 709 -30.09 -1.48 -23.71
N LEU D 17 28.69 -16.05 48.95
CA LEU D 17 30.10 -16.02 48.57
C LEU D 17 30.21 -16.00 47.05
N SER D 18 31.30 -15.43 46.55
CA SER D 18 31.45 -15.21 45.11
C SER D 18 31.68 -16.51 44.35
N GLN D 19 32.48 -17.41 44.91
CA GLN D 19 32.85 -18.63 44.19
C GLN D 19 31.66 -19.57 44.03
N VAL D 20 30.82 -19.66 45.07
CA VAL D 20 29.59 -20.43 45.00
C VAL D 20 28.67 -19.89 43.92
N GLN D 21 28.57 -18.56 43.85
CA GLN D 21 27.77 -17.91 42.81
C GLN D 21 28.32 -18.20 41.42
N ARG D 22 29.64 -18.15 41.27
CA ARG D 22 30.27 -18.37 39.93
C ARG D 22 29.97 -19.80 39.46
N ILE D 23 30.23 -20.80 40.31
CA ILE D 23 30.03 -22.20 39.93
C ILE D 23 28.56 -22.50 39.64
N LEU D 24 27.66 -22.07 40.52
CA LEU D 24 26.25 -22.39 40.31
C LEU D 24 25.63 -21.58 39.17
N ARG D 25 26.16 -20.38 38.89
CA ARG D 25 25.69 -19.62 37.73
C ARG D 25 26.13 -20.26 36.43
N GLU D 26 27.35 -20.82 36.40
CA GLU D 26 27.71 -21.61 35.22
C GLU D 26 26.91 -22.89 35.12
N ARG D 27 26.46 -23.43 36.26
CA ARG D 27 25.58 -24.60 36.18
C ARG D 27 24.19 -24.25 35.67
N PHE D 28 23.65 -23.09 36.01
CA PHE D 28 22.27 -22.76 35.65
C PHE D 28 22.14 -21.96 34.37
N CYS D 29 22.84 -20.83 34.25
CA CYS D 29 22.68 -19.98 33.06
C CYS D 29 23.22 -20.66 31.81
N ARG D 30 24.52 -20.90 31.77
CA ARG D 30 25.09 -21.65 30.67
C ARG D 30 24.80 -23.12 30.93
N GLN D 31 24.60 -23.87 29.85
CA GLN D 31 24.30 -25.28 29.98
C GLN D 31 25.59 -26.08 29.87
N SER D 32 26.44 -25.85 30.87
CA SER D 32 27.76 -26.38 31.12
C SER D 32 27.65 -27.79 31.72
N PRO D 33 28.60 -28.68 31.44
CA PRO D 33 28.42 -30.07 31.86
C PRO D 33 28.60 -30.27 33.35
N HIS D 34 27.72 -31.10 33.91
CA HIS D 34 27.80 -31.60 35.27
C HIS D 34 27.85 -33.12 35.21
N SER D 35 28.44 -33.74 36.24
CA SER D 35 28.93 -35.11 36.13
C SER D 35 27.81 -36.13 35.96
N ASN D 36 26.79 -36.07 36.80
CA ASN D 36 25.81 -37.15 36.82
C ASN D 36 24.79 -37.03 35.67
N LEU D 37 24.13 -38.15 35.38
CA LEU D 37 23.11 -38.24 34.36
C LEU D 37 21.88 -38.91 34.99
N PHE D 38 20.70 -38.37 34.70
CA PHE D 38 19.47 -38.75 35.39
C PHE D 38 18.61 -39.62 34.48
N GLY D 39 18.69 -40.94 34.68
CA GLY D 39 17.79 -41.87 34.02
C GLY D 39 17.98 -42.01 32.52
N VAL D 40 19.20 -41.82 32.02
CA VAL D 40 19.49 -41.93 30.60
C VAL D 40 20.66 -42.87 30.33
N GLN D 41 20.87 -43.87 31.19
CA GLN D 41 22.06 -44.72 31.09
C GLN D 41 21.98 -45.68 29.91
N VAL D 42 20.80 -46.27 29.66
CA VAL D 42 20.65 -47.23 28.57
C VAL D 42 20.81 -46.55 27.22
N GLN D 43 20.20 -45.37 27.09
CA GLN D 43 20.29 -44.58 25.86
C GLN D 43 21.74 -44.17 25.60
N TYR D 44 22.46 -43.82 26.67
CA TYR D 44 23.85 -43.44 26.50
C TYR D 44 24.70 -44.65 26.16
N LYS D 45 24.33 -45.82 26.68
CA LYS D 45 25.09 -47.04 26.37
C LYS D 45 24.97 -47.36 24.88
N HIS D 46 23.76 -47.23 24.32
CA HIS D 46 23.58 -47.39 22.88
C HIS D 46 24.38 -46.36 22.09
N LEU D 47 24.31 -45.09 22.51
CA LEU D 47 24.96 -44.03 21.76
C LEU D 47 26.49 -44.17 21.80
N SER D 48 27.04 -44.50 22.97
CA SER D 48 28.47 -44.66 23.11
C SER D 48 28.97 -45.90 22.40
N GLU D 49 28.18 -46.98 22.39
CA GLU D 49 28.53 -48.16 21.60
C GLU D 49 28.61 -47.83 20.12
N LEU D 50 27.68 -47.02 19.62
CA LEU D 50 27.73 -46.76 18.19
C LEU D 50 28.85 -45.77 17.82
N LEU D 51 29.14 -44.79 18.69
CA LEU D 51 30.29 -43.93 18.43
C LEU D 51 31.62 -44.67 18.51
N LYS D 52 31.80 -45.58 19.47
CA LYS D 52 33.05 -46.34 19.51
C LYS D 52 33.11 -47.33 18.35
N ARG D 53 31.95 -47.82 17.90
CA ARG D 53 31.89 -48.67 16.72
C ARG D 53 32.35 -47.93 15.47
N THR D 54 31.92 -46.67 15.33
CA THR D 54 32.32 -45.87 14.18
C THR D 54 33.80 -45.49 14.25
N ALA D 55 34.26 -45.05 15.42
CA ALA D 55 35.62 -44.53 15.53
C ALA D 55 36.66 -45.66 15.48
N LEU D 56 36.44 -46.74 16.24
CA LEU D 56 37.45 -47.77 16.35
C LEU D 56 37.50 -48.65 15.10
N HIS D 57 36.35 -49.13 14.64
CA HIS D 57 36.25 -49.92 13.42
C HIS D 57 35.99 -48.99 12.23
N GLY D 58 35.63 -49.55 11.09
CA GLY D 58 35.39 -48.75 9.91
C GLY D 58 33.93 -48.65 9.53
N GLU D 59 33.06 -49.01 10.45
CA GLU D 59 31.63 -49.00 10.18
C GLU D 59 31.08 -47.58 10.18
N SER D 60 30.12 -47.33 9.29
CA SER D 60 29.48 -46.03 9.14
C SER D 60 28.04 -46.14 9.59
N ASN D 61 27.57 -45.17 10.37
CA ASN D 61 26.28 -45.31 11.04
C ASN D 61 25.50 -44.00 11.04
N SER D 62 24.23 -44.11 11.41
CA SER D 62 23.33 -42.98 11.44
C SER D 62 22.36 -43.14 12.61
N VAL D 63 22.14 -42.06 13.35
CA VAL D 63 21.29 -42.06 14.55
C VAL D 63 20.40 -40.84 14.49
N LEU D 64 19.14 -40.98 14.93
CA LEU D 64 18.21 -39.85 14.93
C LEU D 64 17.61 -39.72 16.34
N ILE D 65 18.29 -38.94 17.19
CA ILE D 65 17.87 -38.71 18.56
C ILE D 65 16.61 -37.86 18.57
N ILE D 66 15.61 -38.31 19.32
CA ILE D 66 14.32 -37.65 19.41
C ILE D 66 14.03 -37.37 20.88
N GLY D 67 13.78 -36.12 21.23
CA GLY D 67 13.37 -35.78 22.56
C GLY D 67 12.87 -34.36 22.66
N PRO D 68 12.01 -34.07 23.65
CA PRO D 68 11.44 -32.73 23.78
C PRO D 68 12.50 -31.70 24.18
N ARG D 69 12.07 -30.44 24.18
CA ARG D 69 12.98 -29.33 24.37
C ARG D 69 13.53 -29.31 25.79
N GLY D 70 14.85 -29.18 25.91
CA GLY D 70 15.48 -29.17 27.21
C GLY D 70 15.69 -30.51 27.85
N SER D 71 15.52 -31.62 27.13
CA SER D 71 15.70 -32.95 27.70
C SER D 71 17.11 -33.49 27.45
N GLY D 72 18.08 -32.60 27.33
CA GLY D 72 19.48 -32.94 27.30
C GLY D 72 19.97 -33.80 26.17
N LYS D 73 19.51 -33.55 24.94
CA LYS D 73 20.06 -34.25 23.79
C LYS D 73 21.51 -33.84 23.54
N THR D 74 21.79 -32.54 23.69
CA THR D 74 23.16 -32.07 23.56
C THR D 74 24.02 -32.51 24.74
N MET D 75 23.41 -32.73 25.91
CA MET D 75 24.13 -33.32 27.05
C MET D 75 24.64 -34.72 26.73
N LEU D 76 23.77 -35.55 26.15
CA LEU D 76 24.17 -36.90 25.75
C LEU D 76 25.25 -36.88 24.69
N ILE D 77 25.12 -36.03 23.66
CA ILE D 77 26.16 -36.15 22.63
C ILE D 77 27.47 -35.50 23.10
N ASN D 78 27.42 -34.44 23.91
CA ASN D 78 28.66 -33.85 24.41
C ASN D 78 29.39 -34.80 25.34
N HIS D 79 28.68 -35.48 26.25
CA HIS D 79 29.40 -36.36 27.18
C HIS D 79 29.89 -37.61 26.45
N ALA D 80 29.09 -38.13 25.50
CA ALA D 80 29.49 -39.31 24.75
C ALA D 80 30.69 -39.04 23.85
N LEU D 81 30.68 -37.91 23.13
CA LEU D 81 31.82 -37.57 22.28
C LEU D 81 33.03 -37.19 23.12
N LYS D 82 32.83 -36.66 24.33
CA LYS D 82 33.96 -36.38 25.20
C LYS D 82 34.64 -37.67 25.65
N GLU D 83 33.86 -38.66 26.09
CA GLU D 83 34.47 -39.93 26.48
C GLU D 83 35.04 -40.70 25.29
N LEU D 84 34.43 -40.54 24.12
CA LEU D 84 35.02 -41.07 22.89
C LEU D 84 36.36 -40.42 22.58
N MET D 85 36.45 -39.11 22.78
CA MET D 85 37.69 -38.38 22.55
C MET D 85 38.76 -38.75 23.58
N GLU D 86 38.33 -39.16 24.78
CA GLU D 86 39.28 -39.54 25.83
C GLU D 86 40.05 -40.82 25.47
N ILE D 87 39.45 -41.68 24.63
CA ILE D 87 40.07 -42.96 24.28
C ILE D 87 41.36 -42.72 23.49
N GLU D 88 42.40 -43.46 23.87
CA GLU D 88 43.72 -43.31 23.25
C GLU D 88 43.71 -43.78 21.80
N GLU D 89 44.50 -43.08 20.97
CA GLU D 89 44.65 -43.26 19.53
C GLU D 89 43.37 -43.01 18.75
N VAL D 90 42.39 -42.37 19.37
CA VAL D 90 41.18 -41.92 18.71
C VAL D 90 41.24 -40.42 18.43
N SER D 91 41.83 -39.68 19.37
CA SER D 91 41.85 -38.22 19.32
C SER D 91 42.63 -37.68 18.13
N GLU D 92 43.74 -38.32 17.79
CA GLU D 92 44.58 -37.84 16.69
C GLU D 92 43.90 -38.02 15.34
N ASN D 93 43.08 -39.07 15.18
CA ASN D 93 42.56 -39.44 13.89
C ASN D 93 41.12 -39.02 13.63
N VAL D 94 40.37 -38.61 14.66
CA VAL D 94 38.95 -38.32 14.52
C VAL D 94 38.74 -36.82 14.34
N LEU D 95 37.96 -36.46 13.33
CA LEU D 95 37.57 -35.08 13.04
C LEU D 95 36.07 -34.94 13.29
N GLN D 96 35.66 -33.81 13.85
CA GLN D 96 34.25 -33.52 14.04
C GLN D 96 33.83 -32.37 13.15
N VAL D 97 32.54 -32.35 12.78
CA VAL D 97 31.95 -31.27 12.00
C VAL D 97 30.59 -30.96 12.61
N HIS D 98 30.48 -29.83 13.30
CA HIS D 98 29.21 -29.39 13.88
C HIS D 98 28.49 -28.51 12.88
N LEU D 99 27.31 -28.94 12.45
CA LEU D 99 26.45 -28.16 11.58
C LEU D 99 25.12 -27.95 12.30
N ASN D 100 24.51 -26.78 12.12
CA ASN D 100 23.28 -26.47 12.82
C ASN D 100 22.27 -25.91 11.83
N GLY D 101 20.98 -26.17 12.11
CA GLY D 101 19.92 -25.73 11.23
C GLY D 101 19.73 -24.22 11.24
N LEU D 102 19.81 -23.60 12.41
CA LEU D 102 19.50 -22.18 12.51
C LEU D 102 20.59 -21.31 11.89
N LEU D 103 21.80 -21.83 11.75
CA LEU D 103 22.88 -21.07 11.15
C LEU D 103 22.91 -21.26 9.63
N GLN D 104 23.01 -22.51 9.18
CA GLN D 104 23.01 -22.82 7.75
C GLN D 104 21.58 -23.09 7.30
N ILE D 105 21.05 -22.21 6.44
CA ILE D 105 19.70 -22.36 5.93
C ILE D 105 19.70 -22.93 4.51
N ASN D 106 20.81 -22.81 3.78
CA ASN D 106 20.91 -23.25 2.40
C ASN D 106 22.14 -24.13 2.28
N ASP D 107 22.16 -25.04 1.30
CA ASP D 107 23.17 -26.09 1.29
C ASP D 107 24.55 -25.59 0.86
N LYS D 108 24.63 -24.44 0.20
CA LYS D 108 25.94 -23.88 -0.17
C LYS D 108 26.68 -23.37 1.07
N ILE D 109 25.95 -22.74 2.00
CA ILE D 109 26.55 -22.30 3.25
C ILE D 109 26.97 -23.51 4.08
N ALA D 110 26.17 -24.57 4.06
CA ALA D 110 26.53 -25.83 4.70
C ALA D 110 27.80 -26.43 4.09
N LEU D 111 27.92 -26.36 2.76
CA LEU D 111 29.14 -26.78 2.09
C LEU D 111 30.35 -25.96 2.52
N LYS D 112 30.16 -24.63 2.65
CA LYS D 112 31.24 -23.75 3.09
C LYS D 112 31.71 -24.11 4.49
N GLU D 113 30.77 -24.41 5.38
CA GLU D 113 31.15 -24.83 6.74
C GLU D 113 31.84 -26.19 6.75
N ILE D 114 31.38 -27.14 5.93
CA ILE D 114 32.04 -28.45 5.90
C ILE D 114 33.47 -28.34 5.39
N THR D 115 33.72 -27.46 4.40
CA THR D 115 35.11 -27.19 4.02
C THR D 115 35.89 -26.49 5.14
N ARG D 116 35.27 -25.55 5.84
CA ARG D 116 36.04 -24.73 6.78
C ARG D 116 36.41 -25.49 8.05
N GLN D 117 35.47 -26.26 8.63
CA GLN D 117 35.78 -26.98 9.87
C GLN D 117 36.77 -28.11 9.64
N LEU D 118 36.81 -28.67 8.44
CA LEU D 118 37.79 -29.70 8.13
C LEU D 118 39.17 -29.15 7.80
N ASN D 119 39.35 -27.82 7.85
CA ASN D 119 40.61 -27.11 7.59
C ASN D 119 41.15 -27.38 6.19
N LEU D 120 40.24 -27.57 5.22
CA LEU D 120 40.61 -27.77 3.83
C LEU D 120 40.28 -26.56 2.95
N GLU D 121 40.10 -25.38 3.56
CA GLU D 121 39.83 -24.18 2.77
C GLU D 121 41.04 -23.77 1.92
N ASN D 122 42.25 -24.09 2.38
CA ASN D 122 43.44 -23.88 1.55
C ASN D 122 43.56 -24.94 0.47
N VAL D 123 43.17 -26.18 0.78
CA VAL D 123 43.32 -27.29 -0.16
C VAL D 123 42.31 -27.17 -1.30
N VAL D 124 41.08 -26.77 -0.99
CA VAL D 124 39.99 -26.77 -1.98
C VAL D 124 40.26 -25.77 -3.11
N GLY D 125 40.97 -24.68 -2.81
CA GLY D 125 41.37 -23.72 -3.82
C GLY D 125 40.20 -22.94 -4.43
N ASP D 126 40.39 -22.55 -5.69
CA ASP D 126 39.41 -21.81 -6.46
C ASP D 126 38.53 -22.69 -7.35
N LYS D 127 38.73 -24.01 -7.32
CA LYS D 127 38.04 -24.91 -8.22
C LYS D 127 36.55 -24.97 -7.87
N VAL D 128 35.70 -24.85 -8.88
CA VAL D 128 34.26 -24.96 -8.73
C VAL D 128 33.85 -26.34 -9.24
N PHE D 129 33.36 -27.18 -8.34
CA PHE D 129 33.07 -28.57 -8.66
C PHE D 129 31.71 -28.70 -9.33
N GLY D 130 31.62 -29.64 -10.28
CA GLY D 130 30.43 -29.76 -11.10
C GLY D 130 29.19 -30.20 -10.33
N SER D 131 29.36 -31.14 -9.40
CA SER D 131 28.24 -31.64 -8.62
C SER D 131 28.58 -31.58 -7.15
N PHE D 132 27.51 -31.54 -6.33
CA PHE D 132 27.66 -31.46 -4.89
C PHE D 132 28.37 -32.69 -4.33
N ALA D 133 28.00 -33.87 -4.81
CA ALA D 133 28.62 -35.12 -4.37
C ALA D 133 30.09 -35.21 -4.76
N GLU D 134 30.46 -34.63 -5.91
CA GLU D 134 31.87 -34.60 -6.30
C GLU D 134 32.68 -33.71 -5.35
N ASN D 135 32.09 -32.58 -4.92
CA ASN D 135 32.75 -31.72 -3.94
C ASN D 135 32.94 -32.43 -2.61
N LEU D 136 31.90 -33.15 -2.14
CA LEU D 136 32.04 -33.90 -0.89
C LEU D 136 33.05 -35.04 -1.03
N SER D 137 33.10 -35.69 -2.20
CA SER D 137 34.06 -36.75 -2.44
C SER D 137 35.50 -36.22 -2.46
N PHE D 138 35.71 -35.04 -3.03
CA PHE D 138 37.04 -34.42 -2.99
C PHE D 138 37.41 -34.04 -1.56
N LEU D 139 36.44 -33.53 -0.79
CA LEU D 139 36.69 -33.11 0.59
C LEU D 139 37.07 -34.31 1.46
N LEU D 140 36.33 -35.40 1.35
CA LEU D 140 36.54 -36.53 2.23
C LEU D 140 37.76 -37.37 1.85
N GLU D 141 38.37 -37.12 0.70
CA GLU D 141 39.50 -37.91 0.24
C GLU D 141 40.84 -37.40 0.80
N ALA D 142 40.82 -36.32 1.55
CA ALA D 142 42.06 -35.76 2.08
C ALA D 142 41.92 -35.37 3.54
N CYS D 152 40.90 -42.23 8.41
CA CYS D 152 40.59 -40.97 9.06
C CYS D 152 39.09 -40.71 9.08
N PRO D 153 38.42 -41.21 10.12
CA PRO D 153 36.95 -41.08 10.18
C PRO D 153 36.53 -39.64 10.45
N VAL D 154 35.28 -39.35 10.09
CA VAL D 154 34.68 -38.03 10.23
C VAL D 154 33.33 -38.23 10.89
N ILE D 155 32.98 -37.33 11.81
CA ILE D 155 31.71 -37.39 12.53
C ILE D 155 30.92 -36.14 12.22
N PHE D 156 29.64 -36.30 11.88
CA PHE D 156 28.76 -35.21 11.43
C PHE D 156 27.60 -35.09 12.38
N ILE D 157 27.66 -34.11 13.29
CA ILE D 157 26.58 -33.87 14.25
C ILE D 157 25.64 -32.84 13.62
N LEU D 158 24.47 -33.29 13.17
CA LEU D 158 23.50 -32.42 12.52
C LEU D 158 22.46 -31.99 13.55
N ASP D 159 22.69 -30.85 14.20
CA ASP D 159 21.68 -30.30 15.10
C ASP D 159 20.55 -29.66 14.30
N GLU D 160 19.35 -29.69 14.89
CA GLU D 160 18.10 -29.24 14.27
C GLU D 160 17.88 -29.90 12.91
N PHE D 161 17.66 -31.21 12.96
CA PHE D 161 17.56 -32.02 11.76
C PHE D 161 16.31 -31.69 10.96
N ASP D 162 15.22 -31.33 11.62
CA ASP D 162 13.99 -30.99 10.91
C ASP D 162 14.14 -29.71 10.09
N LEU D 163 15.00 -28.79 10.54
CA LEU D 163 15.29 -27.60 9.73
C LEU D 163 16.11 -27.96 8.49
N PHE D 164 16.97 -28.98 8.59
CA PHE D 164 17.61 -29.51 7.39
C PHE D 164 16.59 -30.19 6.48
N ALA D 165 15.54 -30.76 7.06
CA ALA D 165 14.55 -31.49 6.29
C ALA D 165 13.70 -30.59 5.41
N HIS D 166 13.59 -29.30 5.71
CA HIS D 166 12.79 -28.38 4.91
C HIS D 166 13.57 -27.71 3.80
N HIS D 167 14.69 -28.28 3.36
CA HIS D 167 15.40 -27.75 2.21
C HIS D 167 14.63 -28.03 0.92
N LYS D 168 15.22 -27.58 -0.20
CA LYS D 168 14.53 -27.56 -1.49
C LYS D 168 14.23 -28.98 -1.99
N ASN D 169 15.24 -29.85 -1.99
CA ASN D 169 15.01 -31.25 -2.34
C ASN D 169 15.81 -32.18 -1.45
N GLN D 170 16.15 -31.71 -0.24
CA GLN D 170 16.87 -32.47 0.80
C GLN D 170 18.19 -33.04 0.28
N THR D 171 18.93 -32.17 -0.43
CA THR D 171 20.12 -32.61 -1.18
C THR D 171 21.24 -33.03 -0.24
N LEU D 172 21.52 -32.21 0.79
CA LEU D 172 22.62 -32.49 1.71
C LEU D 172 22.37 -33.76 2.53
N LEU D 173 21.14 -33.96 2.98
CA LEU D 173 20.79 -35.18 3.72
C LEU D 173 20.96 -36.41 2.84
N TYR D 174 20.52 -36.33 1.58
CA TYR D 174 20.65 -37.45 0.67
C TYR D 174 22.11 -37.77 0.39
N ASN D 175 22.94 -36.74 0.19
CA ASN D 175 24.35 -36.98 -0.09
C ASN D 175 25.08 -37.52 1.12
N LEU D 176 24.72 -37.06 2.32
CA LEU D 176 25.37 -37.57 3.53
C LEU D 176 25.00 -39.01 3.79
N PHE D 177 23.70 -39.34 3.66
CA PHE D 177 23.28 -40.72 3.86
C PHE D 177 23.82 -41.64 2.77
N ASP D 178 23.94 -41.15 1.54
CA ASP D 178 24.46 -41.96 0.44
C ASP D 178 25.95 -42.23 0.60
N ILE D 179 26.71 -41.23 1.08
CA ILE D 179 28.14 -41.44 1.29
C ILE D 179 28.37 -42.38 2.47
N SER D 180 27.57 -42.25 3.54
CA SER D 180 27.72 -43.17 4.68
C SER D 180 27.35 -44.60 4.29
N GLN D 181 26.33 -44.77 3.45
CA GLN D 181 25.97 -46.13 3.03
C GLN D 181 26.99 -46.72 2.06
N SER D 182 27.49 -45.93 1.11
CA SER D 182 28.24 -46.49 -0.02
C SER D 182 29.75 -46.35 0.11
N ALA D 183 30.25 -45.17 0.45
CA ALA D 183 31.69 -44.91 0.42
C ALA D 183 32.43 -45.63 1.54
N GLN D 184 33.73 -45.88 1.31
CA GLN D 184 34.56 -46.59 2.28
C GLN D 184 34.79 -45.76 3.53
N THR D 185 35.00 -44.44 3.36
CA THR D 185 35.27 -43.44 4.40
C THR D 185 34.27 -43.50 5.56
N PRO D 186 34.74 -43.84 6.76
CA PRO D 186 33.82 -43.99 7.90
C PRO D 186 33.19 -42.67 8.30
N ILE D 187 31.87 -42.70 8.51
CA ILE D 187 31.07 -41.51 8.78
C ILE D 187 29.97 -41.89 9.75
N ALA D 188 29.76 -41.05 10.75
CA ALA D 188 28.59 -41.17 11.61
C ALA D 188 27.77 -39.91 11.45
N VAL D 189 26.46 -40.08 11.27
CA VAL D 189 25.55 -38.95 11.06
C VAL D 189 24.55 -38.99 12.21
N ILE D 190 24.77 -38.16 13.21
CA ILE D 190 23.82 -38.02 14.29
C ILE D 190 22.93 -36.82 14.03
N GLY D 191 21.63 -37.01 14.19
CA GLY D 191 20.68 -35.94 14.00
C GLY D 191 19.85 -35.78 15.25
N LEU D 192 19.41 -34.55 15.48
CA LEU D 192 18.72 -34.21 16.73
C LEU D 192 17.42 -33.51 16.37
N THR D 193 16.30 -34.07 16.82
CA THR D 193 15.02 -33.41 16.55
C THR D 193 14.14 -33.49 17.79
N CYS D 194 13.13 -32.62 17.82
CA CYS D 194 12.12 -32.65 18.86
C CYS D 194 10.75 -32.98 18.30
N ARG D 195 10.70 -33.53 17.08
CA ARG D 195 9.45 -33.81 16.39
C ARG D 195 9.26 -35.31 16.31
N LEU D 196 8.06 -35.77 16.59
CA LEU D 196 7.74 -37.19 16.49
C LEU D 196 7.34 -37.61 15.08
N ASP D 197 7.17 -36.66 14.17
CA ASP D 197 6.94 -36.94 12.76
C ASP D 197 8.19 -36.73 11.91
N ILE D 198 9.37 -36.94 12.49
CA ILE D 198 10.61 -36.70 11.76
C ILE D 198 10.81 -37.73 10.65
N LEU D 199 10.24 -38.93 10.82
CA LEU D 199 10.32 -39.94 9.77
C LEU D 199 9.13 -39.91 8.83
N GLU D 200 8.32 -38.84 8.87
CA GLU D 200 7.34 -38.57 7.83
C GLU D 200 7.70 -37.37 6.98
N LEU D 201 8.60 -36.51 7.44
CA LEU D 201 9.03 -35.39 6.61
C LEU D 201 10.03 -35.84 5.56
N LEU D 202 10.82 -36.87 5.87
CA LEU D 202 11.88 -37.30 4.97
C LEU D 202 11.28 -37.98 3.74
N GLU D 203 11.81 -37.65 2.57
CA GLU D 203 11.25 -38.16 1.33
C GLU D 203 11.70 -39.63 1.16
N LYS D 204 11.04 -40.34 0.23
CA LYS D 204 11.10 -41.80 0.19
C LYS D 204 12.50 -42.36 -0.10
N ARG D 205 13.36 -41.63 -0.82
CA ARG D 205 14.70 -42.17 -1.08
C ARG D 205 15.60 -42.05 0.15
N VAL D 206 15.46 -40.96 0.91
CA VAL D 206 16.40 -40.74 2.00
C VAL D 206 16.01 -41.56 3.22
N LYS D 207 14.73 -41.92 3.36
CA LYS D 207 14.35 -42.90 4.38
C LYS D 207 14.95 -44.27 4.05
N SER D 208 14.98 -44.63 2.77
CA SER D 208 15.59 -45.88 2.37
C SER D 208 17.09 -45.87 2.61
N ARG D 209 17.73 -44.72 2.39
CA ARG D 209 19.16 -44.64 2.71
C ARG D 209 19.43 -44.54 4.21
N PHE D 210 18.41 -44.30 5.03
CA PHE D 210 18.58 -44.09 6.46
C PHE D 210 18.42 -45.40 7.22
N SER D 211 19.47 -45.79 7.96
CA SER D 211 19.33 -46.90 8.89
C SER D 211 18.54 -46.43 10.11
N HIS D 212 17.50 -47.19 10.45
CA HIS D 212 16.50 -46.73 11.41
C HIS D 212 16.98 -47.04 12.83
N ARG D 213 17.81 -46.14 13.34
CA ARG D 213 18.31 -46.21 14.71
C ARG D 213 17.83 -44.98 15.45
N GLN D 214 16.90 -45.16 16.39
CA GLN D 214 16.28 -44.05 17.10
C GLN D 214 16.50 -44.20 18.60
N ILE D 215 16.99 -43.13 19.23
CA ILE D 215 17.27 -43.09 20.66
C ILE D 215 16.35 -42.05 21.28
N HIS D 216 15.31 -42.50 21.99
CA HIS D 216 14.28 -41.60 22.48
C HIS D 216 14.58 -41.19 23.92
N LEU D 217 14.86 -39.91 24.15
CA LEU D 217 15.25 -39.39 25.46
C LEU D 217 14.08 -38.72 26.17
N MET D 218 13.01 -39.48 26.40
CA MET D 218 11.81 -38.93 27.03
C MET D 218 12.03 -38.78 28.54
N ASN D 219 11.32 -37.82 29.15
CA ASN D 219 11.48 -37.50 30.57
C ASN D 219 10.64 -38.47 31.40
N SER D 220 11.19 -39.67 31.62
CA SER D 220 10.48 -40.71 32.37
C SER D 220 10.90 -40.79 33.83
N PHE D 221 10.61 -39.76 34.62
CA PHE D 221 11.01 -39.74 36.02
C PHE D 221 9.91 -39.16 36.90
N GLY D 222 9.72 -39.76 38.07
CA GLY D 222 8.66 -39.34 38.97
C GLY D 222 9.06 -38.17 39.85
N PHE D 223 8.11 -37.76 40.69
CA PHE D 223 8.32 -36.63 41.59
C PHE D 223 9.41 -36.81 42.65
N PRO D 224 9.56 -37.97 43.35
CA PRO D 224 10.73 -38.11 44.23
C PRO D 224 12.05 -38.05 43.49
N GLN D 225 12.09 -38.56 42.26
CA GLN D 225 13.27 -38.39 41.44
C GLN D 225 13.49 -36.93 41.07
N TYR D 226 12.41 -36.15 40.91
CA TYR D 226 12.54 -34.72 40.65
C TYR D 226 13.14 -34.00 41.85
N VAL D 227 12.72 -34.37 43.07
CA VAL D 227 13.29 -33.80 44.28
C VAL D 227 14.75 -34.22 44.45
N LYS D 228 15.09 -35.43 44.04
CA LYS D 228 16.48 -35.86 44.06
C LYS D 228 17.33 -35.05 43.06
N ILE D 229 16.78 -34.73 41.89
CA ILE D 229 17.49 -33.89 40.94
C ILE D 229 17.64 -32.46 41.47
N PHE D 230 16.61 -31.95 42.16
CA PHE D 230 16.68 -30.68 42.88
C PHE D 230 17.87 -30.62 43.84
N LYS D 231 17.99 -31.62 44.71
CA LYS D 231 19.06 -31.62 45.70
C LYS D 231 20.42 -31.95 45.09
N GLU D 232 20.46 -32.73 44.01
CA GLU D 232 21.73 -32.99 43.34
C GLU D 232 22.23 -31.77 42.58
N GLN D 233 21.32 -30.98 42.00
CA GLN D 233 21.72 -29.84 41.19
C GLN D 233 21.98 -28.58 42.01
N LEU D 234 21.48 -28.54 43.26
CA LEU D 234 21.66 -27.34 44.12
C LEU D 234 22.77 -27.58 45.15
N SER D 235 23.67 -28.53 44.86
CA SER D 235 24.75 -28.86 45.80
C SER D 235 26.12 -28.58 45.19
N LEU D 236 27.06 -28.16 46.03
CA LEU D 236 28.41 -27.80 45.59
C LEU D 236 29.22 -29.04 45.20
N PRO D 237 30.25 -28.88 44.37
CA PRO D 237 31.13 -30.02 44.06
C PRO D 237 32.17 -30.26 45.16
N ALA D 238 32.86 -31.39 45.03
CA ALA D 238 33.80 -31.83 46.05
C ALA D 238 35.20 -31.23 45.88
N GLU D 239 35.49 -30.57 44.76
CA GLU D 239 36.77 -29.90 44.57
C GLU D 239 36.69 -28.42 44.92
N PHE D 240 35.63 -28.02 45.63
CA PHE D 240 35.51 -26.65 46.10
C PHE D 240 36.52 -26.39 47.21
N PRO D 241 37.24 -25.26 47.17
CA PRO D 241 38.33 -25.06 48.15
C PRO D 241 37.86 -24.83 49.58
N ASP D 242 36.83 -24.01 49.78
CA ASP D 242 36.35 -23.70 51.13
C ASP D 242 35.48 -24.86 51.57
N LYS D 243 36.14 -25.89 52.10
CA LYS D 243 35.47 -27.15 52.44
C LYS D 243 34.51 -26.97 53.60
N VAL D 244 34.91 -26.19 54.61
CA VAL D 244 34.12 -26.05 55.84
C VAL D 244 32.79 -25.35 55.55
N PHE D 245 32.79 -24.40 54.62
CA PHE D 245 31.54 -23.81 54.16
C PHE D 245 30.77 -24.78 53.27
N ALA D 246 31.50 -25.63 52.54
CA ALA D 246 30.88 -26.55 51.59
C ALA D 246 29.99 -27.58 52.27
N GLU D 247 30.43 -28.19 53.39
CA GLU D 247 29.58 -29.23 53.99
C GLU D 247 28.34 -28.63 54.63
N LYS D 248 28.45 -27.44 55.23
CA LYS D 248 27.25 -26.83 55.81
C LYS D 248 26.31 -26.32 54.74
N TRP D 249 26.81 -25.93 53.56
CA TRP D 249 25.93 -25.60 52.45
C TRP D 249 25.17 -26.85 51.97
N ASN D 250 25.86 -27.99 51.92
CA ASN D 250 25.19 -29.24 51.56
C ASN D 250 24.16 -29.66 52.59
N GLU D 251 24.45 -29.52 53.89
CA GLU D 251 23.44 -29.87 54.89
C GLU D 251 22.25 -28.92 54.84
N ASN D 252 22.50 -27.66 54.49
CA ASN D 252 21.42 -26.70 54.31
C ASN D 252 20.52 -27.08 53.14
N VAL D 253 21.10 -27.54 52.02
CA VAL D 253 20.23 -27.89 50.89
C VAL D 253 19.51 -29.21 51.14
N GLN D 254 20.09 -30.10 51.97
CA GLN D 254 19.31 -31.27 52.43
C GLN D 254 18.08 -30.86 53.23
N TYR D 255 18.25 -29.94 54.19
CA TYR D 255 17.10 -29.47 54.96
C TYR D 255 16.10 -28.74 54.07
N LEU D 256 16.60 -28.00 53.08
CA LEU D 256 15.71 -27.32 52.15
C LEU D 256 14.92 -28.30 51.29
N SER D 257 15.55 -29.39 50.87
CA SER D 257 14.87 -30.39 50.06
C SER D 257 13.80 -31.13 50.86
N GLU D 258 14.04 -31.32 52.16
CA GLU D 258 13.03 -31.98 52.97
C GLU D 258 11.95 -31.03 53.50
N ASP D 259 12.05 -29.73 53.22
CA ASP D 259 11.07 -28.77 53.72
C ASP D 259 9.74 -28.96 52.99
N ARG D 260 8.65 -28.57 53.64
CA ARG D 260 7.31 -28.79 53.10
C ARG D 260 6.98 -27.80 51.98
N SER D 261 7.21 -26.50 52.21
CA SER D 261 6.80 -25.48 51.23
C SER D 261 7.64 -25.56 49.97
N VAL D 262 8.90 -25.95 50.11
CA VAL D 262 9.76 -26.22 48.97
C VAL D 262 9.20 -27.38 48.16
N GLN D 263 8.69 -28.40 48.84
CA GLN D 263 8.03 -29.51 48.16
C GLN D 263 6.77 -29.06 47.45
N GLU D 264 6.04 -28.11 48.04
CA GLU D 264 4.81 -27.61 47.41
C GLU D 264 5.10 -26.82 46.14
N VAL D 265 6.10 -25.94 46.16
CA VAL D 265 6.41 -25.18 44.95
C VAL D 265 7.05 -26.08 43.89
N LEU D 266 7.80 -27.10 44.32
CA LEU D 266 8.32 -28.07 43.35
C LEU D 266 7.20 -28.91 42.74
N GLN D 267 6.15 -29.21 43.51
CA GLN D 267 4.99 -29.90 42.94
C GLN D 267 4.25 -29.03 41.94
N LYS D 268 4.12 -27.74 42.25
CA LYS D 268 3.45 -26.82 41.33
C LYS D 268 4.24 -26.69 40.03
N HIS D 269 5.56 -26.67 40.11
CA HIS D 269 6.35 -26.62 38.88
C HIS D 269 6.37 -27.96 38.16
N PHE D 270 6.26 -29.07 38.92
CA PHE D 270 6.26 -30.39 38.32
C PHE D 270 4.99 -30.66 37.52
N ASN D 271 3.86 -30.13 37.98
CA ASN D 271 2.60 -30.33 37.26
C ASN D 271 2.61 -29.69 35.88
N ILE D 272 3.33 -28.58 35.70
CA ILE D 272 3.37 -27.95 34.39
C ILE D 272 4.28 -28.72 33.44
N SER D 273 5.49 -29.05 33.87
CA SER D 273 6.43 -29.72 33.00
C SER D 273 7.46 -30.47 33.84
N LYS D 274 8.10 -31.44 33.19
CA LYS D 274 9.13 -32.25 33.83
C LYS D 274 10.46 -31.98 33.15
N ASN D 275 10.71 -30.73 32.80
CA ASN D 275 11.84 -30.33 31.99
C ASN D 275 12.82 -29.60 32.91
N LEU D 276 14.10 -29.96 32.84
CA LEU D 276 15.07 -29.46 33.82
C LEU D 276 15.46 -28.01 33.57
N ARG D 277 15.19 -27.48 32.37
CA ARG D 277 15.53 -26.09 32.07
C ARG D 277 14.74 -25.11 32.93
N SER D 278 13.44 -25.36 33.11
CA SER D 278 12.63 -24.53 33.99
C SER D 278 13.07 -24.63 35.44
N LEU D 279 13.51 -25.83 35.85
CA LEU D 279 14.06 -26.01 37.19
C LEU D 279 15.34 -25.20 37.37
N HIS D 280 16.22 -25.18 36.35
CA HIS D 280 17.41 -24.35 36.44
C HIS D 280 17.09 -22.86 36.46
N MET D 281 16.00 -22.45 35.82
CA MET D 281 15.58 -21.05 35.90
C MET D 281 15.10 -20.68 37.31
N LEU D 282 14.29 -21.54 37.92
CA LEU D 282 13.82 -21.32 39.28
C LEU D 282 14.97 -21.29 40.28
N LEU D 283 15.92 -22.23 40.13
CA LEU D 283 17.08 -22.25 41.01
C LEU D 283 17.97 -21.04 40.80
N MET D 284 18.09 -20.56 39.56
CA MET D 284 18.87 -19.34 39.34
C MET D 284 18.25 -18.13 40.03
N LEU D 285 16.93 -17.97 39.95
CA LEU D 285 16.30 -16.84 40.65
C LEU D 285 16.48 -16.92 42.16
N ALA D 286 16.23 -18.10 42.74
CA ALA D 286 16.38 -18.27 44.19
C ALA D 286 17.84 -18.14 44.63
N LEU D 287 18.77 -18.59 43.80
CA LEU D 287 20.20 -18.41 44.04
C LEU D 287 20.59 -16.96 44.00
N ASN D 288 19.99 -16.21 43.07
CA ASN D 288 20.39 -14.83 42.83
C ASN D 288 19.93 -13.93 43.96
N ARG D 289 18.87 -14.32 44.67
CA ARG D 289 18.47 -13.57 45.87
C ARG D 289 19.53 -13.61 46.97
N VAL D 290 20.32 -14.70 47.03
CA VAL D 290 21.35 -14.84 48.06
C VAL D 290 22.45 -13.80 47.90
N THR D 291 22.72 -13.06 48.98
CA THR D 291 23.72 -12.01 49.00
C THR D 291 24.72 -12.30 50.12
N ALA D 292 25.63 -11.35 50.34
CA ALA D 292 26.63 -11.50 51.39
C ALA D 292 26.00 -11.46 52.78
N SER D 293 25.04 -10.56 52.99
CA SER D 293 24.37 -10.47 54.28
C SER D 293 23.50 -11.68 54.56
N HIS D 294 22.85 -12.21 53.54
CA HIS D 294 21.93 -13.34 53.66
C HIS D 294 22.56 -14.55 52.97
N PRO D 295 23.36 -15.35 53.67
CA PRO D 295 24.27 -16.28 53.00
C PRO D 295 23.73 -17.69 52.76
N PHE D 296 22.48 -17.98 53.08
CA PHE D 296 21.96 -19.33 52.91
C PHE D 296 20.55 -19.25 52.32
N MET D 297 20.18 -20.25 51.54
CA MET D 297 18.89 -20.22 50.90
C MET D 297 17.80 -20.56 51.91
N THR D 298 16.59 -20.07 51.63
CA THR D 298 15.47 -20.18 52.54
C THR D 298 14.24 -20.55 51.71
N ALA D 299 13.20 -21.03 52.39
CA ALA D 299 11.95 -21.41 51.72
C ALA D 299 11.30 -20.23 51.01
N VAL D 300 11.41 -19.03 51.60
CA VAL D 300 10.78 -17.85 51.00
C VAL D 300 11.47 -17.42 49.71
N ASP D 301 12.75 -17.79 49.50
CA ASP D 301 13.37 -17.50 48.20
C ASP D 301 12.73 -18.32 47.10
N LEU D 302 12.47 -19.60 47.35
CA LEU D 302 11.80 -20.43 46.36
C LEU D 302 10.34 -20.04 46.20
N MET D 303 9.68 -19.63 47.28
CA MET D 303 8.28 -19.18 47.15
C MET D 303 8.17 -17.89 46.35
N GLU D 304 9.06 -16.92 46.59
CA GLU D 304 8.99 -15.67 45.83
C GLU D 304 9.48 -15.86 44.38
N ALA D 305 10.49 -16.70 44.18
CA ALA D 305 10.94 -17.01 42.82
C ALA D 305 9.90 -17.81 42.06
N SER D 306 9.08 -18.60 42.75
CA SER D 306 7.96 -19.24 42.09
C SER D 306 6.84 -18.25 41.79
N GLN D 307 6.66 -17.25 42.65
CA GLN D 307 5.67 -16.20 42.39
C GLN D 307 6.06 -15.37 41.17
N LEU D 308 7.35 -15.13 40.97
CA LEU D 308 7.79 -14.36 39.81
C LEU D 308 7.52 -15.11 38.51
N CYS D 309 7.72 -16.43 38.49
CA CYS D 309 7.54 -17.17 37.24
C CYS D 309 6.08 -17.35 36.86
N SER D 310 5.17 -17.40 37.83
CA SER D 310 3.80 -17.79 37.57
C SER D 310 2.87 -16.63 37.24
N MET D 311 3.42 -15.49 36.80
CA MET D 311 2.60 -14.32 36.51
C MET D 311 1.71 -14.54 35.28
N ASP D 312 0.51 -13.97 35.33
CA ASP D 312 -0.38 -13.95 34.19
C ASP D 312 -0.15 -12.68 33.38
N SER D 313 0.13 -12.82 32.09
CA SER D 313 0.58 -11.68 31.30
C SER D 313 -0.57 -10.73 30.95
N LYS D 314 -1.71 -11.28 30.54
CA LYS D 314 -2.80 -10.45 30.06
C LYS D 314 -3.45 -9.67 31.19
N ALA D 315 -3.45 -10.22 32.40
CA ALA D 315 -3.95 -9.48 33.55
C ALA D 315 -3.02 -8.32 33.89
N ASN D 316 -1.70 -8.52 33.71
CA ASN D 316 -0.75 -7.44 33.90
C ASN D 316 -0.94 -6.33 32.88
N ILE D 317 -1.29 -6.68 31.64
CA ILE D 317 -1.58 -5.65 30.65
C ILE D 317 -2.86 -4.90 30.97
N VAL D 318 -3.93 -5.63 31.31
CA VAL D 318 -5.23 -4.97 31.54
C VAL D 318 -5.21 -4.14 32.82
N HIS D 319 -4.33 -4.48 33.76
CA HIS D 319 -4.08 -3.64 34.94
C HIS D 319 -3.52 -2.28 34.54
N GLY D 320 -2.74 -2.21 33.46
CA GLY D 320 -2.12 -0.97 33.03
C GLY D 320 -3.03 0.03 32.33
N LEU D 321 -4.24 -0.40 31.94
CA LEU D 321 -5.09 0.41 31.08
C LEU D 321 -5.67 1.62 31.79
N SER D 322 -6.19 2.56 30.99
CA SER D 322 -6.97 3.69 31.46
C SER D 322 -8.36 3.23 31.91
N VAL D 323 -9.11 4.14 32.51
CA VAL D 323 -10.48 3.81 32.93
C VAL D 323 -11.40 3.73 31.70
N LEU D 324 -11.19 4.60 30.73
CA LEU D 324 -12.02 4.64 29.53
C LEU D 324 -11.86 3.39 28.68
N GLU D 325 -10.65 2.85 28.60
CA GLU D 325 -10.43 1.62 27.85
C GLU D 325 -11.08 0.44 28.54
N ILE D 326 -11.17 0.48 29.86
CA ILE D 326 -11.91 -0.54 30.61
C ILE D 326 -13.40 -0.43 30.34
N CYS D 327 -13.93 0.80 30.22
CA CYS D 327 -15.34 0.97 29.84
C CYS D 327 -15.62 0.43 28.45
N LEU D 328 -14.69 0.65 27.52
CA LEU D 328 -14.81 0.07 26.19
C LEU D 328 -14.80 -1.45 26.24
N ILE D 329 -13.92 -2.05 27.06
CA ILE D 329 -13.83 -3.51 27.15
C ILE D 329 -15.09 -4.12 27.75
N ILE D 330 -15.70 -3.46 28.75
CA ILE D 330 -16.97 -3.95 29.29
C ILE D 330 -18.08 -3.86 28.24
N ALA D 331 -18.05 -2.80 27.40
CA ALA D 331 -19.02 -2.72 26.30
C ALA D 331 -18.83 -3.85 25.28
N MET D 332 -17.57 -4.17 24.95
CA MET D 332 -17.27 -5.28 24.04
C MET D 332 -17.69 -6.62 24.64
N LYS D 333 -17.58 -6.76 25.96
CA LYS D 333 -17.98 -7.99 26.61
C LYS D 333 -19.50 -8.18 26.55
N HIS D 334 -20.27 -7.09 26.75
CA HIS D 334 -21.72 -7.19 26.52
C HIS D 334 -22.06 -7.46 25.07
N LEU D 335 -21.30 -6.91 24.11
CA LEU D 335 -21.57 -7.18 22.70
C LEU D 335 -21.36 -8.66 22.36
N ASN D 336 -20.26 -9.24 22.82
CA ASN D 336 -20.07 -10.68 22.63
C ASN D 336 -21.02 -11.52 23.47
N ASP D 337 -21.58 -10.95 24.54
CA ASP D 337 -22.56 -11.69 25.34
C ASP D 337 -23.90 -11.76 24.62
N ILE D 338 -24.32 -10.69 23.96
CA ILE D 338 -25.64 -10.65 23.36
C ILE D 338 -25.62 -11.33 21.99
N TYR D 339 -24.78 -10.85 21.09
CA TYR D 339 -24.71 -11.39 19.73
C TYR D 339 -23.49 -12.31 19.67
N GLU D 340 -23.72 -13.56 20.04
CA GLU D 340 -22.61 -14.45 20.40
C GLU D 340 -21.85 -14.93 19.17
N GLU D 341 -20.52 -14.92 19.29
CA GLU D 341 -19.56 -15.21 18.21
C GLU D 341 -19.87 -14.46 16.93
N GLU D 342 -20.06 -13.14 17.05
CA GLU D 342 -20.25 -12.31 15.88
C GLU D 342 -19.36 -11.08 16.02
N PRO D 343 -18.60 -10.73 14.99
CA PRO D 343 -17.65 -9.63 15.09
C PRO D 343 -18.35 -8.28 15.17
N PHE D 344 -17.59 -7.30 15.63
CA PHE D 344 -18.10 -5.96 15.88
C PHE D 344 -17.18 -4.92 15.26
N ASN D 345 -17.71 -3.70 15.13
CA ASN D 345 -16.96 -2.54 14.70
C ASN D 345 -17.10 -1.44 15.75
N PHE D 346 -16.48 -0.29 15.48
CA PHE D 346 -16.45 0.81 16.44
C PHE D 346 -17.85 1.37 16.72
N GLN D 347 -18.75 1.25 15.76
CA GLN D 347 -20.04 1.92 15.92
C GLN D 347 -20.94 1.20 16.94
N MET D 348 -20.94 -0.13 16.96
CA MET D 348 -21.74 -0.85 17.95
C MET D 348 -21.20 -0.68 19.36
N VAL D 349 -19.88 -0.74 19.53
CA VAL D 349 -19.29 -0.55 20.86
C VAL D 349 -19.49 0.89 21.32
N TYR D 350 -19.44 1.86 20.40
CA TYR D 350 -19.73 3.24 20.78
C TYR D 350 -21.19 3.44 21.15
N ASN D 351 -22.11 2.77 20.46
CA ASN D 351 -23.51 2.90 20.80
C ASN D 351 -23.81 2.29 22.17
N GLU D 352 -23.20 1.14 22.47
CA GLU D 352 -23.40 0.54 23.79
C GLU D 352 -22.77 1.38 24.90
N PHE D 353 -21.61 1.99 24.61
CA PHE D 353 -21.02 2.93 25.55
C PHE D 353 -21.89 4.17 25.73
N GLN D 354 -22.61 4.58 24.68
CA GLN D 354 -23.55 5.69 24.83
C GLN D 354 -24.73 5.32 25.72
N LYS D 355 -25.20 4.07 25.59
CA LYS D 355 -26.21 3.57 26.53
C LYS D 355 -25.68 3.56 27.96
N PHE D 356 -24.40 3.28 28.15
CA PHE D 356 -23.79 3.48 29.46
C PHE D 356 -23.81 4.93 29.92
N VAL D 357 -23.32 5.86 29.11
CA VAL D 357 -23.07 7.22 29.61
C VAL D 357 -24.39 7.96 29.81
N GLN D 358 -25.47 7.47 29.20
CA GLN D 358 -26.77 7.99 29.61
C GLN D 358 -27.40 7.19 30.74
N ARG D 359 -27.22 5.86 30.78
CA ARG D 359 -28.10 5.00 31.57
C ARG D 359 -27.71 4.97 33.03
N LYS D 360 -26.41 4.83 33.33
CA LYS D 360 -25.95 4.90 34.73
C LYS D 360 -25.78 6.33 35.24
N ALA D 361 -25.03 7.16 34.53
CA ALA D 361 -24.55 8.40 35.10
C ALA D 361 -25.01 9.59 34.27
N HIS D 362 -24.91 10.78 34.87
CA HIS D 362 -25.23 12.03 34.19
C HIS D 362 -24.02 12.94 34.23
N SER D 363 -23.59 13.41 33.05
CA SER D 363 -22.51 14.38 32.85
C SER D 363 -21.16 13.90 33.39
N VAL D 364 -21.01 12.59 33.55
CA VAL D 364 -19.76 11.97 33.94
C VAL D 364 -19.52 10.89 32.89
N TYR D 365 -18.25 10.77 32.45
CA TYR D 365 -17.80 9.93 31.33
C TYR D 365 -18.42 10.34 30.00
N ASN D 366 -18.91 11.57 29.87
CA ASN D 366 -19.67 11.96 28.69
C ASN D 366 -18.67 12.56 27.69
N PHE D 367 -17.93 11.66 27.03
CA PHE D 367 -16.87 12.10 26.14
C PHE D 367 -17.38 12.22 24.71
N GLU D 368 -16.58 12.87 23.88
CA GLU D 368 -16.87 12.98 22.46
C GLU D 368 -16.29 11.78 21.70
N LYS D 369 -16.67 11.68 20.43
CA LYS D 369 -16.22 10.58 19.59
C LYS D 369 -14.70 10.48 19.36
N PRO D 370 -13.93 11.56 19.07
CA PRO D 370 -12.49 11.35 18.79
C PRO D 370 -11.66 10.79 19.94
N VAL D 371 -11.94 11.14 21.19
CA VAL D 371 -11.14 10.61 22.29
C VAL D 371 -11.47 9.12 22.53
N VAL D 372 -12.73 8.74 22.34
CA VAL D 372 -13.13 7.34 22.40
C VAL D 372 -12.47 6.54 21.27
N MET D 373 -12.40 7.12 20.07
CA MET D 373 -11.71 6.48 18.96
C MET D 373 -10.22 6.34 19.23
N LYS D 374 -9.62 7.35 19.88
CA LYS D 374 -8.20 7.28 20.24
C LYS D 374 -7.93 6.16 21.25
N ALA D 375 -8.83 5.99 22.23
CA ALA D 375 -8.70 4.89 23.17
C ALA D 375 -8.86 3.53 22.49
N PHE D 376 -9.82 3.42 21.56
CA PHE D 376 -10.04 2.16 20.85
C PHE D 376 -8.83 1.80 20.00
N GLU D 377 -8.21 2.81 19.39
CA GLU D 377 -7.01 2.60 18.61
C GLU D 377 -5.81 2.25 19.49
N HIS D 378 -5.80 2.73 20.74
CA HIS D 378 -4.79 2.27 21.68
C HIS D 378 -4.98 0.80 22.07
N LEU D 379 -6.23 0.38 22.28
CA LEU D 379 -6.52 -1.04 22.53
C LEU D 379 -6.06 -1.89 21.35
N GLN D 380 -6.25 -1.41 20.13
CA GLN D 380 -5.72 -2.10 18.96
C GLN D 380 -4.20 -2.13 18.94
N GLN D 381 -3.54 -1.11 19.49
CA GLN D 381 -2.07 -1.09 19.47
C GLN D 381 -1.48 -2.18 20.35
N LEU D 382 -2.11 -2.48 21.48
CA LEU D 382 -1.64 -3.50 22.40
C LEU D 382 -1.95 -4.92 21.93
N GLU D 383 -2.71 -5.06 20.84
CA GLU D 383 -3.22 -6.33 20.32
C GLU D 383 -4.11 -7.07 21.31
N LEU D 384 -4.93 -6.33 22.06
CA LEU D 384 -6.03 -6.94 22.78
C LEU D 384 -7.27 -7.11 21.92
N ILE D 385 -7.29 -6.50 20.73
CA ILE D 385 -8.30 -6.74 19.70
C ILE D 385 -7.59 -6.93 18.38
N LYS D 386 -8.23 -7.69 17.49
CA LYS D 386 -7.59 -8.11 16.27
C LYS D 386 -8.49 -7.85 15.07
N PRO D 387 -7.95 -7.29 13.98
CA PRO D 387 -8.75 -7.13 12.76
C PRO D 387 -9.04 -8.49 12.14
N MET D 388 -10.33 -8.77 11.93
CA MET D 388 -10.75 -10.10 11.50
C MET D 388 -10.29 -10.40 10.08
N GLU D 389 -10.44 -9.44 9.17
CA GLU D 389 -9.95 -9.55 7.80
C GLU D 389 -8.83 -8.55 7.59
N ARG D 390 -7.70 -9.02 7.08
CA ARG D 390 -6.53 -8.19 6.87
C ARG D 390 -6.44 -7.80 5.40
N THR D 391 -6.52 -6.50 5.14
CA THR D 391 -6.47 -5.96 3.78
C THR D 391 -5.35 -4.93 3.75
N SER D 392 -5.27 -4.18 2.65
CA SER D 392 -4.28 -3.12 2.47
C SER D 392 -5.02 -1.82 2.18
N GLY D 393 -5.48 -1.15 3.23
CA GLY D 393 -6.14 0.13 3.09
C GLY D 393 -7.53 0.08 2.49
N ASN D 394 -8.13 -1.10 2.38
CA ASN D 394 -9.45 -1.22 1.77
C ASN D 394 -10.56 -0.70 2.67
N SER D 395 -10.31 -0.60 3.97
CA SER D 395 -11.33 -0.20 4.93
C SER D 395 -10.93 1.07 5.65
N GLN D 396 -11.93 1.88 5.98
CA GLN D 396 -11.75 3.06 6.82
C GLN D 396 -11.67 2.64 8.29
N ARG D 397 -11.41 3.62 9.16
CA ARG D 397 -11.20 3.33 10.58
C ARG D 397 -12.46 2.82 11.26
N GLU D 398 -13.61 3.41 10.95
CA GLU D 398 -14.85 2.84 11.42
C GLU D 398 -15.27 1.70 10.50
N TYR D 399 -16.34 1.00 10.91
CA TYR D 399 -16.96 -0.09 10.15
C TYR D 399 -16.00 -1.24 9.87
N GLN D 400 -14.98 -1.41 10.71
CA GLN D 400 -13.95 -2.41 10.51
C GLN D 400 -14.19 -3.51 11.54
N LEU D 401 -14.41 -4.72 11.07
CA LEU D 401 -14.87 -5.80 11.92
C LEU D 401 -13.70 -6.42 12.66
N MET D 402 -13.78 -6.46 13.99
CA MET D 402 -12.66 -6.88 14.84
C MET D 402 -13.16 -7.80 15.94
N LYS D 403 -12.24 -8.58 16.50
CA LYS D 403 -12.56 -9.55 17.53
C LYS D 403 -11.78 -9.27 18.80
N LEU D 404 -12.41 -9.58 19.93
CA LEU D 404 -11.82 -9.42 21.25
C LEU D 404 -10.99 -10.64 21.61
N LEU D 405 -9.78 -10.40 22.11
CA LEU D 405 -8.88 -11.48 22.50
C LEU D 405 -8.83 -11.70 24.00
N LEU D 406 -9.85 -11.27 24.74
CA LEU D 406 -9.96 -11.56 26.17
C LEU D 406 -11.18 -12.43 26.44
N ASP D 407 -10.98 -13.48 27.23
CA ASP D 407 -12.08 -14.29 27.72
C ASP D 407 -12.83 -13.50 28.81
N ASN D 408 -14.07 -13.92 29.08
CA ASN D 408 -14.89 -13.24 30.09
C ASN D 408 -14.29 -13.35 31.49
N THR D 409 -13.75 -14.52 31.83
CA THR D 409 -13.24 -14.72 33.19
C THR D 409 -11.97 -13.90 33.44
N GLN D 410 -11.18 -13.64 32.39
CA GLN D 410 -10.04 -12.75 32.54
C GLN D 410 -10.50 -11.32 32.83
N ILE D 411 -11.58 -10.89 32.19
CA ILE D 411 -12.11 -9.55 32.43
C ILE D 411 -12.66 -9.43 33.84
N MET D 412 -13.35 -10.46 34.32
CA MET D 412 -13.85 -10.42 35.70
C MET D 412 -12.73 -10.45 36.73
N ASN D 413 -11.68 -11.26 36.48
CA ASN D 413 -10.55 -11.28 37.41
C ASN D 413 -9.79 -9.96 37.41
N ALA D 414 -9.66 -9.32 36.24
CA ALA D 414 -8.91 -8.06 36.18
C ALA D 414 -9.70 -6.91 36.78
N LEU D 415 -11.02 -6.87 36.56
CA LEU D 415 -11.85 -5.89 37.25
C LEU D 415 -11.93 -6.13 38.75
N GLN D 416 -11.74 -7.38 39.16
CA GLN D 416 -11.83 -7.74 40.60
C GLN D 416 -10.81 -6.90 41.38
N LYS D 417 -9.55 -6.91 40.92
CA LYS D 417 -8.48 -6.17 41.65
C LYS D 417 -8.08 -4.93 40.85
N TYR D 418 -9.01 -4.37 40.08
CA TYR D 418 -8.69 -3.10 39.35
C TYR D 418 -8.53 -1.96 40.37
N PRO D 419 -7.36 -1.30 40.53
CA PRO D 419 -7.21 -0.26 41.55
C PRO D 419 -8.28 0.84 41.49
N ASN D 420 -9.10 0.96 42.54
CA ASN D 420 -10.14 2.03 42.61
C ASN D 420 -10.96 2.06 41.32
N CYS D 421 -11.67 0.98 41.00
CA CYS D 421 -12.57 1.00 39.81
C CYS D 421 -13.91 1.61 40.24
N PRO D 422 -14.35 2.75 39.67
CA PRO D 422 -15.58 3.40 40.10
C PRO D 422 -16.75 2.41 40.22
N THR D 423 -17.47 2.43 41.33
CA THR D 423 -18.56 1.48 41.54
C THR D 423 -19.55 1.47 40.38
N ASP D 424 -19.60 2.56 39.62
CA ASP D 424 -20.55 2.65 38.51
C ASP D 424 -20.17 1.69 37.38
N VAL D 425 -18.91 1.71 36.95
CA VAL D 425 -18.45 0.84 35.88
C VAL D 425 -18.48 -0.61 36.32
N ARG D 426 -18.16 -0.87 37.57
CA ARG D 426 -18.16 -2.25 38.12
C ARG D 426 -19.61 -2.78 38.16
N GLN D 427 -20.56 -1.93 38.59
CA GLN D 427 -21.95 -2.35 38.64
C GLN D 427 -22.52 -2.56 37.24
N TRP D 428 -22.02 -1.79 36.27
CA TRP D 428 -22.35 -2.08 34.87
C TRP D 428 -21.80 -3.44 34.46
N ALA D 429 -20.58 -3.75 34.91
CA ALA D 429 -19.90 -4.96 34.51
C ALA D 429 -20.57 -6.22 35.04
N THR D 430 -21.06 -6.17 36.29
CA THR D 430 -21.79 -7.33 36.82
C THR D 430 -23.10 -7.55 36.08
N SER D 431 -23.81 -6.49 35.74
CA SER D 431 -25.06 -6.63 34.99
C SER D 431 -24.85 -6.30 33.52
N GLU E 5 20.19 14.73 36.95
CA GLU E 5 20.60 14.41 35.59
C GLU E 5 19.97 13.09 35.13
N ASN E 6 20.32 12.00 35.79
CA ASN E 6 19.79 10.68 35.51
C ASN E 6 19.27 10.10 36.81
N VAL E 7 18.02 10.40 37.15
CA VAL E 7 17.36 9.84 38.31
C VAL E 7 16.23 8.93 37.84
N VAL E 8 16.14 7.76 38.44
CA VAL E 8 15.02 6.86 38.25
C VAL E 8 14.20 6.84 39.53
N LEU E 9 12.89 7.09 39.39
CA LEU E 9 11.99 7.22 40.52
C LEU E 9 10.89 6.20 40.41
N CYS E 10 10.53 5.59 41.55
CA CYS E 10 9.50 4.57 41.71
C CYS E 10 9.81 3.28 40.97
N ARG E 11 11.05 3.09 40.52
CA ARG E 11 11.49 1.88 39.85
C ARG E 11 12.58 1.16 40.63
N GLU E 12 12.60 1.31 41.97
CA GLU E 12 13.68 0.79 42.78
C GLU E 12 13.75 -0.74 42.76
N SER E 13 12.59 -1.39 42.86
CA SER E 13 12.55 -2.86 42.86
C SER E 13 13.01 -3.42 41.53
N GLN E 14 12.55 -2.81 40.43
CA GLN E 14 12.88 -3.30 39.09
C GLN E 14 14.36 -3.10 38.78
N VAL E 15 14.95 -1.98 39.20
CA VAL E 15 16.37 -1.80 38.92
C VAL E 15 17.20 -2.69 39.85
N SER E 16 16.66 -3.02 41.04
CA SER E 16 17.32 -3.98 41.93
C SER E 16 17.38 -5.36 41.30
N ILE E 17 16.29 -5.79 40.66
CA ILE E 17 16.27 -7.12 40.04
C ILE E 17 17.23 -7.20 38.85
N LEU E 18 17.28 -6.17 37.99
CA LEU E 18 18.22 -6.17 36.88
C LEU E 18 19.67 -6.15 37.37
N GLN E 19 19.96 -5.34 38.39
CA GLN E 19 21.32 -5.28 38.92
C GLN E 19 21.69 -6.61 39.59
N SER E 20 20.71 -7.32 40.14
CA SER E 20 20.97 -8.65 40.70
C SER E 20 21.30 -9.66 39.60
N LEU E 21 20.49 -9.73 38.54
CA LEU E 21 20.76 -10.70 37.47
C LEU E 21 22.01 -10.38 36.66
N PHE E 22 22.39 -9.11 36.55
CA PHE E 22 23.67 -8.82 35.91
C PHE E 22 24.83 -9.33 36.74
N GLY E 23 24.77 -9.13 38.06
CA GLY E 23 25.78 -9.66 38.96
C GLY E 23 27.15 -9.04 38.76
N GLU E 24 28.15 -9.90 38.61
CA GLU E 24 29.52 -9.50 38.36
C GLU E 24 29.83 -9.70 36.87
N ARG E 25 30.91 -9.06 36.41
CA ARG E 25 31.29 -9.17 34.99
C ARG E 25 31.72 -10.59 34.62
N HIS E 26 32.54 -11.23 35.45
CA HIS E 26 33.01 -12.58 35.12
C HIS E 26 31.90 -13.62 35.20
N HIS E 27 30.87 -13.35 35.99
CA HIS E 27 29.77 -14.29 36.15
C HIS E 27 28.95 -14.36 34.86
N PHE E 28 28.29 -15.49 34.65
CA PHE E 28 27.48 -15.71 33.46
C PHE E 28 26.03 -15.47 33.81
N SER E 29 25.38 -14.58 33.07
CA SER E 29 23.96 -14.28 33.26
C SER E 29 23.12 -15.07 32.27
N PHE E 30 21.78 -14.95 32.42
CA PHE E 30 20.79 -15.49 31.50
C PHE E 30 21.11 -15.15 30.05
N PRO E 31 20.96 -16.11 29.12
CA PRO E 31 21.17 -15.80 27.69
C PRO E 31 20.23 -14.76 27.13
N SER E 32 19.09 -14.53 27.77
CA SER E 32 18.11 -13.57 27.28
C SER E 32 17.14 -13.19 28.39
N ILE E 33 16.86 -11.89 28.49
CA ILE E 33 15.78 -11.38 29.33
C ILE E 33 14.79 -10.66 28.42
N PHE E 34 13.49 -10.84 28.69
CA PHE E 34 12.43 -10.27 27.87
C PHE E 34 11.65 -9.34 28.79
N ILE E 35 11.89 -8.04 28.65
CA ILE E 35 11.20 -7.02 29.41
C ILE E 35 9.98 -6.56 28.64
N TYR E 36 8.81 -6.65 29.26
CA TYR E 36 7.59 -6.22 28.60
C TYR E 36 6.87 -5.28 29.54
N GLY E 37 6.19 -4.30 28.99
CA GLY E 37 5.47 -3.36 29.80
C GLY E 37 4.49 -2.49 29.04
N HIS E 38 3.48 -2.00 29.75
CA HIS E 38 2.52 -1.04 29.22
C HIS E 38 3.26 0.26 28.86
N THR E 39 2.68 1.04 27.95
CA THR E 39 3.36 2.19 27.37
C THR E 39 3.71 3.27 28.40
N ALA E 40 4.85 3.94 28.15
CA ALA E 40 5.42 4.98 29.02
C ALA E 40 5.66 4.47 30.44
N SER E 41 6.23 3.27 30.56
CA SER E 41 6.59 2.72 31.86
C SER E 41 8.09 2.75 32.12
N GLY E 42 8.87 3.40 31.27
CA GLY E 42 10.29 3.53 31.54
C GLY E 42 11.06 2.24 31.29
N LYS E 43 10.97 1.71 30.08
CA LYS E 43 11.77 0.55 29.72
C LYS E 43 13.13 0.97 29.19
N THR E 44 13.10 1.79 28.12
CA THR E 44 14.31 2.30 27.50
C THR E 44 15.10 3.18 28.46
N TYR E 45 14.39 4.03 29.21
CA TYR E 45 15.05 5.01 30.08
C TYR E 45 15.75 4.33 31.24
N VAL E 46 15.07 3.43 31.94
CA VAL E 46 15.65 2.72 33.07
C VAL E 46 16.79 1.82 32.61
N THR E 47 16.60 1.10 31.49
CA THR E 47 17.65 0.21 31.01
C THR E 47 18.89 0.97 30.55
N GLN E 48 18.70 2.08 29.84
CA GLN E 48 19.82 2.87 29.35
C GLN E 48 20.58 3.53 30.50
N THR E 49 19.85 4.08 31.49
CA THR E 49 20.51 4.71 32.64
C THR E 49 21.27 3.68 33.46
N LEU E 50 20.71 2.49 33.64
CA LEU E 50 21.37 1.46 34.41
C LEU E 50 22.62 0.94 33.70
N LEU E 51 22.53 0.73 32.39
CA LEU E 51 23.69 0.24 31.64
C LEU E 51 24.78 1.28 31.56
N LYS E 52 24.41 2.56 31.43
CA LYS E 52 25.42 3.62 31.41
C LYS E 52 26.06 3.82 32.77
N THR E 53 25.28 3.63 33.85
CA THR E 53 25.79 3.86 35.20
C THR E 53 26.85 2.83 35.58
N LEU E 54 26.58 1.55 35.32
CA LEU E 54 27.47 0.49 35.78
C LEU E 54 28.73 0.33 34.93
N GLU E 55 28.82 1.06 33.81
CA GLU E 55 29.93 1.01 32.87
C GLU E 55 30.17 -0.40 32.33
N LEU E 56 29.12 -0.96 31.73
CA LEU E 56 29.14 -2.26 31.09
C LEU E 56 29.16 -2.07 29.57
N PRO E 57 29.98 -2.83 28.84
CA PRO E 57 29.97 -2.73 27.37
C PRO E 57 28.65 -3.23 26.80
N HIS E 58 27.95 -2.35 26.09
CA HIS E 58 26.60 -2.66 25.67
C HIS E 58 26.28 -1.95 24.37
N VAL E 59 25.33 -2.50 23.64
CA VAL E 59 24.93 -2.02 22.32
C VAL E 59 23.42 -1.80 22.34
N PHE E 60 22.99 -0.63 21.89
CA PHE E 60 21.57 -0.32 21.80
C PHE E 60 21.17 -0.31 20.34
N VAL E 61 20.23 -1.18 19.97
CA VAL E 61 19.77 -1.33 18.60
C VAL E 61 18.25 -1.25 18.57
N ASN E 62 17.71 -0.43 17.68
CA ASN E 62 16.28 -0.33 17.44
C ASN E 62 15.95 -1.13 16.19
N CYS E 63 14.95 -2.02 16.29
CA CYS E 63 14.63 -2.91 15.18
C CYS E 63 13.77 -2.22 14.11
N VAL E 64 13.13 -1.10 14.45
CA VAL E 64 12.33 -0.37 13.47
C VAL E 64 13.23 0.20 12.37
N GLU E 65 14.39 0.74 12.77
CA GLU E 65 15.37 1.22 11.81
C GLU E 65 15.95 0.08 10.98
N CYS E 66 16.09 -1.10 11.58
CA CYS E 66 16.66 -2.26 10.87
C CYS E 66 15.53 -3.13 10.35
N PHE E 67 14.97 -2.71 9.20
CA PHE E 67 13.93 -3.48 8.50
C PHE E 67 14.50 -4.61 7.66
N THR E 68 15.82 -4.72 7.56
CA THR E 68 16.51 -5.78 6.82
C THR E 68 17.38 -6.53 7.81
N LEU E 69 17.52 -7.85 7.61
CA LEU E 69 18.38 -8.66 8.46
C LEU E 69 19.84 -8.21 8.39
N ARG E 70 20.30 -7.87 7.18
CA ARG E 70 21.68 -7.45 7.00
C ARG E 70 21.97 -6.15 7.75
N LEU E 71 21.01 -5.21 7.74
CA LEU E 71 21.19 -3.95 8.45
C LEU E 71 21.30 -4.17 9.96
N LEU E 72 20.45 -5.06 10.51
CA LEU E 72 20.48 -5.36 11.94
C LEU E 72 21.81 -5.97 12.36
N LEU E 73 22.26 -6.99 11.61
CA LEU E 73 23.52 -7.64 11.95
C LEU E 73 24.70 -6.70 11.77
N GLU E 74 24.65 -5.85 10.74
CA GLU E 74 25.75 -4.93 10.47
C GLU E 74 25.83 -3.85 11.55
N GLN E 75 24.66 -3.37 12.00
CA GLN E 75 24.60 -2.37 13.06
C GLN E 75 25.17 -2.90 14.37
N ILE E 76 24.79 -4.13 14.74
CA ILE E 76 25.29 -4.74 15.97
C ILE E 76 26.80 -4.92 15.90
N LEU E 77 27.30 -5.46 14.77
CA LEU E 77 28.71 -5.79 14.68
C LEU E 77 29.59 -4.53 14.61
N ASN E 78 29.14 -3.50 13.89
CA ASN E 78 29.90 -2.25 13.84
C ASN E 78 29.93 -1.55 15.19
N LYS E 79 28.80 -1.51 15.91
CA LYS E 79 28.81 -0.87 17.23
C LYS E 79 29.71 -1.63 18.21
N LEU E 80 29.75 -2.97 18.13
CA LEU E 80 30.70 -3.72 18.93
C LEU E 80 32.14 -3.45 18.53
N ASN E 81 32.40 -3.25 17.24
CA ASN E 81 33.78 -2.97 16.85
C ASN E 81 34.20 -1.56 17.26
N HIS E 82 33.26 -0.63 17.43
CA HIS E 82 33.63 0.65 18.03
C HIS E 82 33.82 0.55 19.55
N LEU E 83 33.01 -0.28 20.23
CA LEU E 83 33.23 -0.50 21.65
C LEU E 83 34.57 -1.16 21.95
N SER E 84 35.02 -2.07 21.08
CA SER E 84 36.33 -2.69 21.26
C SER E 84 37.45 -1.67 21.18
N SER E 85 37.36 -0.74 20.23
CA SER E 85 38.36 0.29 20.05
C SER E 85 37.98 1.56 20.80
N THR E 92 37.57 -1.34 10.47
CA THR E 92 37.10 -0.14 9.80
C THR E 92 35.66 -0.33 9.37
N GLU E 93 35.44 -1.21 8.40
CA GLU E 93 34.09 -1.58 7.97
C GLU E 93 34.07 -3.07 7.68
N ILE E 94 33.28 -3.80 8.45
CA ILE E 94 33.09 -5.24 8.31
C ILE E 94 31.70 -5.45 7.75
N THR E 95 31.56 -6.36 6.78
CA THR E 95 30.27 -6.71 6.19
C THR E 95 29.90 -8.15 6.52
N CYS E 96 28.60 -8.38 6.75
CA CYS E 96 28.07 -9.72 7.06
C CYS E 96 26.68 -9.89 6.44
N GLU E 97 26.57 -10.81 5.49
CA GLU E 97 25.31 -11.02 4.79
C GLU E 97 24.35 -11.92 5.58
N THR E 98 24.86 -13.01 6.17
CA THR E 98 24.04 -14.06 6.75
C THR E 98 24.27 -14.15 8.25
N PHE E 99 23.41 -14.95 8.90
CA PHE E 99 23.49 -15.13 10.35
C PHE E 99 24.76 -15.86 10.75
N ASN E 100 25.20 -16.82 9.92
CA ASN E 100 26.41 -17.58 10.21
C ASN E 100 27.66 -16.69 10.17
N ASP E 101 27.71 -15.77 9.21
CA ASP E 101 28.79 -14.80 9.14
C ASP E 101 28.76 -13.87 10.34
N PHE E 102 27.56 -13.55 10.83
CA PHE E 102 27.44 -12.82 12.09
C PHE E 102 28.03 -13.58 13.26
N VAL E 103 27.79 -14.90 13.34
CA VAL E 103 28.31 -15.65 14.47
C VAL E 103 29.84 -15.79 14.39
N ARG E 104 30.37 -15.98 13.18
CA ARG E 104 31.83 -16.10 13.02
C ARG E 104 32.53 -14.77 13.32
N LEU E 105 32.03 -13.67 12.74
CA LEU E 105 32.66 -12.38 12.96
C LEU E 105 32.39 -11.88 14.37
N PHE E 106 31.28 -12.30 14.98
CA PHE E 106 30.98 -11.94 16.36
C PHE E 106 31.96 -12.57 17.32
N LYS E 107 32.28 -13.86 17.10
CA LYS E 107 33.34 -14.52 17.84
C LYS E 107 34.70 -13.89 17.54
N GLN E 108 34.86 -13.34 16.33
CA GLN E 108 36.10 -12.63 16.02
C GLN E 108 36.25 -11.31 16.77
N VAL E 109 35.19 -10.50 16.85
CA VAL E 109 35.33 -9.20 17.52
C VAL E 109 35.25 -9.35 19.03
N THR E 110 34.69 -10.45 19.54
CA THR E 110 34.55 -10.58 20.97
C THR E 110 35.87 -10.91 21.68
N THR E 111 36.86 -11.44 20.95
CA THR E 111 38.09 -11.91 21.59
C THR E 111 39.09 -10.80 21.91
N ALA E 112 38.73 -9.53 21.72
CA ALA E 112 39.59 -8.42 22.10
C ALA E 112 39.80 -8.39 23.61
N GLU E 113 40.94 -7.81 24.01
CA GLU E 113 41.42 -7.87 25.40
C GLU E 113 40.46 -7.20 26.37
N ASN E 114 39.80 -6.13 25.93
CA ASN E 114 38.82 -5.45 26.77
C ASN E 114 37.56 -6.29 26.92
N LEU E 115 37.27 -7.18 25.97
CA LEU E 115 35.99 -7.87 25.90
C LEU E 115 36.11 -9.38 26.06
N LYS E 116 37.25 -9.91 26.50
CA LYS E 116 37.37 -11.36 26.67
C LYS E 116 36.53 -11.86 27.82
N ASP E 117 36.48 -11.12 28.93
CA ASP E 117 36.00 -11.67 30.19
C ASP E 117 34.87 -10.84 30.80
N GLN E 118 34.06 -10.17 29.97
CA GLN E 118 32.97 -9.36 30.47
C GLN E 118 31.69 -9.72 29.74
N THR E 119 30.57 -9.64 30.45
CA THR E 119 29.27 -9.83 29.81
C THR E 119 29.01 -8.72 28.81
N VAL E 120 28.76 -9.09 27.56
CA VAL E 120 28.53 -8.15 26.48
C VAL E 120 27.05 -8.11 26.21
N TYR E 121 26.42 -6.96 26.45
CA TYR E 121 24.97 -6.87 26.29
C TYR E 121 24.60 -6.38 24.91
N ILE E 122 23.52 -6.94 24.38
CA ILE E 122 22.95 -6.50 23.10
C ILE E 122 21.48 -6.21 23.32
N VAL E 123 21.15 -4.95 23.62
CA VAL E 123 19.76 -4.59 23.83
C VAL E 123 19.07 -4.44 22.48
N LEU E 124 17.85 -4.96 22.38
CA LEU E 124 17.07 -4.87 21.14
C LEU E 124 15.72 -4.23 21.46
N ASP E 125 15.63 -2.92 21.27
CA ASP E 125 14.41 -2.20 21.61
C ASP E 125 13.43 -2.29 20.44
N LYS E 126 12.14 -2.26 20.77
CA LYS E 126 11.02 -2.52 19.86
C LYS E 126 11.22 -3.83 19.11
N ALA E 127 11.16 -4.93 19.86
CA ALA E 127 11.49 -6.24 19.33
C ALA E 127 10.31 -6.95 18.67
N GLU E 128 9.11 -6.38 18.69
CA GLU E 128 7.98 -7.01 18.02
C GLU E 128 8.10 -6.98 16.50
N TYR E 129 9.01 -6.18 15.97
CA TYR E 129 9.32 -6.20 14.55
C TYR E 129 10.39 -7.23 14.21
N LEU E 130 10.87 -8.00 15.19
CA LEU E 130 11.72 -9.13 14.88
C LEU E 130 10.95 -10.37 14.45
N ARG E 131 9.65 -10.43 14.72
CA ARG E 131 8.87 -11.60 14.35
C ARG E 131 8.32 -11.52 12.94
N ASP E 132 8.47 -10.37 12.28
CA ASP E 132 8.09 -10.24 10.88
C ASP E 132 9.25 -10.46 9.92
N MET E 133 10.47 -10.61 10.44
CA MET E 133 11.66 -10.81 9.64
C MET E 133 11.90 -12.32 9.47
N GLU E 134 13.12 -12.70 9.11
CA GLU E 134 13.47 -14.09 8.83
C GLU E 134 13.23 -14.99 10.05
N ALA E 135 12.84 -16.24 9.77
CA ALA E 135 12.37 -17.14 10.82
C ALA E 135 13.48 -17.58 11.77
N ASN E 136 14.70 -17.75 11.27
CA ASN E 136 15.79 -18.21 12.11
C ASN E 136 16.40 -17.11 12.98
N LEU E 137 15.98 -15.86 12.77
CA LEU E 137 16.60 -14.73 13.46
C LEU E 137 16.28 -14.73 14.95
N LEU E 138 15.01 -14.91 15.31
CA LEU E 138 14.63 -14.81 16.73
C LEU E 138 15.07 -16.01 17.56
N PRO E 139 14.88 -17.28 17.15
CA PRO E 139 15.55 -18.37 17.90
C PRO E 139 17.07 -18.31 17.84
N GLY E 140 17.63 -17.74 16.78
CA GLY E 140 19.07 -17.53 16.73
C GLY E 140 19.56 -16.57 17.79
N PHE E 141 18.81 -15.48 18.01
CA PHE E 141 19.22 -14.52 19.03
C PHE E 141 18.94 -15.01 20.44
N LEU E 142 17.86 -15.78 20.65
CA LEU E 142 17.61 -16.31 21.99
C LEU E 142 18.69 -17.30 22.44
N ARG E 143 19.29 -18.04 21.50
CA ARG E 143 20.28 -19.05 21.82
C ARG E 143 21.70 -18.57 21.57
N LEU E 144 21.93 -17.26 21.61
CA LEU E 144 23.21 -16.70 21.16
C LEU E 144 24.35 -17.09 22.11
N GLN E 145 24.07 -17.18 23.41
CA GLN E 145 25.08 -17.66 24.35
C GLN E 145 25.42 -19.12 24.10
N GLU E 146 24.44 -19.91 23.67
CA GLU E 146 24.72 -21.31 23.36
C GLU E 146 25.48 -21.45 22.04
N LEU E 147 25.09 -20.69 21.02
CA LEU E 147 25.71 -20.81 19.70
C LEU E 147 27.14 -20.26 19.69
N ALA E 148 27.34 -19.07 20.26
CA ALA E 148 28.63 -18.40 20.17
C ALA E 148 29.56 -18.74 21.31
N ASP E 149 29.01 -19.01 22.51
CA ASP E 149 29.74 -19.32 23.74
C ASP E 149 30.71 -18.21 24.12
N ARG E 150 30.20 -16.98 24.17
CA ARG E 150 31.03 -15.80 24.40
C ARG E 150 30.49 -14.88 25.49
N ASN E 151 29.70 -15.41 26.42
CA ASN E 151 29.20 -14.70 27.61
C ASN E 151 28.36 -13.48 27.21
N VAL E 152 27.31 -13.74 26.46
CA VAL E 152 26.52 -12.71 25.81
C VAL E 152 25.10 -12.75 26.35
N THR E 153 24.53 -11.58 26.61
CA THR E 153 23.18 -11.48 27.14
C THR E 153 22.38 -10.51 26.30
N VAL E 154 21.21 -10.92 25.82
CA VAL E 154 20.37 -10.10 24.96
C VAL E 154 19.09 -9.75 25.70
N LEU E 155 18.69 -8.49 25.60
CA LEU E 155 17.47 -7.97 26.21
C LEU E 155 16.49 -7.62 25.11
N PHE E 156 15.26 -8.11 25.23
CA PHE E 156 14.19 -7.76 24.30
C PHE E 156 13.19 -6.88 25.03
N LEU E 157 13.03 -5.66 24.56
CA LEU E 157 12.05 -4.74 25.13
C LEU E 157 10.83 -4.72 24.22
N SER E 158 9.64 -4.87 24.80
CA SER E 158 8.46 -4.87 23.94
C SER E 158 7.25 -4.41 24.72
N GLU E 159 6.20 -4.03 24.01
CA GLU E 159 4.89 -3.76 24.60
C GLU E 159 3.98 -4.99 24.54
N ILE E 160 4.40 -6.04 23.83
CA ILE E 160 3.57 -7.20 23.55
C ILE E 160 3.96 -8.34 24.49
N VAL E 161 2.96 -9.09 24.97
CA VAL E 161 3.21 -10.22 25.86
C VAL E 161 3.98 -11.32 25.14
N TRP E 162 4.62 -12.19 25.92
CA TRP E 162 5.60 -13.12 25.36
C TRP E 162 4.98 -14.21 24.50
N GLU E 163 3.76 -14.67 24.85
CA GLU E 163 3.19 -15.85 24.20
C GLU E 163 2.94 -15.63 22.71
N LYS E 164 2.73 -14.38 22.30
CA LYS E 164 2.57 -14.09 20.87
C LYS E 164 3.87 -14.28 20.10
N PHE E 165 5.02 -14.17 20.76
CA PHE E 165 6.29 -14.27 20.07
C PHE E 165 6.67 -15.70 19.72
N ARG E 166 6.21 -16.69 20.51
CA ARG E 166 6.59 -18.11 20.43
C ARG E 166 6.52 -18.73 19.05
N PRO E 167 7.65 -19.16 18.49
CA PRO E 167 7.63 -19.85 17.20
C PRO E 167 6.95 -21.21 17.30
N ASN E 168 6.56 -21.75 16.14
CA ASN E 168 5.84 -23.01 16.11
C ASN E 168 6.70 -24.19 16.56
N THR E 169 8.00 -24.14 16.34
CA THR E 169 8.89 -25.23 16.70
C THR E 169 9.52 -25.05 18.07
N GLY E 170 9.09 -24.06 18.84
CA GLY E 170 9.64 -23.82 20.16
C GLY E 170 11.01 -23.15 20.11
N CYS E 171 11.45 -22.70 21.28
CA CYS E 171 12.69 -21.96 21.39
C CYS E 171 13.14 -21.98 22.85
N PHE E 172 14.38 -21.52 23.05
CA PHE E 172 14.99 -21.40 24.37
C PHE E 172 14.24 -20.33 25.15
N GLU E 173 13.41 -20.74 26.10
CA GLU E 173 12.44 -19.82 26.70
C GLU E 173 13.15 -18.85 27.64
N PRO E 174 12.86 -17.55 27.54
CA PRO E 174 13.54 -16.54 28.34
C PRO E 174 12.82 -16.22 29.64
N PHE E 175 13.49 -15.45 30.48
CA PHE E 175 12.91 -14.99 31.72
C PHE E 175 12.05 -13.78 31.38
N VAL E 176 10.76 -13.85 31.69
CA VAL E 176 9.82 -12.81 31.31
C VAL E 176 9.62 -11.88 32.51
N LEU E 177 9.98 -10.62 32.32
CA LEU E 177 9.89 -9.62 33.38
C LEU E 177 8.83 -8.58 33.04
N TYR E 178 8.21 -8.02 34.07
CA TYR E 178 7.12 -7.09 33.89
C TYR E 178 7.46 -5.76 34.56
N PHE E 179 7.43 -4.69 33.78
CA PHE E 179 7.65 -3.36 34.30
C PHE E 179 6.30 -2.73 34.57
N PRO E 180 5.88 -2.55 35.82
CA PRO E 180 4.48 -2.21 36.09
C PRO E 180 4.18 -0.75 35.78
N ASP E 181 2.88 -0.46 35.70
CA ASP E 181 2.42 0.87 35.38
C ASP E 181 2.65 1.84 36.54
N TYR E 182 2.61 3.13 36.23
CA TYR E 182 2.67 4.15 37.26
C TYR E 182 1.26 4.44 37.76
N SER E 183 1.09 4.43 39.08
CA SER E 183 -0.18 4.84 39.66
C SER E 183 -0.23 6.36 39.73
N ILE E 184 -1.24 6.90 40.43
CA ILE E 184 -1.42 8.34 40.49
C ILE E 184 -0.31 9.01 41.30
N GLY E 185 0.13 8.36 42.38
CA GLY E 185 1.17 8.94 43.23
C GLY E 185 2.52 8.97 42.54
N ASN E 186 2.86 7.89 41.82
CA ASN E 186 4.12 7.82 41.09
C ASN E 186 4.15 8.85 39.97
N LEU E 187 3.02 9.03 39.26
CA LEU E 187 2.93 10.06 38.24
C LEU E 187 3.10 11.46 38.84
N GLN E 188 2.50 11.69 40.01
CA GLN E 188 2.63 13.01 40.64
C GLN E 188 4.06 13.28 41.09
N LYS E 189 4.75 12.29 41.64
CA LYS E 189 6.10 12.54 42.10
C LYS E 189 7.17 12.36 41.02
N ILE E 190 6.79 11.97 39.80
CA ILE E 190 7.72 12.11 38.67
C ILE E 190 7.47 13.37 37.87
N LEU E 191 6.22 13.84 37.77
CA LEU E 191 5.95 15.08 37.04
C LEU E 191 6.40 16.31 37.81
N SER E 192 6.21 16.33 39.12
CA SER E 192 6.55 17.51 39.93
C SER E 192 8.05 17.64 40.22
N HIS E 193 8.86 16.65 39.83
CA HIS E 193 10.27 16.64 40.21
C HIS E 193 11.06 17.76 39.54
N ASP E 194 10.80 18.01 38.26
CA ASP E 194 11.50 19.07 37.52
C ASP E 194 10.74 20.40 37.63
N HIS E 195 10.76 20.93 38.85
CA HIS E 195 10.05 22.16 39.17
C HIS E 195 10.73 23.35 38.48
N PRO E 196 9.97 24.35 38.04
CA PRO E 196 10.59 25.57 37.49
C PRO E 196 11.30 26.34 38.59
N PRO E 197 12.48 26.90 38.31
CA PRO E 197 13.24 27.60 39.36
C PRO E 197 12.59 28.89 39.83
N GLU E 198 11.83 29.56 38.96
CA GLU E 198 11.25 30.86 39.30
C GLU E 198 10.20 30.75 40.39
N TYR E 199 9.36 29.72 40.34
CA TYR E 199 8.19 29.63 41.18
C TYR E 199 8.35 28.56 42.25
N SER E 200 7.44 28.59 43.23
CA SER E 200 7.49 27.67 44.35
C SER E 200 7.21 26.23 43.93
N ALA E 201 7.85 25.29 44.61
CA ALA E 201 7.67 23.88 44.31
C ALA E 201 6.27 23.38 44.68
N ASP E 202 5.72 23.88 45.80
CA ASP E 202 4.38 23.47 46.21
C ASP E 202 3.33 24.00 45.24
N PHE E 203 3.58 25.18 44.67
CA PHE E 203 2.72 25.76 43.64
C PHE E 203 2.65 24.85 42.41
N TYR E 204 3.82 24.41 41.93
CA TYR E 204 3.88 23.51 40.79
C TYR E 204 3.28 22.15 41.13
N ALA E 205 3.43 21.72 42.38
CA ALA E 205 2.83 20.46 42.83
C ALA E 205 1.31 20.51 42.83
N ALA E 206 0.73 21.64 43.26
CA ALA E 206 -0.72 21.79 43.19
C ALA E 206 -1.20 21.85 41.75
N TYR E 207 -0.39 22.45 40.87
CA TYR E 207 -0.69 22.43 39.44
C TYR E 207 -0.73 21.01 38.88
N ILE E 208 0.25 20.17 39.26
CA ILE E 208 0.24 18.77 38.84
C ILE E 208 -0.97 18.05 39.44
N ASN E 209 -1.38 18.42 40.65
CA ASN E 209 -2.53 17.81 41.29
C ASN E 209 -3.82 18.10 40.53
N ILE E 210 -3.99 19.31 40.01
CA ILE E 210 -5.24 19.58 39.28
C ILE E 210 -5.18 19.04 37.85
N LEU E 211 -3.99 19.04 37.23
CA LEU E 211 -3.87 18.47 35.89
C LEU E 211 -4.11 16.97 35.88
N LEU E 212 -3.53 16.24 36.85
CA LEU E 212 -3.79 14.82 36.97
C LEU E 212 -5.23 14.56 37.39
N GLY E 213 -5.83 15.49 38.13
CA GLY E 213 -7.24 15.37 38.47
C GLY E 213 -8.14 15.41 37.25
N VAL E 214 -7.80 16.25 36.27
CA VAL E 214 -8.61 16.32 35.06
C VAL E 214 -8.32 15.14 34.13
N PHE E 215 -7.06 14.90 33.82
CA PHE E 215 -6.69 14.04 32.70
C PHE E 215 -6.38 12.60 33.05
N TYR E 216 -6.66 12.14 34.27
CA TYR E 216 -6.34 10.75 34.61
C TYR E 216 -7.25 9.78 33.88
N THR E 217 -8.51 10.16 33.67
CA THR E 217 -9.51 9.26 33.09
C THR E 217 -9.16 8.86 31.66
N VAL E 218 -8.72 9.80 30.84
CA VAL E 218 -8.47 9.49 29.43
C VAL E 218 -7.01 9.19 29.13
N CYS E 219 -6.09 9.47 30.04
CA CYS E 219 -4.68 9.32 29.73
C CYS E 219 -3.93 8.88 30.97
N ARG E 220 -3.11 7.84 30.83
CA ARG E 220 -2.18 7.41 31.86
C ARG E 220 -0.77 7.30 31.29
N ASP E 221 -0.51 8.10 30.25
CA ASP E 221 0.81 8.08 29.57
C ASP E 221 1.66 9.21 30.15
N LEU E 222 2.91 8.92 30.52
CA LEU E 222 3.78 9.91 31.15
C LEU E 222 4.15 11.04 30.18
N LYS E 223 4.46 10.69 28.94
CA LYS E 223 4.96 11.67 27.97
C LYS E 223 3.88 12.67 27.59
N GLU E 224 2.67 12.19 27.33
CA GLU E 224 1.58 13.06 26.94
C GLU E 224 1.19 14.01 28.07
N LEU E 225 1.15 13.50 29.30
CA LEU E 225 0.84 14.35 30.45
C LEU E 225 1.96 15.35 30.73
N ARG E 226 3.21 14.97 30.51
CA ARG E 226 4.31 15.92 30.71
C ARG E 226 4.25 17.04 29.67
N HIS E 227 3.94 16.70 28.42
CA HIS E 227 3.80 17.71 27.38
C HIS E 227 2.61 18.63 27.63
N LEU E 228 1.48 18.08 28.08
CA LEU E 228 0.34 18.91 28.42
C LEU E 228 0.59 19.76 29.66
N ALA E 229 1.44 19.30 30.57
CA ALA E 229 1.80 20.13 31.72
C ALA E 229 2.73 21.26 31.31
N VAL E 230 3.59 21.02 30.32
CA VAL E 230 4.44 22.09 29.80
C VAL E 230 3.59 23.16 29.12
N LEU E 231 2.59 22.77 28.33
CA LEU E 231 1.86 23.75 27.52
C LEU E 231 0.96 24.66 28.35
N ASN E 232 0.27 24.12 29.35
CA ASN E 232 -0.78 24.87 30.03
C ASN E 232 -0.29 25.61 31.27
N PHE E 233 1.01 25.65 31.53
CA PHE E 233 1.55 26.28 32.73
C PHE E 233 1.62 27.81 32.70
N PRO E 234 1.99 28.49 31.59
CA PRO E 234 1.85 29.97 31.60
C PRO E 234 0.44 30.47 31.78
N LYS E 235 -0.57 29.75 31.28
CA LYS E 235 -1.96 30.14 31.53
C LYS E 235 -2.32 30.01 33.00
N TYR E 236 -1.70 29.04 33.70
CA TYR E 236 -2.01 28.82 35.11
C TYR E 236 -1.49 29.96 35.97
N CYS E 237 -0.27 30.42 35.72
CA CYS E 237 0.36 31.45 36.52
C CYS E 237 0.06 32.85 36.01
N GLU E 238 -0.87 33.01 35.07
CA GLU E 238 -1.27 34.35 34.66
C GLU E 238 -2.01 35.13 35.77
N PRO E 239 -2.86 34.52 36.63
CA PRO E 239 -3.38 35.29 37.78
C PRO E 239 -2.33 35.86 38.72
N VAL E 240 -1.26 35.12 39.04
CA VAL E 240 -0.27 35.65 39.97
C VAL E 240 0.61 36.70 39.28
N VAL E 241 0.76 36.59 37.95
CA VAL E 241 1.45 37.62 37.20
C VAL E 241 0.63 38.90 37.15
N LYS E 242 -0.68 38.78 36.87
CA LYS E 242 -1.55 39.95 36.88
C LYS E 242 -1.75 40.50 38.28
N GLY E 243 -1.58 39.67 39.30
CA GLY E 243 -1.65 40.10 40.67
C GLY E 243 -3.01 40.00 41.32
N GLU E 244 -4.00 39.44 40.63
CA GLU E 244 -5.33 39.29 41.23
C GLU E 244 -5.36 38.16 42.26
N ALA E 245 -4.41 37.23 42.19
CA ALA E 245 -4.32 36.14 43.15
C ALA E 245 -2.85 35.93 43.50
N SER E 246 -2.62 35.22 44.61
CA SER E 246 -1.29 35.01 45.14
C SER E 246 -0.94 33.53 45.08
N GLU E 247 0.24 33.21 45.64
CA GLU E 247 0.75 31.84 45.62
C GLU E 247 -0.16 30.89 46.39
N ARG E 248 -0.70 31.32 47.52
CA ARG E 248 -1.46 30.46 48.40
C ARG E 248 -2.97 30.54 48.15
N ASP E 249 -3.40 31.25 47.11
CA ASP E 249 -4.80 31.28 46.72
C ASP E 249 -5.10 30.20 45.67
N THR E 250 -5.03 28.95 46.15
CA THR E 250 -5.14 27.77 45.30
C THR E 250 -6.50 27.68 44.60
N ARG E 251 -7.57 28.02 45.30
CA ARG E 251 -8.92 27.85 44.78
C ARG E 251 -9.18 28.77 43.59
N LYS E 252 -8.69 30.01 43.65
CA LYS E 252 -8.85 30.95 42.54
C LYS E 252 -8.12 30.47 41.29
N LEU E 253 -6.90 29.96 41.46
CA LEU E 253 -6.12 29.44 40.34
C LEU E 253 -6.78 28.22 39.72
N TRP E 254 -7.30 27.32 40.56
CA TRP E 254 -7.97 26.12 40.06
C TRP E 254 -9.27 26.47 39.36
N ARG E 255 -10.03 27.45 39.88
CA ARG E 255 -11.25 27.89 39.21
C ARG E 255 -10.95 28.54 37.87
N ASN E 256 -9.81 29.22 37.76
CA ASN E 256 -9.44 29.83 36.48
C ASN E 256 -9.12 28.76 35.45
N ILE E 257 -8.30 27.77 35.82
CA ILE E 257 -7.77 26.85 34.81
C ILE E 257 -8.69 25.65 34.60
N GLU E 258 -9.68 25.44 35.47
CA GLU E 258 -10.59 24.30 35.35
C GLU E 258 -11.43 24.26 34.06
N PRO E 259 -12.03 25.36 33.57
CA PRO E 259 -12.67 25.24 32.24
C PRO E 259 -11.68 25.14 31.09
N HIS E 260 -10.52 25.78 31.20
CA HIS E 260 -9.54 25.78 30.11
C HIS E 260 -8.95 24.40 29.87
N LEU E 261 -8.87 23.57 30.92
CA LEU E 261 -8.29 22.25 30.77
C LEU E 261 -9.18 21.33 29.92
N LYS E 262 -10.50 21.53 29.96
CA LYS E 262 -11.39 20.77 29.08
C LYS E 262 -11.19 21.15 27.62
N LYS E 263 -10.99 22.44 27.35
CA LYS E 263 -10.70 22.89 25.98
C LYS E 263 -9.36 22.35 25.50
N ALA E 264 -8.39 22.26 26.41
CA ALA E 264 -7.12 21.65 26.05
C ALA E 264 -7.22 20.13 25.88
N MET E 265 -8.22 19.50 26.50
CA MET E 265 -8.45 18.08 26.26
C MET E 265 -9.10 17.84 24.91
N GLN E 266 -10.03 18.71 24.49
CA GLN E 266 -10.70 18.46 23.23
C GLN E 266 -9.95 18.96 22.00
N THR E 267 -8.88 19.74 22.16
CA THR E 267 -8.19 20.24 20.98
C THR E 267 -6.75 19.76 20.84
N VAL E 268 -5.92 20.05 21.85
CA VAL E 268 -4.50 19.76 21.77
C VAL E 268 -4.24 18.26 21.95
N TYR E 269 -4.93 17.65 22.91
CA TYR E 269 -4.80 16.22 23.18
C TYR E 269 -5.15 15.37 21.96
N LEU E 270 -6.14 15.78 21.19
CA LEU E 270 -6.45 15.11 19.93
C LEU E 270 -5.59 15.58 18.77
N ARG E 271 -4.71 16.57 19.00
CA ARG E 271 -3.80 17.14 18.02
C ARG E 271 -4.57 17.81 16.86
N GLU E 272 -5.72 18.42 17.16
CA GLU E 272 -6.42 19.20 16.14
C GLU E 272 -5.70 20.52 15.89
N ILE E 273 -5.31 21.21 16.95
CA ILE E 273 -4.56 22.46 16.87
C ILE E 273 -3.15 22.20 17.39
N SER E 274 -2.15 22.58 16.60
CA SER E 274 -0.76 22.29 16.92
C SER E 274 -0.29 23.08 18.15
N SER E 275 0.86 22.66 18.69
CA SER E 275 1.37 23.25 19.92
C SER E 275 1.77 24.70 19.74
N SER E 276 2.32 25.06 18.58
CA SER E 276 2.73 26.44 18.34
C SER E 276 1.53 27.38 18.28
N GLN E 277 0.45 26.95 17.62
CA GLN E 277 -0.76 27.77 17.57
C GLN E 277 -1.39 27.89 18.95
N TRP E 278 -1.29 26.82 19.76
CA TRP E 278 -1.81 26.85 21.12
C TRP E 278 -1.05 27.83 22.01
N GLU E 279 0.29 27.79 21.97
CA GLU E 279 1.07 28.73 22.78
C GLU E 279 0.91 30.15 22.26
N LYS E 280 0.67 30.32 20.95
CA LYS E 280 0.30 31.64 20.43
C LYS E 280 -1.03 32.11 21.01
N LEU E 281 -1.99 31.20 21.15
CA LEU E 281 -3.29 31.56 21.73
C LEU E 281 -3.16 32.02 23.19
N GLN E 282 -2.35 31.32 23.99
CA GLN E 282 -2.14 31.81 25.36
C GLN E 282 -1.27 33.07 25.40
N LYS E 283 -0.36 33.26 24.45
CA LYS E 283 0.50 34.43 24.49
C LYS E 283 -0.25 35.70 24.08
N ASP E 284 -0.84 35.71 22.89
CA ASP E 284 -1.51 36.89 22.36
C ASP E 284 -2.90 37.12 22.92
N ASP E 285 -3.36 36.25 23.84
CA ASP E 285 -4.56 36.34 24.68
C ASP E 285 -5.80 36.03 23.81
N THR E 286 -5.60 35.66 22.54
CA THR E 286 -6.71 35.20 21.71
C THR E 286 -7.24 33.87 22.25
N ASP E 287 -8.55 33.82 22.48
CA ASP E 287 -9.15 32.67 23.12
C ASP E 287 -9.20 31.45 22.18
N PRO E 288 -9.06 30.24 22.71
CA PRO E 288 -9.26 29.04 21.88
C PRO E 288 -10.74 28.83 21.55
N GLY E 289 -10.97 28.06 20.50
CA GLY E 289 -12.28 27.88 19.93
C GLY E 289 -12.53 28.69 18.68
N GLN E 290 -11.67 29.64 18.37
CA GLN E 290 -11.73 30.40 17.12
C GLN E 290 -10.80 29.85 16.05
N LEU E 291 -10.13 28.73 16.33
CA LEU E 291 -9.28 28.06 15.35
C LEU E 291 -9.97 26.77 14.93
N LYS E 292 -10.11 26.57 13.62
CA LYS E 292 -10.80 25.40 13.10
C LYS E 292 -10.03 24.12 13.39
N GLY E 293 -8.71 24.17 13.31
CA GLY E 293 -7.91 22.97 13.47
C GLY E 293 -7.84 22.17 12.20
N LEU E 294 -7.18 21.02 12.30
CA LEU E 294 -7.06 20.13 11.15
C LEU E 294 -8.40 19.52 10.79
N SER E 295 -9.24 19.25 11.78
CA SER E 295 -10.61 18.83 11.53
C SER E 295 -11.48 20.03 11.20
N ALA E 296 -12.76 19.73 10.91
CA ALA E 296 -13.84 20.66 10.54
C ALA E 296 -13.57 21.36 9.22
N HIS E 297 -12.64 20.87 8.41
CA HIS E 297 -12.44 21.34 7.04
C HIS E 297 -12.92 20.31 6.02
N THR E 298 -14.05 19.66 6.32
CA THR E 298 -14.59 18.59 5.49
C THR E 298 -15.52 19.18 4.41
N HIS E 299 -14.91 19.90 3.48
CA HIS E 299 -15.64 20.35 2.30
C HIS E 299 -14.64 20.51 1.17
N VAL E 300 -14.85 19.78 0.08
CA VAL E 300 -13.93 19.74 -1.04
C VAL E 300 -14.70 20.16 -2.29
N GLU E 301 -14.11 21.05 -3.09
CA GLU E 301 -14.77 21.60 -4.27
C GLU E 301 -14.60 20.63 -5.42
N LEU E 302 -15.71 20.01 -5.85
CA LEU E 302 -15.70 18.91 -6.81
C LEU E 302 -16.50 19.27 -8.06
N PRO E 303 -16.14 18.70 -9.24
CA PRO E 303 -16.95 18.90 -10.45
C PRO E 303 -18.37 18.40 -10.33
N TYR E 304 -19.26 18.81 -11.24
CA TYR E 304 -20.69 18.54 -11.09
C TYR E 304 -20.99 17.05 -11.28
N TYR E 305 -20.40 16.43 -12.31
CA TYR E 305 -20.65 15.02 -12.57
C TYR E 305 -20.02 14.14 -11.50
N SER E 306 -18.83 14.49 -11.01
CA SER E 306 -18.21 13.69 -9.95
C SER E 306 -18.99 13.81 -8.64
N LYS E 307 -19.58 14.97 -8.38
CA LYS E 307 -20.47 15.13 -7.24
C LYS E 307 -21.67 14.20 -7.35
N PHE E 308 -22.28 14.15 -8.54
CA PHE E 308 -23.47 13.30 -8.66
C PHE E 308 -23.11 11.82 -8.68
N ILE E 309 -21.95 11.46 -9.22
CA ILE E 309 -21.46 10.08 -9.12
C ILE E 309 -21.23 9.70 -7.67
N LEU E 310 -20.68 10.61 -6.86
CA LEU E 310 -20.39 10.28 -5.47
C LEU E 310 -21.67 10.15 -4.64
N ILE E 311 -22.64 11.06 -4.85
CA ILE E 311 -23.90 10.92 -4.11
C ILE E 311 -24.83 9.89 -4.73
N ALA E 312 -24.47 9.32 -5.87
CA ALA E 312 -25.16 8.12 -6.35
C ALA E 312 -24.51 6.85 -5.84
N ALA E 313 -23.20 6.83 -5.66
CA ALA E 313 -22.54 5.66 -5.08
C ALA E 313 -22.79 5.54 -3.59
N TYR E 314 -23.04 6.64 -2.90
CA TYR E 314 -23.46 6.54 -1.50
C TYR E 314 -24.87 5.98 -1.38
N LEU E 315 -25.76 6.29 -2.34
CA LEU E 315 -27.08 5.69 -2.34
C LEU E 315 -27.03 4.22 -2.79
N ALA E 316 -26.09 3.88 -3.65
CA ALA E 316 -25.93 2.47 -4.03
C ALA E 316 -25.41 1.64 -2.87
N SER E 317 -24.43 2.17 -2.14
CA SER E 317 -23.74 1.38 -1.13
C SER E 317 -24.57 1.16 0.13
N TYR E 318 -25.25 2.20 0.62
CA TYR E 318 -25.92 2.16 1.92
C TYR E 318 -27.43 1.96 1.81
N ASN E 319 -27.90 1.27 0.77
CA ASN E 319 -29.33 1.04 0.61
C ASN E 319 -29.52 -0.35 -0.01
N PRO E 320 -30.49 -1.12 0.47
CA PRO E 320 -30.69 -2.48 -0.06
C PRO E 320 -31.25 -2.47 -1.47
N ALA E 321 -30.92 -3.54 -2.21
CA ALA E 321 -31.32 -3.64 -3.62
C ALA E 321 -32.81 -3.86 -3.78
N ARG E 322 -33.47 -4.40 -2.75
CA ARG E 322 -34.91 -4.65 -2.84
C ARG E 322 -35.72 -3.35 -2.86
N THR E 323 -35.26 -2.33 -2.14
CA THR E 323 -35.96 -1.06 -2.11
C THR E 323 -35.65 -0.17 -3.31
N ASP E 324 -34.65 -0.55 -4.12
CA ASP E 324 -34.11 0.29 -5.19
C ASP E 324 -35.19 0.61 -6.22
N LYS E 325 -36.14 -0.31 -6.42
CA LYS E 325 -37.27 -0.10 -7.29
C LYS E 325 -38.14 1.08 -6.86
N ARG E 326 -38.44 1.15 -5.57
CA ARG E 326 -39.45 2.12 -5.12
C ARG E 326 -38.92 3.55 -5.12
N PHE E 327 -37.69 3.76 -4.65
CA PHE E 327 -37.18 5.12 -4.50
C PHE E 327 -36.86 5.77 -5.85
N PHE E 328 -36.36 4.98 -6.79
CA PHE E 328 -35.71 5.52 -7.99
C PHE E 328 -36.52 5.36 -9.26
N LEU E 329 -37.01 4.16 -9.55
CA LEU E 329 -37.81 3.93 -10.75
C LEU E 329 -39.13 4.68 -10.69
N LYS E 330 -39.76 4.70 -9.52
CA LYS E 330 -40.89 5.60 -9.28
C LYS E 330 -40.46 6.74 -8.37
N SER E 348 -28.47 -4.28 9.99
CA SER E 348 -29.88 -3.94 9.88
C SER E 348 -30.09 -2.44 9.72
N ASN E 349 -28.98 -1.69 9.74
CA ASN E 349 -28.99 -0.23 9.69
C ASN E 349 -27.72 0.20 8.97
N HIS E 350 -27.35 1.47 9.14
CA HIS E 350 -26.06 1.99 8.70
C HIS E 350 -24.90 1.57 9.60
N LEU E 351 -25.20 0.91 10.73
CA LEU E 351 -24.18 0.59 11.72
C LEU E 351 -23.20 -0.45 11.17
N LEU E 352 -23.72 -1.44 10.45
CA LEU E 352 -22.89 -2.54 9.95
C LEU E 352 -21.89 -2.05 8.90
N GLY E 353 -22.27 -1.04 8.13
CA GLY E 353 -21.33 -0.38 7.26
C GLY E 353 -21.78 -0.27 5.82
N PRO E 354 -20.82 -0.10 4.91
CA PRO E 354 -21.16 -0.02 3.49
C PRO E 354 -21.21 -1.40 2.85
N LYS E 355 -22.26 -1.63 2.10
CA LYS E 355 -22.49 -2.86 1.34
C LYS E 355 -21.99 -2.65 -0.08
N PRO E 356 -21.17 -3.56 -0.63
CA PRO E 356 -20.67 -3.36 -2.00
C PRO E 356 -21.77 -3.50 -3.04
N PHE E 357 -21.60 -2.80 -4.16
CA PHE E 357 -22.58 -2.72 -5.23
C PHE E 357 -21.90 -2.97 -6.57
N PRO E 358 -22.64 -3.38 -7.59
CA PRO E 358 -22.07 -3.45 -8.94
C PRO E 358 -22.22 -2.14 -9.70
N LEU E 359 -21.39 -1.99 -10.73
CA LEU E 359 -21.23 -0.73 -11.46
C LEU E 359 -22.50 -0.36 -12.22
N ASP E 360 -23.27 -1.36 -12.64
CA ASP E 360 -24.52 -1.12 -13.34
C ASP E 360 -25.53 -0.41 -12.44
N ARG E 361 -25.52 -0.74 -11.15
CA ARG E 361 -26.35 0.00 -10.20
C ARG E 361 -25.91 1.46 -10.08
N LEU E 362 -24.59 1.71 -10.14
CA LEU E 362 -24.10 3.08 -10.11
C LEU E 362 -24.59 3.87 -11.31
N LEU E 363 -24.53 3.27 -12.51
CA LEU E 363 -24.99 3.98 -13.70
C LEU E 363 -26.50 4.17 -13.70
N ALA E 364 -27.26 3.21 -13.16
CA ALA E 364 -28.71 3.34 -13.12
C ALA E 364 -29.13 4.45 -12.17
N ILE E 365 -28.51 4.50 -10.98
CA ILE E 365 -28.83 5.56 -10.03
C ILE E 365 -28.37 6.92 -10.57
N LEU E 366 -27.19 6.96 -11.19
CA LEU E 366 -26.65 8.20 -11.76
C LEU E 366 -27.54 8.75 -12.86
N TYR E 367 -28.05 7.89 -13.73
CA TYR E 367 -28.94 8.33 -14.80
C TYR E 367 -30.29 8.75 -14.22
N SER E 368 -30.74 8.09 -13.14
CA SER E 368 -32.03 8.43 -12.57
C SER E 368 -32.02 9.78 -11.85
N ILE E 369 -30.99 10.05 -11.04
CA ILE E 369 -31.07 11.21 -10.15
C ILE E 369 -30.77 12.51 -10.90
N VAL E 370 -29.90 12.45 -11.91
CA VAL E 370 -29.55 13.65 -12.67
C VAL E 370 -30.72 14.04 -13.56
N ASP E 371 -31.09 15.33 -13.53
CA ASP E 371 -32.24 15.78 -14.30
C ASP E 371 -31.97 15.84 -15.80
N SER E 372 -30.75 16.19 -16.22
CA SER E 372 -30.44 16.31 -17.63
C SER E 372 -30.04 14.96 -18.22
N ARG E 373 -29.96 14.93 -19.55
CA ARG E 373 -29.45 13.77 -20.25
C ARG E 373 -27.95 13.60 -20.00
N VAL E 374 -27.55 12.37 -19.70
CA VAL E 374 -26.15 12.04 -19.44
C VAL E 374 -25.71 11.05 -20.51
N ALA E 375 -24.59 11.35 -21.17
CA ALA E 375 -24.05 10.43 -22.15
C ALA E 375 -22.87 9.65 -21.57
N PRO E 376 -22.73 8.38 -21.94
CA PRO E 376 -21.63 7.56 -21.35
C PRO E 376 -20.30 7.82 -22.02
N THR E 377 -19.77 9.02 -21.81
CA THR E 377 -18.54 9.48 -22.42
C THR E 377 -17.34 8.86 -21.72
N ALA E 378 -16.16 9.05 -22.33
CA ALA E 378 -14.93 8.55 -21.74
C ALA E 378 -14.61 9.25 -20.43
N ASN E 379 -14.93 10.54 -20.34
CA ASN E 379 -14.61 11.33 -19.16
C ASN E 379 -15.39 10.88 -17.93
N ILE E 380 -16.61 10.37 -18.10
CA ILE E 380 -17.38 9.93 -16.94
C ILE E 380 -16.79 8.66 -16.34
N PHE E 381 -16.38 7.71 -17.18
CA PHE E 381 -15.72 6.52 -16.65
C PHE E 381 -14.35 6.85 -16.07
N SER E 382 -13.68 7.85 -16.67
CA SER E 382 -12.44 8.33 -16.08
C SER E 382 -12.68 8.98 -14.72
N GLN E 383 -13.83 9.63 -14.52
CA GLN E 383 -14.15 10.16 -13.21
C GLN E 383 -14.46 9.07 -12.20
N ILE E 384 -15.15 8.01 -12.64
CA ILE E 384 -15.48 6.90 -11.74
C ILE E 384 -14.21 6.18 -11.28
N THR E 385 -13.22 6.07 -12.17
CA THR E 385 -11.93 5.42 -11.79
C THR E 385 -10.96 6.44 -11.18
N SER E 386 -11.35 7.72 -11.12
CA SER E 386 -10.48 8.75 -10.48
C SER E 386 -10.84 8.89 -9.00
N LEU E 387 -12.14 8.95 -8.69
CA LEU E 387 -12.58 9.03 -7.28
C LEU E 387 -11.87 7.93 -6.48
N VAL E 388 -11.67 6.76 -7.08
CA VAL E 388 -11.03 5.61 -6.38
C VAL E 388 -9.57 5.97 -6.05
N THR E 389 -8.84 6.51 -7.02
CA THR E 389 -7.42 6.91 -6.81
C THR E 389 -7.34 7.97 -5.71
N LEU E 390 -8.30 8.89 -5.66
CA LEU E 390 -8.28 9.99 -4.65
C LEU E 390 -8.81 9.47 -3.31
N GLN E 391 -8.92 8.14 -3.16
CA GLN E 391 -9.34 7.51 -1.87
C GLN E 391 -10.73 7.99 -1.45
N LEU E 392 -11.52 8.55 -2.37
CA LEU E 392 -12.92 8.93 -2.04
C LEU E 392 -13.80 7.70 -2.25
N LEU E 393 -13.44 6.84 -3.20
CA LEU E 393 -14.18 5.56 -3.41
C LEU E 393 -13.17 4.42 -3.25
N THR E 394 -13.61 3.16 -3.21
CA THR E 394 -12.68 2.06 -3.11
C THR E 394 -13.29 0.82 -3.73
N LEU E 395 -12.53 0.15 -4.59
CA LEU E 395 -13.01 -1.06 -5.26
C LEU E 395 -12.66 -2.26 -4.40
N VAL E 396 -13.61 -3.18 -4.26
CA VAL E 396 -13.31 -4.46 -3.62
C VAL E 396 -13.13 -5.52 -4.68
N GLY E 397 -12.48 -6.60 -4.29
CA GLY E 397 -12.17 -7.67 -5.22
C GLY E 397 -10.83 -7.58 -5.90
N HIS E 398 -10.54 -6.44 -6.54
CA HIS E 398 -9.33 -6.19 -7.33
C HIS E 398 -9.14 -7.27 -8.41
N ASP E 399 -10.24 -7.53 -9.13
CA ASP E 399 -10.25 -8.60 -10.12
C ASP E 399 -11.08 -8.13 -11.31
N ASP E 400 -10.57 -8.39 -12.52
CA ASP E 400 -11.18 -7.98 -13.79
C ASP E 400 -11.40 -6.46 -13.81
N GLN E 401 -10.29 -5.72 -13.91
CA GLN E 401 -10.32 -4.26 -13.75
C GLN E 401 -11.17 -3.58 -14.84
N LEU E 402 -11.18 -4.15 -16.04
CA LEU E 402 -12.00 -3.59 -17.12
C LEU E 402 -13.49 -3.77 -16.87
N ASP E 403 -13.91 -4.97 -16.47
CA ASP E 403 -15.29 -5.13 -16.04
C ASP E 403 -15.54 -4.34 -14.76
N GLY E 404 -14.70 -4.57 -13.74
CA GLY E 404 -14.67 -3.86 -12.47
C GLY E 404 -15.97 -3.43 -11.79
N PRO E 405 -16.96 -4.34 -11.63
CA PRO E 405 -18.28 -3.86 -11.18
C PRO E 405 -18.29 -3.44 -9.72
N LYS E 406 -17.51 -4.12 -8.89
CA LYS E 406 -17.57 -3.93 -7.44
C LYS E 406 -16.94 -2.62 -7.01
N TYR E 407 -17.67 -1.83 -6.22
CA TYR E 407 -17.18 -0.57 -5.66
C TYR E 407 -17.82 -0.33 -4.31
N LYS E 408 -17.19 0.55 -3.52
CA LYS E 408 -17.71 0.93 -2.21
C LYS E 408 -17.57 2.43 -2.00
N CYS E 409 -18.32 2.94 -1.02
CA CYS E 409 -18.30 4.36 -0.64
C CYS E 409 -17.70 4.49 0.75
N THR E 410 -16.65 5.31 0.88
CA THR E 410 -15.90 5.39 2.13
C THR E 410 -16.11 6.69 2.89
N VAL E 411 -17.08 7.51 2.51
CA VAL E 411 -17.28 8.81 3.12
C VAL E 411 -18.51 8.79 4.02
N SER E 412 -18.58 9.77 4.92
CA SER E 412 -19.55 9.80 5.99
C SER E 412 -20.86 10.41 5.52
N LEU E 413 -21.80 10.55 6.47
CA LEU E 413 -23.09 11.14 6.16
C LEU E 413 -22.99 12.65 5.94
N ASP E 414 -22.14 13.33 6.71
CA ASP E 414 -22.09 14.80 6.64
C ASP E 414 -21.49 15.29 5.32
N PHE E 415 -20.49 14.58 4.82
CA PHE E 415 -19.82 14.96 3.57
C PHE E 415 -20.78 14.85 2.38
N ILE E 416 -21.52 13.74 2.32
CA ILE E 416 -22.50 13.53 1.26
C ILE E 416 -23.69 14.46 1.42
N ARG E 417 -24.11 14.73 2.66
CA ARG E 417 -25.21 15.66 2.90
C ARG E 417 -24.85 17.07 2.46
N ALA E 418 -23.61 17.49 2.71
CA ALA E 418 -23.15 18.81 2.27
C ALA E 418 -23.09 18.91 0.75
N ILE E 419 -22.56 17.87 0.10
CA ILE E 419 -22.49 17.87 -1.37
C ILE E 419 -23.89 17.85 -1.99
N ALA E 420 -24.80 17.07 -1.43
CA ALA E 420 -26.17 17.01 -1.94
C ALA E 420 -26.90 18.34 -1.71
N ARG E 421 -26.59 19.03 -0.61
CA ARG E 421 -27.16 20.36 -0.39
C ARG E 421 -26.63 21.37 -1.40
N THR E 422 -25.36 21.21 -1.82
CA THR E 422 -24.78 22.12 -2.81
C THR E 422 -25.47 22.03 -4.16
N VAL E 423 -25.76 20.82 -4.63
CA VAL E 423 -26.38 20.63 -5.94
C VAL E 423 -27.89 20.54 -5.82
N ASN E 424 -28.42 20.87 -4.62
CA ASN E 424 -29.85 20.95 -4.32
C ASN E 424 -30.52 19.58 -4.53
N PHE E 425 -30.07 18.59 -3.75
CA PHE E 425 -30.63 17.26 -3.76
C PHE E 425 -30.93 16.82 -2.33
N ASP E 426 -32.04 16.13 -2.14
CA ASP E 426 -32.50 15.72 -0.81
C ASP E 426 -32.07 14.27 -0.59
N ILE E 427 -30.93 14.08 0.08
CA ILE E 427 -30.37 12.73 0.21
C ILE E 427 -31.12 11.94 1.28
N ILE E 428 -31.70 12.63 2.26
CA ILE E 428 -32.30 11.95 3.41
C ILE E 428 -33.64 11.34 3.06
N LYS E 429 -34.31 11.88 2.03
CA LYS E 429 -35.53 11.25 1.52
C LYS E 429 -35.22 9.90 0.90
N TYR E 430 -34.08 9.82 0.20
CA TYR E 430 -33.72 8.61 -0.52
C TYR E 430 -33.02 7.57 0.36
N LEU E 431 -32.41 7.98 1.48
CA LEU E 431 -31.69 7.03 2.31
C LEU E 431 -32.62 6.02 2.98
N TYR E 432 -33.63 6.49 3.69
CA TYR E 432 -34.53 5.58 4.41
C TYR E 432 -35.83 6.31 4.70
N ASP E 433 -36.86 5.54 4.99
CA ASP E 433 -38.17 6.09 5.33
C ASP E 433 -38.28 6.54 6.79
PG ATP F . 17.86 -28.64 22.53
O1G ATP F . 18.18 -29.10 21.13
O2G ATP F . 16.48 -28.97 23.04
O3G ATP F . 18.29 -27.24 22.81
PB ATP F . 18.49 -29.62 25.02
O1B ATP F . 17.49 -30.72 25.21
O2B ATP F . 18.17 -28.24 25.49
O3B ATP F . 18.81 -29.55 23.45
PA ATP F . 20.66 -29.39 26.83
O1A ATP F . 21.28 -28.16 26.23
O2A ATP F . 21.56 -30.42 27.45
O3A ATP F . 19.88 -30.14 25.64
O5' ATP F . 19.54 -28.93 27.90
C5' ATP F . 19.28 -29.70 29.07
C4' ATP F . 19.72 -28.98 30.32
O4' ATP F . 19.14 -29.65 31.43
C3' ATP F . 21.22 -29.12 30.48
O3' ATP F . 21.72 -28.05 31.29
C2' ATP F . 21.37 -30.40 31.24
O2' ATP F . 22.49 -30.28 32.12
C1' ATP F . 20.08 -30.53 32.03
N9 ATP F . 19.51 -31.89 31.95
C8 ATP F . 18.27 -32.16 31.51
N7 ATP F . 18.01 -33.48 31.54
C5 ATP F . 19.11 -34.09 32.02
C6 ATP F . 19.49 -35.49 32.31
N6 ATP F . 18.62 -36.50 32.08
N1 ATP F . 20.72 -35.71 32.80
C2 ATP F . 21.58 -34.69 33.02
N3 ATP F . 21.29 -33.41 32.78
C4 ATP F . 20.09 -33.04 32.29
MG MG G . 20.30 -28.83 21.32
PG ATP H . 6.65 2.69 24.03
O1G ATP H . 7.55 1.48 23.94
O2G ATP H . 5.22 2.34 24.36
O3G ATP H . 6.80 3.68 22.90
PB ATP H . 7.90 2.90 26.56
O1B ATP H . 9.18 2.22 26.12
O2B ATP H . 6.88 2.15 27.37
O3B ATP H . 7.14 3.54 25.30
PA ATP H . 9.89 4.59 27.45
O1A ATP H . 10.34 4.86 26.03
O2A ATP H . 10.65 3.60 28.27
O3A ATP H . 8.33 4.20 27.39
O5' ATP H . 9.87 5.99 28.23
C5' ATP H . 11.00 6.83 28.18
C4' ATP H . 10.60 8.25 28.56
O4' ATP H . 9.86 8.27 29.78
C3' ATP H . 11.85 9.09 28.79
O3' ATP H . 11.85 10.21 27.91
C2' ATP H . 11.78 9.55 30.22
O2' ATP H . 12.00 10.96 30.29
C1' ATP H . 10.37 9.21 30.70
N9 ATP H . 10.43 8.59 32.04
C8 ATP H . 9.99 7.35 32.32
N7 ATP H . 10.15 7.03 33.62
C5 ATP H . 10.72 8.09 34.21
C6 ATP H . 11.15 8.42 35.58
N6 ATP H . 11.01 7.51 36.57
N1 ATP H . 11.69 9.64 35.80
C2 ATP H . 11.82 10.53 34.80
N3 ATP H . 11.44 10.30 33.53
C4 ATP H . 10.89 9.12 33.18
MG MG I . 10.48 3.00 24.73
#